data_6YU9
#
_entry.id   6YU9
#
_cell.length_a   106.531
_cell.length_b   109.446
_cell.length_c   129.280
_cell.angle_alpha   90.000
_cell.angle_beta   112.550
_cell.angle_gamma   90.000
#
_symmetry.space_group_name_H-M   'P 1 21 1'
#
loop_
_entity.id
_entity.type
_entity.pdbx_description
1 polymer 'Carbon-monoxide dehydrogenase (Acceptor),Carbon-monoxide dehydrogenase (Acceptor)'
2 non-polymer 'ACETATE ION'
3 non-polymer 'IRON/SULFUR CLUSTER'
4 non-polymer 'FE(4)-NI(1)-S(4) CLUSTER'
5 non-polymer 1,2-ETHANEDIOL
6 non-polymer 'CHLORIDE ION'
7 water water
#
_entity_poly.entity_id   1
_entity_poly.type   'polypeptide(L)'
_entity_poly.pdbx_seq_one_letter_code
;MEEKAKSIDQATLQLLDKAKQDGVETVWDRKADMKVQCGFGSAGVCCRNCSMGPCRVSPVPGKGVERGICGATADVIVSR
NFARMVAAGTAAHSDHGRSIALSLYHTSKDGDIKVKDENKLKEVAKSFNVETEGRDIYDIAHDVAKEGLSNYGKQLGEVT
LPPSLPEKRKELWRKLGVYPRAVDREIAAVMHSTHIGCNADAEAMIKMSMRCSLTDGWMGSFMGTEFSDIMFGTPHSIDT
EANLGVLEKNSVNVVLHGHEPLLSEMVVEAASDPELVELAKSVGADGINLCGMCCTGNEVSMRHGIKIAGNFMQQELAVV
TGAVDGLIVDVQCIMPALAKLSKSYHTKFITTSPKAHITDSIYMEFDEENPLDSAKKILKEAILNFKNRDQSKVMIPELK
CKAILGYSVEEIINKLDKVVNTQIGPMQTVKPLADVLVSGVLRGAAAVVGCNNPKVVQDSAHIETIKGLIKNDVIVVVTG
CAAQAAAKYGLLQKEAAEKYAGPGLATVCKLVDIPPVLHMGSCVDISRILDLVGRVANLLGVDMSDLPVAGVAPEWMSEK
AVAIGTYVVTSGIDTWLGVAPPVTGGPEVVDILTNKMEDWVGAKFFIETDPHKAVEQIVNRMNEKRKKLGI
;
_entity_poly.pdbx_strand_id   A,B,C,D
#
# COMPACT_ATOMS: atom_id res chain seq x y z
N GLU A 2 -6.95 3.57 -7.25
CA GLU A 2 -7.91 3.91 -8.31
C GLU A 2 -8.84 2.77 -8.71
N GLU A 3 -8.53 1.52 -8.32
CA GLU A 3 -9.45 0.41 -8.61
C GLU A 3 -10.58 0.44 -7.59
N LYS A 4 -10.22 0.80 -6.31
CA LYS A 4 -11.15 0.83 -5.19
C LYS A 4 -11.18 2.20 -4.49
N ALA A 5 -12.40 2.71 -4.36
CA ALA A 5 -12.78 3.96 -3.67
C ALA A 5 -12.36 3.95 -2.18
N LYS A 6 -12.23 5.12 -1.58
CA LYS A 6 -11.91 5.20 -0.16
C LYS A 6 -13.20 5.04 0.65
N SER A 7 -14.34 5.41 0.06
CA SER A 7 -15.58 5.39 0.79
C SER A 7 -16.75 5.44 -0.16
N ILE A 8 -17.93 5.02 0.30
CA ILE A 8 -19.16 5.11 -0.50
C ILE A 8 -19.91 6.42 -0.19
N ASP A 9 -19.57 7.11 0.93
CA ASP A 9 -20.26 8.30 1.39
C ASP A 9 -19.74 9.52 0.68
N GLN A 10 -20.63 10.32 0.06
CA GLN A 10 -20.21 11.51 -0.66
C GLN A 10 -19.57 12.58 0.21
N ALA A 11 -20.18 12.95 1.34
CA ALA A 11 -19.64 13.97 2.25
C ALA A 11 -18.23 13.64 2.63
N THR A 12 -17.97 12.33 2.88
CA THR A 12 -16.65 11.79 3.26
C THR A 12 -15.66 12.03 2.08
N LEU A 13 -16.07 11.71 0.85
CA LEU A 13 -15.23 11.93 -0.32
C LEU A 13 -14.97 13.44 -0.57
N GLN A 14 -15.97 14.30 -0.30
CA GLN A 14 -15.78 15.75 -0.43
C GLN A 14 -14.68 16.23 0.54
N LEU A 15 -14.74 15.77 1.78
CA LEU A 15 -13.77 16.22 2.77
C LEU A 15 -12.42 15.53 2.65
N LEU A 16 -12.37 14.42 1.94
CA LEU A 16 -11.11 13.77 1.63
C LEU A 16 -10.32 14.62 0.59
N ASP A 17 -11.04 15.29 -0.33
CA ASP A 17 -10.43 16.19 -1.30
C ASP A 17 -9.97 17.44 -0.60
N LYS A 18 -10.79 18.02 0.30
CA LYS A 18 -10.38 19.23 1.04
C LYS A 18 -9.17 18.94 1.89
N ALA A 19 -9.06 17.72 2.46
CA ALA A 19 -7.91 17.31 3.30
C ALA A 19 -6.65 17.27 2.43
N LYS A 20 -6.75 16.75 1.19
CA LYS A 20 -5.61 16.71 0.29
C LYS A 20 -5.19 18.13 -0.03
N GLN A 21 -6.15 19.01 -0.39
CA GLN A 21 -5.83 20.41 -0.67
C GLN A 21 -5.18 21.10 0.55
N ASP A 22 -5.69 20.86 1.75
CA ASP A 22 -5.14 21.46 2.96
C ASP A 22 -3.73 20.95 3.29
N GLY A 23 -3.32 19.85 2.68
CA GLY A 23 -2.01 19.26 2.94
C GLY A 23 -1.94 18.51 4.26
N VAL A 24 -3.11 18.07 4.76
CA VAL A 24 -3.20 17.29 5.99
C VAL A 24 -3.27 15.81 5.66
N GLU A 25 -2.89 14.98 6.60
CA GLU A 25 -2.86 13.53 6.45
C GLU A 25 -4.09 12.86 7.06
N THR A 26 -4.55 11.71 6.46
CA THR A 26 -5.67 10.93 7.00
C THR A 26 -5.28 9.46 7.21
N VAL A 27 -6.16 8.71 7.87
CA VAL A 27 -5.98 7.28 8.10
C VAL A 27 -5.76 6.56 6.75
N TRP A 28 -6.44 7.01 5.68
CA TRP A 28 -6.26 6.39 4.37
C TRP A 28 -4.82 6.56 3.86
N ASP A 29 -4.24 7.74 4.07
CA ASP A 29 -2.88 8.02 3.63
C ASP A 29 -1.87 7.13 4.37
N ARG A 30 -2.03 7.01 5.72
CA ARG A 30 -1.13 6.19 6.55
C ARG A 30 -1.29 4.73 6.18
N LYS A 31 -2.52 4.28 5.82
CA LYS A 31 -2.74 2.91 5.38
C LYS A 31 -1.87 2.62 4.15
N ALA A 32 -1.89 3.56 3.19
CA ALA A 32 -1.10 3.44 1.97
C ALA A 32 0.39 3.50 2.32
N ASP A 33 0.79 4.35 3.25
CA ASP A 33 2.21 4.46 3.63
C ASP A 33 2.70 3.15 4.27
N MET A 34 1.79 2.36 4.88
CA MET A 34 2.18 1.09 5.49
C MET A 34 2.45 -0.02 4.43
N LYS A 35 2.08 0.23 3.16
CA LYS A 35 2.33 -0.66 2.02
C LYS A 35 1.90 -2.12 2.28
N VAL A 36 2.74 -3.13 1.98
CA VAL A 36 2.39 -4.52 2.21
C VAL A 36 2.62 -4.84 3.68
N GLN A 37 1.52 -5.23 4.37
CA GLN A 37 1.56 -5.52 5.80
C GLN A 37 2.15 -6.90 6.07
N CYS A 38 2.80 -7.03 7.20
CA CYS A 38 3.54 -8.23 7.54
C CYS A 38 2.74 -9.50 7.38
N GLY A 39 3.25 -10.42 6.56
CA GLY A 39 2.57 -11.69 6.28
C GLY A 39 2.57 -12.61 7.49
N PHE A 40 3.57 -12.50 8.36
CA PHE A 40 3.62 -13.30 9.59
C PHE A 40 2.58 -12.79 10.59
N GLY A 41 2.67 -11.51 10.97
CA GLY A 41 1.71 -10.85 11.85
C GLY A 41 0.28 -11.04 11.35
N SER A 42 0.07 -10.88 10.02
CA SER A 42 -1.24 -11.03 9.38
C SER A 42 -1.80 -12.46 9.50
N ALA A 43 -0.94 -13.50 9.53
CA ALA A 43 -1.37 -14.89 9.68
C ALA A 43 -1.39 -15.30 11.17
N GLY A 44 -0.95 -14.41 12.05
CA GLY A 44 -0.90 -14.64 13.48
C GLY A 44 0.27 -15.49 13.95
N VAL A 45 1.31 -15.65 13.08
CA VAL A 45 2.44 -16.56 13.36
C VAL A 45 3.72 -15.87 13.82
N CYS A 46 3.60 -14.62 14.25
CA CYS A 46 4.70 -13.92 14.90
C CYS A 46 4.41 -13.87 16.41
N CYS A 47 5.44 -14.14 17.24
CA CYS A 47 5.28 -14.10 18.68
C CYS A 47 6.29 -13.17 19.27
N ARG A 48 5.88 -12.36 20.26
CA ARG A 48 6.74 -11.44 21.00
C ARG A 48 6.46 -11.53 22.51
N ASN A 49 6.02 -12.71 23.00
CA ASN A 49 5.63 -12.86 24.40
C ASN A 49 6.82 -13.00 25.37
N CYS A 50 8.03 -12.83 24.87
CA CYS A 50 9.21 -12.90 25.78
C CYS A 50 10.44 -12.39 25.02
N SER A 51 11.50 -12.04 25.75
CA SER A 51 12.66 -11.50 25.11
C SER A 51 13.59 -12.59 24.61
N MET A 52 13.18 -13.88 24.57
CA MET A 52 13.94 -14.86 23.77
C MET A 52 13.57 -14.53 22.28
N GLY A 53 12.36 -13.99 22.05
CA GLY A 53 11.87 -13.59 20.74
C GLY A 53 12.44 -12.26 20.32
N PRO A 54 11.97 -11.68 19.21
CA PRO A 54 10.81 -12.13 18.41
C PRO A 54 10.96 -13.50 17.73
N CYS A 55 9.85 -14.23 17.63
CA CYS A 55 9.80 -15.53 16.97
C CYS A 55 8.80 -15.42 15.83
N ARG A 56 9.05 -16.10 14.71
CA ARG A 56 8.08 -16.19 13.64
C ARG A 56 8.20 -17.58 13.10
N VAL A 57 7.07 -18.26 12.89
CA VAL A 57 7.03 -19.61 12.39
C VAL A 57 6.28 -19.62 11.06
N SER A 58 6.45 -20.69 10.26
CA SER A 58 5.85 -20.79 8.96
C SER A 58 4.31 -20.83 9.05
N PRO A 59 3.59 -20.03 8.26
CA PRO A 59 2.13 -20.15 8.22
C PRO A 59 1.69 -21.27 7.27
N VAL A 60 2.66 -22.02 6.73
CA VAL A 60 2.39 -23.18 5.87
C VAL A 60 2.91 -24.40 6.59
N PRO A 61 2.05 -25.27 7.12
CA PRO A 61 2.55 -26.45 7.85
C PRO A 61 3.39 -27.40 7.01
N GLY A 62 4.45 -27.92 7.60
CA GLY A 62 5.37 -28.81 6.91
C GLY A 62 6.53 -28.12 6.21
N LYS A 63 6.54 -26.79 6.23
CA LYS A 63 7.61 -26.03 5.58
C LYS A 63 8.16 -24.96 6.52
N GLY A 64 9.38 -24.55 6.26
CA GLY A 64 10.05 -23.51 7.02
C GLY A 64 10.25 -23.79 8.49
N VAL A 65 10.45 -22.72 9.25
CA VAL A 65 10.61 -22.81 10.71
C VAL A 65 9.27 -23.11 11.37
N GLU A 66 9.17 -24.21 12.12
CA GLU A 66 7.88 -24.66 12.63
C GLU A 66 7.64 -24.36 14.10
N ARG A 67 8.71 -24.15 14.89
CA ARG A 67 8.51 -23.88 16.32
C ARG A 67 9.25 -22.64 16.78
N GLY A 68 8.68 -21.95 17.79
CA GLY A 68 9.30 -20.80 18.42
C GLY A 68 10.45 -21.27 19.29
N ILE A 69 11.31 -20.36 19.74
CA ILE A 69 12.52 -20.77 20.49
C ILE A 69 12.18 -21.62 21.71
N CYS A 70 11.05 -21.31 22.35
CA CYS A 70 10.58 -22.04 23.56
C CYS A 70 9.95 -23.38 23.17
N GLY A 71 9.59 -23.53 21.89
CA GLY A 71 8.97 -24.75 21.37
C GLY A 71 7.55 -24.52 20.88
N ALA A 72 6.97 -23.34 21.12
CA ALA A 72 5.59 -23.05 20.71
C ALA A 72 5.33 -23.30 19.19
N THR A 73 4.31 -24.09 18.85
CA THR A 73 3.93 -24.30 17.47
C THR A 73 3.19 -23.06 16.94
N ALA A 74 2.81 -23.06 15.65
CA ALA A 74 2.03 -22.01 15.02
C ALA A 74 0.66 -21.90 15.67
N ASP A 75 0.00 -23.06 15.95
CA ASP A 75 -1.33 -23.08 16.59
C ASP A 75 -1.27 -22.43 18.01
N VAL A 76 -0.21 -22.69 18.77
CA VAL A 76 -0.01 -22.12 20.09
C VAL A 76 0.21 -20.62 19.96
N ILE A 77 1.10 -20.21 19.06
CA ILE A 77 1.37 -18.78 18.88
C ILE A 77 0.09 -18.07 18.41
N VAL A 78 -0.64 -18.63 17.44
CA VAL A 78 -1.85 -18.01 16.92
C VAL A 78 -2.93 -17.91 18.03
N SER A 79 -3.18 -19.01 18.77
CA SER A 79 -4.28 -19.05 19.74
C SER A 79 -4.02 -18.10 20.96
N ARG A 80 -2.73 -17.96 21.40
CA ARG A 80 -2.37 -17.00 22.43
C ARG A 80 -2.57 -15.58 21.92
N ASN A 81 -2.16 -15.32 20.68
CA ASN A 81 -2.34 -13.97 20.10
C ASN A 81 -3.85 -13.60 20.00
N PHE A 82 -4.69 -14.53 19.54
CA PHE A 82 -6.16 -14.30 19.47
C PHE A 82 -6.71 -14.00 20.90
N ALA A 83 -6.22 -14.75 21.92
CA ALA A 83 -6.67 -14.63 23.30
C ALA A 83 -6.32 -13.26 23.91
N ARG A 84 -5.15 -12.70 23.60
CA ARG A 84 -4.84 -11.37 24.13
C ARG A 84 -5.75 -10.30 23.48
N MET A 85 -6.22 -10.53 22.24
CA MET A 85 -7.16 -9.62 21.62
C MET A 85 -8.48 -9.60 22.40
N VAL A 86 -8.96 -10.81 22.77
CA VAL A 86 -10.17 -10.94 23.58
C VAL A 86 -9.96 -10.33 24.96
N ALA A 87 -8.81 -10.57 25.62
CA ALA A 87 -8.56 -10.03 26.95
C ALA A 87 -8.55 -8.50 26.90
N ALA A 88 -7.88 -7.92 25.88
CA ALA A 88 -7.76 -6.46 25.72
C ALA A 88 -9.12 -5.81 25.43
N GLY A 89 -9.95 -6.46 24.59
CA GLY A 89 -11.28 -6.01 24.27
C GLY A 89 -12.15 -6.06 25.51
N THR A 90 -12.00 -7.15 26.30
CA THR A 90 -12.80 -7.28 27.53
C THR A 90 -12.36 -6.19 28.49
N ALA A 91 -11.06 -5.89 28.56
CA ALA A 91 -10.58 -4.85 29.48
C ALA A 91 -11.14 -3.46 29.09
N ALA A 92 -11.26 -3.14 27.79
CA ALA A 92 -11.83 -1.88 27.36
C ALA A 92 -13.29 -1.75 27.86
N HIS A 93 -14.14 -2.81 27.66
CA HIS A 93 -15.54 -2.78 28.13
C HIS A 93 -15.66 -2.84 29.65
N SER A 94 -14.71 -3.50 30.31
CA SER A 94 -14.68 -3.66 31.77
C SER A 94 -14.54 -2.28 32.43
N ASP A 95 -13.54 -1.50 32.04
CA ASP A 95 -13.31 -0.20 32.61
C ASP A 95 -14.48 0.73 32.26
N HIS A 96 -15.09 0.56 31.08
CA HIS A 96 -16.25 1.35 30.71
C HIS A 96 -17.38 1.10 31.77
N GLY A 97 -17.72 -0.17 31.96
CA GLY A 97 -18.75 -0.59 32.88
C GLY A 97 -18.39 -0.27 34.30
N ARG A 98 -17.15 -0.51 34.72
CA ARG A 98 -16.72 -0.22 36.08
C ARG A 98 -16.97 1.28 36.41
N SER A 99 -16.59 2.18 35.48
CA SER A 99 -16.78 3.59 35.70
C SER A 99 -18.24 3.92 35.89
N ILE A 100 -19.14 3.22 35.15
CA ILE A 100 -20.59 3.44 35.24
C ILE A 100 -21.11 2.93 36.58
N ALA A 101 -20.65 1.78 37.04
CA ALA A 101 -21.09 1.26 38.34
C ALA A 101 -20.63 2.21 39.49
N LEU A 102 -19.45 2.82 39.35
CA LEU A 102 -18.97 3.76 40.33
C LEU A 102 -19.87 5.04 40.33
N SER A 103 -20.32 5.47 39.14
CA SER A 103 -21.20 6.63 39.05
C SER A 103 -22.53 6.31 39.72
N LEU A 104 -23.02 5.07 39.59
CA LEU A 104 -24.26 4.66 40.22
C LEU A 104 -24.13 4.72 41.73
N TYR A 105 -22.96 4.33 42.25
CA TYR A 105 -22.64 4.30 43.68
C TYR A 105 -22.58 5.73 44.29
N HIS A 106 -22.36 6.75 43.46
CA HIS A 106 -22.25 8.13 43.91
C HIS A 106 -23.51 8.94 43.61
N THR A 107 -24.62 8.29 43.19
CA THR A 107 -25.84 9.03 42.90
C THR A 107 -26.46 9.64 44.17
N SER A 108 -27.27 10.68 44.01
CA SER A 108 -27.96 11.30 45.14
C SER A 108 -29.14 12.11 44.66
N LYS A 109 -30.13 12.30 45.55
CA LYS A 109 -31.37 13.03 45.26
C LYS A 109 -31.14 14.40 44.62
N ASP A 110 -30.23 15.19 45.19
CA ASP A 110 -29.95 16.55 44.72
C ASP A 110 -28.61 16.69 43.99
N GLY A 111 -27.82 15.61 43.91
CA GLY A 111 -26.53 15.61 43.22
C GLY A 111 -26.63 15.67 41.70
N ASP A 112 -25.48 15.82 41.02
CA ASP A 112 -25.45 15.91 39.56
C ASP A 112 -25.95 14.63 38.89
N ILE A 113 -25.62 13.46 39.46
CA ILE A 113 -26.04 12.16 38.92
C ILE A 113 -27.21 11.64 39.73
N LYS A 114 -28.35 11.42 39.08
CA LYS A 114 -29.57 10.91 39.75
C LYS A 114 -29.99 9.55 39.17
N VAL A 115 -31.09 8.97 39.69
CA VAL A 115 -31.71 7.75 39.19
C VAL A 115 -32.90 8.24 38.34
N LYS A 116 -32.86 8.08 37.04
CA LYS A 116 -33.96 8.53 36.19
C LYS A 116 -34.96 7.42 35.89
N ASP A 117 -34.61 6.14 36.05
CA ASP A 117 -35.55 5.04 35.78
C ASP A 117 -35.67 4.17 37.02
N GLU A 118 -36.53 4.53 37.95
CA GLU A 118 -36.65 3.82 39.22
C GLU A 118 -37.20 2.44 39.02
N ASN A 119 -38.11 2.29 38.08
CA ASN A 119 -38.72 0.98 37.82
C ASN A 119 -37.64 0.03 37.30
N LYS A 120 -36.73 0.53 36.43
CA LYS A 120 -35.64 -0.27 35.88
C LYS A 120 -34.62 -0.60 36.98
N LEU A 121 -34.37 0.35 37.87
CA LEU A 121 -33.47 0.11 39.00
C LEU A 121 -34.05 -1.02 39.87
N LYS A 122 -35.36 -0.95 40.13
CA LYS A 122 -36.03 -1.89 41.01
C LYS A 122 -36.01 -3.31 40.45
N GLU A 123 -36.07 -3.45 39.12
CA GLU A 123 -36.07 -4.77 38.51
C GLU A 123 -34.65 -5.32 38.42
N VAL A 124 -33.69 -4.46 38.10
CA VAL A 124 -32.28 -4.85 38.10
C VAL A 124 -31.88 -5.30 39.52
N ALA A 125 -32.45 -4.65 40.56
CA ALA A 125 -32.15 -4.98 41.95
C ALA A 125 -32.52 -6.43 42.31
N LYS A 126 -33.61 -6.90 41.74
CA LYS A 126 -34.08 -8.24 41.97
C LYS A 126 -33.06 -9.26 41.46
N SER A 127 -32.37 -8.95 40.33
CA SER A 127 -31.35 -9.80 39.71
C SER A 127 -30.10 -9.89 40.63
N PHE A 128 -29.84 -8.83 41.40
CA PHE A 128 -28.74 -8.81 42.33
C PHE A 128 -29.17 -9.14 43.78
N ASN A 129 -30.41 -9.65 44.01
CA ASN A 129 -30.94 -9.98 45.35
C ASN A 129 -30.83 -8.76 46.30
N VAL A 130 -31.20 -7.57 45.82
CA VAL A 130 -31.15 -6.34 46.59
C VAL A 130 -32.58 -5.93 46.89
N GLU A 131 -32.90 -5.81 48.18
CA GLU A 131 -34.27 -5.47 48.59
C GLU A 131 -34.67 -4.06 48.18
N THR A 132 -35.93 -3.91 47.79
CA THR A 132 -36.44 -2.62 47.36
C THR A 132 -37.67 -2.17 48.14
N GLU A 133 -38.47 -3.11 48.68
CA GLU A 133 -39.69 -2.72 49.41
C GLU A 133 -39.37 -1.80 50.61
N GLY A 134 -40.06 -0.68 50.67
CA GLY A 134 -39.92 0.34 51.71
C GLY A 134 -38.54 0.97 51.86
N ARG A 135 -37.78 1.08 50.77
CA ARG A 135 -36.41 1.66 50.85
C ARG A 135 -36.25 2.91 49.99
N ASP A 136 -35.32 3.77 50.37
CA ASP A 136 -35.00 4.98 49.61
C ASP A 136 -34.38 4.57 48.28
N ILE A 137 -34.76 5.24 47.20
CA ILE A 137 -34.27 4.87 45.88
C ILE A 137 -32.73 4.92 45.80
N TYR A 138 -32.08 5.84 46.54
CA TYR A 138 -30.60 5.93 46.48
C TYR A 138 -29.91 4.86 47.34
N ASP A 139 -30.57 4.38 48.40
CA ASP A 139 -30.05 3.26 49.18
C ASP A 139 -30.03 2.00 48.27
N ILE A 140 -31.10 1.81 47.44
CA ILE A 140 -31.19 0.68 46.53
C ILE A 140 -30.13 0.82 45.43
N ALA A 141 -29.98 2.06 44.88
CA ALA A 141 -28.99 2.37 43.85
C ALA A 141 -27.57 1.98 44.30
N HIS A 142 -27.17 2.42 45.53
CA HIS A 142 -25.83 2.14 46.05
C HIS A 142 -25.62 0.68 46.31
N ASP A 143 -26.65 -0.03 46.77
CA ASP A 143 -26.57 -1.47 46.99
C ASP A 143 -26.34 -2.22 45.65
N VAL A 144 -27.07 -1.80 44.63
CA VAL A 144 -26.98 -2.38 43.28
C VAL A 144 -25.61 -2.05 42.65
N ALA A 145 -25.09 -0.83 42.87
CA ALA A 145 -23.77 -0.49 42.35
C ALA A 145 -22.73 -1.37 43.00
N LYS A 146 -22.78 -1.54 44.35
CA LYS A 146 -21.78 -2.34 45.05
C LYS A 146 -21.79 -3.79 44.55
N GLU A 147 -23.00 -4.34 44.32
CA GLU A 147 -23.19 -5.70 43.84
C GLU A 147 -22.67 -5.86 42.39
N GLY A 148 -22.85 -4.82 41.59
CA GLY A 148 -22.32 -4.79 40.24
C GLY A 148 -20.80 -4.70 40.29
N LEU A 149 -20.25 -3.86 41.19
CA LEU A 149 -18.80 -3.75 41.33
C LEU A 149 -18.17 -5.07 41.72
N SER A 150 -18.86 -5.88 42.54
CA SER A 150 -18.30 -7.15 42.97
C SER A 150 -18.20 -8.14 41.77
N ASN A 151 -18.98 -7.95 40.69
CA ASN A 151 -18.85 -8.79 39.49
C ASN A 151 -17.47 -8.56 38.82
N TYR A 152 -16.84 -7.39 39.04
CA TYR A 152 -15.53 -7.11 38.45
C TYR A 152 -14.41 -7.76 39.20
N GLY A 153 -14.53 -7.87 40.53
CA GLY A 153 -13.42 -8.40 41.32
C GLY A 153 -13.69 -9.41 42.42
N LYS A 154 -14.88 -9.99 42.55
CA LYS A 154 -15.10 -11.00 43.61
C LYS A 154 -14.17 -12.21 43.39
N GLN A 155 -13.63 -12.77 44.48
CA GLN A 155 -12.69 -13.89 44.44
C GLN A 155 -13.32 -15.22 44.94
N LEU A 156 -14.40 -15.14 45.70
CA LEU A 156 -15.12 -16.28 46.22
C LEU A 156 -16.59 -16.11 45.77
N GLY A 157 -17.33 -17.19 45.72
CA GLY A 157 -18.73 -17.13 45.31
C GLY A 157 -18.87 -17.10 43.80
N GLU A 158 -20.11 -16.81 43.34
CA GLU A 158 -20.45 -16.82 41.89
C GLU A 158 -20.83 -15.45 41.41
N VAL A 159 -20.65 -15.20 40.12
CA VAL A 159 -21.06 -13.91 39.54
C VAL A 159 -22.58 -13.87 39.37
N THR A 160 -23.12 -12.69 39.16
CA THR A 160 -24.56 -12.51 38.92
C THR A 160 -24.73 -12.28 37.46
N LEU A 161 -25.60 -13.06 36.78
CA LEU A 161 -25.86 -12.86 35.36
C LEU A 161 -27.33 -12.49 35.16
N PRO A 162 -27.66 -11.85 34.03
CA PRO A 162 -29.04 -11.44 33.83
C PRO A 162 -30.07 -12.57 33.63
N PRO A 163 -31.33 -12.30 34.04
CA PRO A 163 -32.42 -13.29 33.83
C PRO A 163 -32.73 -13.71 32.40
N SER A 164 -32.38 -12.96 31.34
CA SER A 164 -32.73 -13.38 29.95
C SER A 164 -31.82 -14.47 29.45
N LEU A 165 -30.63 -14.66 30.07
CA LEU A 165 -29.67 -15.71 29.70
C LEU A 165 -30.28 -17.10 29.98
N PRO A 166 -30.55 -17.93 28.95
CA PRO A 166 -31.27 -19.20 29.22
C PRO A 166 -30.50 -20.13 30.12
N GLU A 167 -31.23 -20.90 30.94
CA GLU A 167 -30.59 -21.87 31.84
CA GLU A 167 -30.58 -21.85 31.84
C GLU A 167 -29.83 -22.92 31.01
N LYS A 168 -30.33 -23.25 29.80
CA LYS A 168 -29.68 -24.22 28.95
C LYS A 168 -28.25 -23.77 28.62
N ARG A 169 -28.10 -22.45 28.33
CA ARG A 169 -26.84 -21.85 27.92
C ARG A 169 -25.88 -21.90 29.10
N LYS A 170 -26.34 -21.51 30.30
CA LYS A 170 -25.52 -21.54 31.51
C LYS A 170 -25.01 -22.97 31.77
N GLU A 171 -25.90 -23.99 31.69
CA GLU A 171 -25.49 -25.38 31.95
C GLU A 171 -24.43 -25.84 30.95
N LEU A 172 -24.63 -25.48 29.69
CA LEU A 172 -23.71 -25.79 28.60
C LEU A 172 -22.32 -25.16 28.92
N TRP A 173 -22.30 -23.89 29.36
CA TRP A 173 -21.03 -23.27 29.71
C TRP A 173 -20.34 -23.99 30.85
N ARG A 174 -21.10 -24.46 31.87
CA ARG A 174 -20.54 -25.16 33.04
C ARG A 174 -19.91 -26.46 32.59
N LYS A 175 -20.64 -27.26 31.85
CA LYS A 175 -20.09 -28.53 31.37
C LYS A 175 -18.88 -28.33 30.49
N LEU A 176 -18.86 -27.26 29.71
CA LEU A 176 -17.71 -26.96 28.85
C LEU A 176 -16.50 -26.41 29.62
N GLY A 177 -16.73 -25.82 30.79
CA GLY A 177 -15.68 -25.19 31.58
C GLY A 177 -15.46 -23.73 31.23
N VAL A 178 -16.44 -23.08 30.62
CA VAL A 178 -16.32 -21.67 30.28
C VAL A 178 -17.29 -20.79 31.01
N TYR A 179 -17.83 -21.23 32.14
CA TYR A 179 -18.77 -20.39 32.89
C TYR A 179 -18.01 -19.19 33.46
N PRO A 180 -18.47 -17.95 33.25
CA PRO A 180 -17.65 -16.81 33.67
C PRO A 180 -17.44 -16.62 35.13
N ARG A 181 -16.21 -16.17 35.51
CA ARG A 181 -15.82 -15.73 36.86
C ARG A 181 -15.76 -14.18 36.82
N ALA A 182 -15.17 -13.51 37.84
CA ALA A 182 -15.15 -12.05 37.87
C ALA A 182 -14.43 -11.47 36.64
N VAL A 183 -14.90 -10.35 36.16
CA VAL A 183 -14.40 -9.72 34.91
C VAL A 183 -12.88 -9.58 34.87
N ASP A 184 -12.33 -8.86 35.86
CA ASP A 184 -10.90 -8.60 35.91
C ASP A 184 -10.12 -9.86 36.20
N ARG A 185 -10.70 -10.82 36.90
CA ARG A 185 -10.05 -12.09 37.24
C ARG A 185 -9.85 -12.91 35.92
N GLU A 186 -10.85 -12.87 34.98
CA GLU A 186 -10.72 -13.62 33.72
C GLU A 186 -9.67 -12.94 32.81
N ILE A 187 -9.62 -11.60 32.83
CA ILE A 187 -8.62 -10.91 32.01
C ILE A 187 -7.23 -11.33 32.51
N ALA A 188 -7.02 -11.35 33.83
CA ALA A 188 -5.71 -11.76 34.38
C ALA A 188 -5.43 -13.25 34.04
N ALA A 189 -6.46 -14.12 34.07
CA ALA A 189 -6.27 -15.54 33.74
C ALA A 189 -5.71 -15.72 32.34
N VAL A 190 -6.25 -14.97 31.35
CA VAL A 190 -5.78 -15.07 29.96
C VAL A 190 -4.37 -14.51 29.84
N MET A 191 -4.08 -13.36 30.47
CA MET A 191 -2.76 -12.77 30.40
C MET A 191 -1.71 -13.74 31.02
N HIS A 192 -2.09 -14.45 32.11
CA HIS A 192 -1.23 -15.45 32.72
C HIS A 192 -0.97 -16.62 31.78
N SER A 193 -2.04 -17.26 31.31
CA SER A 193 -1.91 -18.43 30.45
C SER A 193 -1.22 -18.16 29.11
N THR A 194 -1.15 -16.91 28.63
CA THR A 194 -0.48 -16.63 27.37
C THR A 194 1.01 -16.30 27.63
N HIS A 195 1.42 -16.22 28.90
CA HIS A 195 2.80 -15.99 29.26
C HIS A 195 3.66 -17.19 28.76
N ILE A 196 4.97 -16.94 28.53
CA ILE A 196 5.88 -17.98 28.08
C ILE A 196 5.92 -19.17 29.07
N GLY A 197 5.83 -20.37 28.51
CA GLY A 197 5.86 -21.61 29.24
C GLY A 197 4.61 -21.95 30.01
N CYS A 198 3.43 -21.48 29.57
CA CYS A 198 2.17 -21.81 30.23
C CYS A 198 1.31 -22.65 29.31
N ASN A 199 0.18 -22.13 28.83
CA ASN A 199 -0.68 -22.88 27.97
C ASN A 199 -0.02 -23.02 26.60
N ALA A 200 -0.03 -24.25 26.09
CA ALA A 200 0.47 -24.59 24.76
C ALA A 200 -0.50 -25.65 24.21
N ASP A 201 -1.79 -25.24 24.05
CA ASP A 201 -2.89 -26.10 23.58
C ASP A 201 -4.01 -25.20 23.00
N ALA A 202 -4.16 -25.20 21.67
CA ALA A 202 -5.11 -24.30 21.02
C ALA A 202 -6.55 -24.42 21.57
N GLU A 203 -7.08 -25.65 21.79
CA GLU A 203 -8.48 -25.78 22.30
C GLU A 203 -8.62 -25.18 23.72
N ALA A 204 -7.70 -25.51 24.64
CA ALA A 204 -7.77 -24.96 25.97
C ALA A 204 -7.66 -23.41 25.94
N MET A 205 -6.85 -22.86 25.00
CA MET A 205 -6.64 -21.41 24.93
C MET A 205 -7.84 -20.69 24.44
N ILE A 206 -8.50 -21.25 23.44
CA ILE A 206 -9.69 -20.63 22.87
C ILE A 206 -10.80 -20.71 23.88
N LYS A 207 -10.94 -21.84 24.58
CA LYS A 207 -11.93 -21.95 25.65
C LYS A 207 -11.68 -20.92 26.78
N MET A 208 -10.41 -20.55 27.03
CA MET A 208 -10.12 -19.53 28.04
C MET A 208 -10.60 -18.17 27.53
N SER A 209 -10.34 -17.87 26.24
CA SER A 209 -10.80 -16.64 25.56
C SER A 209 -12.30 -16.54 25.67
N MET A 210 -13.00 -17.65 25.36
CA MET A 210 -14.47 -17.73 25.36
C MET A 210 -15.02 -17.31 26.72
N ARG A 211 -14.47 -17.88 27.75
CA ARG A 211 -14.84 -17.65 29.15
C ARG A 211 -14.65 -16.19 29.50
N CYS A 212 -13.51 -15.64 29.10
CA CYS A 212 -13.18 -14.26 29.33
C CYS A 212 -14.21 -13.34 28.64
N SER A 213 -14.50 -13.60 27.36
CA SER A 213 -15.40 -12.78 26.54
C SER A 213 -16.80 -12.68 27.15
N LEU A 214 -17.27 -13.74 27.89
CA LEU A 214 -18.59 -13.76 28.55
C LEU A 214 -18.68 -12.79 29.69
N THR A 215 -17.53 -12.44 30.31
CA THR A 215 -17.53 -11.44 31.35
C THR A 215 -17.76 -10.05 30.74
N ASP A 216 -17.62 -9.93 29.40
CA ASP A 216 -17.88 -8.68 28.72
C ASP A 216 -19.36 -8.63 28.42
N GLY A 217 -19.81 -9.45 27.51
CA GLY A 217 -21.19 -9.46 27.04
C GLY A 217 -22.29 -9.60 28.07
N TRP A 218 -22.18 -10.54 29.02
CA TRP A 218 -23.23 -10.73 30.04
C TRP A 218 -22.92 -10.05 31.39
N MET A 219 -21.84 -9.28 31.44
CA MET A 219 -21.50 -8.61 32.69
C MET A 219 -21.05 -7.17 32.52
N GLY A 220 -19.84 -6.95 32.02
CA GLY A 220 -19.30 -5.60 31.92
C GLY A 220 -20.11 -4.74 30.97
N SER A 221 -20.38 -5.25 29.76
CA SER A 221 -21.18 -4.53 28.80
C SER A 221 -22.66 -4.48 29.26
N PHE A 222 -23.21 -5.61 29.79
CA PHE A 222 -24.61 -5.68 30.21
C PHE A 222 -24.89 -4.67 31.35
N MET A 223 -24.06 -4.66 32.40
CA MET A 223 -24.16 -3.75 33.52
C MET A 223 -23.96 -2.33 33.06
N GLY A 224 -22.99 -2.08 32.16
CA GLY A 224 -22.78 -0.73 31.64
C GLY A 224 -24.05 -0.18 31.00
N THR A 225 -24.73 -0.97 30.09
CA THR A 225 -26.01 -0.54 29.49
C THR A 225 -27.14 -0.32 30.52
N GLU A 226 -27.44 -1.31 31.40
CA GLU A 226 -28.54 -1.19 32.37
C GLU A 226 -28.28 -0.04 33.32
N PHE A 227 -27.07 0.08 33.87
CA PHE A 227 -26.77 1.17 34.79
C PHE A 227 -26.87 2.54 34.08
N SER A 228 -26.43 2.60 32.81
CA SER A 228 -26.59 3.83 32.05
C SER A 228 -28.09 4.20 31.90
N ASP A 229 -28.93 3.17 31.60
CA ASP A 229 -30.37 3.35 31.49
C ASP A 229 -30.96 3.91 32.83
N ILE A 230 -30.51 3.34 33.96
CA ILE A 230 -31.01 3.71 35.27
C ILE A 230 -30.71 5.17 35.55
N MET A 231 -29.49 5.62 35.28
CA MET A 231 -29.09 7.00 35.57
C MET A 231 -29.49 8.03 34.47
N PHE A 232 -29.52 7.64 33.21
CA PHE A 232 -29.75 8.57 32.12
C PHE A 232 -31.07 8.37 31.37
N GLY A 233 -31.80 7.30 31.68
CA GLY A 233 -33.07 7.02 31.04
C GLY A 233 -32.98 5.91 30.03
N THR A 234 -34.04 5.12 29.92
CA THR A 234 -34.07 4.07 28.93
C THR A 234 -34.40 4.68 27.58
N PRO A 235 -33.66 4.37 26.49
CA PRO A 235 -34.05 4.88 25.17
C PRO A 235 -35.44 4.44 24.68
N HIS A 236 -36.08 5.35 23.93
CA HIS A 236 -37.39 5.16 23.29
C HIS A 236 -37.27 5.76 21.88
N SER A 237 -38.19 5.45 20.93
CA SER A 237 -38.01 5.93 19.58
C SER A 237 -37.80 7.46 19.53
N ILE A 238 -36.81 7.89 18.78
CA ILE A 238 -36.48 9.30 18.74
C ILE A 238 -35.85 9.62 17.37
N ASP A 239 -36.09 10.81 16.90
CA ASP A 239 -35.55 11.26 15.63
C ASP A 239 -34.25 12.00 15.80
N THR A 240 -33.39 11.94 14.80
CA THR A 240 -32.14 12.71 14.82
C THR A 240 -31.68 12.85 13.34
N GLU A 241 -30.51 13.45 13.13
CA GLU A 241 -29.89 13.61 11.84
C GLU A 241 -28.45 13.15 11.98
N ALA A 242 -27.95 12.53 10.91
CA ALA A 242 -26.63 11.94 10.86
C ALA A 242 -25.83 12.44 9.67
N ASN A 243 -24.51 12.41 9.83
CA ASN A 243 -23.49 12.77 8.85
C ASN A 243 -23.01 14.19 9.01
N LEU A 244 -21.85 14.49 8.42
CA LEU A 244 -21.11 15.72 8.70
C LEU A 244 -21.89 17.03 8.40
N GLY A 245 -22.92 16.94 7.57
CA GLY A 245 -23.75 18.08 7.29
C GLY A 245 -24.53 18.58 8.49
N VAL A 246 -24.51 17.88 9.64
CA VAL A 246 -25.20 18.30 10.88
C VAL A 246 -24.39 19.44 11.59
N LEU A 247 -23.13 19.68 11.16
CA LEU A 247 -22.36 20.78 11.71
C LEU A 247 -22.98 22.06 11.16
N GLU A 248 -22.96 23.14 11.94
CA GLU A 248 -23.58 24.41 11.54
C GLU A 248 -22.52 25.53 11.48
N LYS A 249 -22.42 26.24 10.36
CA LYS A 249 -21.42 27.30 10.22
C LYS A 249 -21.64 28.49 11.18
N ASN A 250 -22.89 28.83 11.48
CA ASN A 250 -23.16 29.99 12.35
C ASN A 250 -23.38 29.64 13.81
N SER A 251 -23.21 28.35 14.19
CA SER A 251 -23.34 27.99 15.59
C SER A 251 -21.99 27.55 16.14
N VAL A 252 -21.89 27.31 17.44
CA VAL A 252 -20.66 26.78 18.05
C VAL A 252 -20.72 25.26 17.91
N ASN A 253 -19.78 24.61 17.18
CA ASN A 253 -19.87 23.16 17.01
C ASN A 253 -18.96 22.45 17.99
N VAL A 254 -19.56 21.69 18.88
CA VAL A 254 -18.82 20.91 19.88
C VAL A 254 -19.10 19.47 19.59
N VAL A 255 -18.05 18.75 19.22
CA VAL A 255 -18.13 17.33 18.88
C VAL A 255 -17.63 16.47 20.04
N LEU A 256 -18.49 15.56 20.50
CA LEU A 256 -18.20 14.61 21.57
C LEU A 256 -17.79 13.30 20.91
N HIS A 257 -16.60 12.81 21.24
CA HIS A 257 -16.07 11.59 20.65
C HIS A 257 -15.49 10.73 21.72
N GLY A 258 -15.68 9.43 21.59
CA GLY A 258 -15.24 8.50 22.63
C GLY A 258 -16.39 7.57 22.99
N HIS A 259 -16.42 7.12 24.25
CA HIS A 259 -17.39 6.07 24.64
C HIS A 259 -18.09 6.27 25.98
N GLU A 260 -17.49 6.97 26.93
CA GLU A 260 -18.12 7.05 28.26
C GLU A 260 -19.30 8.02 28.33
N PRO A 261 -20.45 7.53 28.81
CA PRO A 261 -21.66 8.34 28.81
C PRO A 261 -21.75 9.48 29.84
N LEU A 262 -21.03 9.41 30.96
CA LEU A 262 -21.21 10.48 31.97
C LEU A 262 -20.79 11.85 31.42
N LEU A 263 -19.59 11.92 30.84
CA LEU A 263 -19.13 13.16 30.24
C LEU A 263 -20.13 13.79 29.21
N SER A 264 -20.49 13.08 28.16
CA SER A 264 -21.41 13.63 27.16
C SER A 264 -22.80 13.92 27.76
N GLU A 265 -23.28 13.13 28.76
CA GLU A 265 -24.54 13.45 29.43
C GLU A 265 -24.42 14.82 30.16
N MET A 266 -23.30 15.06 30.85
CA MET A 266 -23.07 16.32 31.52
C MET A 266 -22.82 17.46 30.52
N VAL A 267 -22.18 17.19 29.38
CA VAL A 267 -22.01 18.26 28.37
C VAL A 267 -23.36 18.60 27.79
N VAL A 268 -24.26 17.60 27.59
CA VAL A 268 -25.62 17.89 27.08
C VAL A 268 -26.36 18.79 28.12
N GLU A 269 -26.19 18.53 29.42
CA GLU A 269 -26.85 19.33 30.43
C GLU A 269 -26.25 20.77 30.49
N ALA A 270 -24.90 20.87 30.49
CA ALA A 270 -24.19 22.14 30.46
C ALA A 270 -24.60 22.97 29.21
N ALA A 271 -24.89 22.33 28.05
CA ALA A 271 -25.26 23.08 26.84
C ALA A 271 -26.56 23.86 27.02
N SER A 272 -27.35 23.56 28.06
CA SER A 272 -28.58 24.29 28.32
C SER A 272 -28.44 25.28 29.51
N ASP A 273 -27.21 25.49 30.01
CA ASP A 273 -26.94 26.40 31.11
C ASP A 273 -27.09 27.81 30.61
N PRO A 274 -27.95 28.63 31.26
CA PRO A 274 -28.17 30.00 30.80
C PRO A 274 -26.92 30.85 30.55
N GLU A 275 -25.93 30.74 31.41
CA GLU A 275 -24.70 31.51 31.23
C GLU A 275 -23.97 31.08 29.96
N LEU A 276 -23.82 29.77 29.73
CA LEU A 276 -23.13 29.29 28.56
C LEU A 276 -23.96 29.54 27.32
N VAL A 277 -25.30 29.51 27.41
CA VAL A 277 -26.15 29.85 26.28
C VAL A 277 -25.88 31.34 25.85
N GLU A 278 -25.85 32.26 26.84
CA GLU A 278 -25.60 33.65 26.55
C GLU A 278 -24.16 33.82 26.09
N LEU A 279 -23.21 33.05 26.65
CA LEU A 279 -21.82 33.12 26.24
C LEU A 279 -21.68 32.85 24.75
N ALA A 280 -22.35 31.80 24.26
CA ALA A 280 -22.35 31.44 22.85
C ALA A 280 -22.81 32.61 21.99
N LYS A 281 -23.80 33.37 22.49
CA LYS A 281 -24.32 34.55 21.79
C LYS A 281 -23.27 35.66 21.83
N SER A 282 -22.61 35.85 22.97
CA SER A 282 -21.61 36.90 23.10
C SER A 282 -20.36 36.68 22.24
N VAL A 283 -20.05 35.41 21.89
CA VAL A 283 -18.89 35.14 21.01
C VAL A 283 -19.29 35.29 19.51
N GLY A 284 -20.56 35.54 19.26
CA GLY A 284 -21.05 35.80 17.93
C GLY A 284 -21.77 34.65 17.25
N ALA A 285 -22.07 33.58 17.99
CA ALA A 285 -22.75 32.42 17.41
C ALA A 285 -24.26 32.46 17.64
N ASP A 286 -25.04 31.68 16.88
CA ASP A 286 -26.49 31.63 17.06
C ASP A 286 -26.90 30.80 18.28
N GLY A 287 -26.00 29.96 18.76
CA GLY A 287 -26.24 29.04 19.86
C GLY A 287 -25.23 27.91 19.86
N ILE A 288 -25.48 26.89 20.68
CA ILE A 288 -24.56 25.74 20.79
C ILE A 288 -25.07 24.51 20.01
N ASN A 289 -24.28 24.02 19.04
CA ASN A 289 -24.63 22.84 18.24
C ASN A 289 -23.80 21.61 18.67
N LEU A 290 -24.38 20.75 19.55
CA LEU A 290 -23.73 19.52 20.05
C LEU A 290 -23.88 18.39 19.06
N CYS A 291 -22.77 17.70 18.75
CA CYS A 291 -22.78 16.54 17.85
C CYS A 291 -21.92 15.48 18.51
N GLY A 292 -22.19 14.25 18.13
CA GLY A 292 -21.42 13.13 18.61
C GLY A 292 -20.89 12.32 17.47
N MET A 293 -19.86 11.54 17.79
CA MET A 293 -19.24 10.61 16.85
C MET A 293 -19.00 9.34 17.60
N CYS A 294 -19.08 8.22 16.89
CA CYS A 294 -18.80 6.93 17.47
C CYS A 294 -19.71 6.63 18.69
N CYS A 295 -19.27 5.82 19.69
CA CYS A 295 -20.18 5.31 20.68
C CYS A 295 -20.79 6.36 21.61
N THR A 296 -20.04 7.40 22.02
CA THR A 296 -20.58 8.42 22.91
C THR A 296 -21.67 9.16 22.12
N GLY A 297 -21.44 9.32 20.82
CA GLY A 297 -22.41 9.91 19.92
C GLY A 297 -23.70 9.12 19.86
N ASN A 298 -23.59 7.79 19.68
CA ASN A 298 -24.74 6.86 19.75
C ASN A 298 -25.45 6.95 21.09
N GLU A 299 -24.70 6.99 22.17
CA GLU A 299 -25.23 7.04 23.53
C GLU A 299 -26.12 8.25 23.78
N VAL A 300 -25.63 9.48 23.50
CA VAL A 300 -26.46 10.68 23.69
C VAL A 300 -27.48 10.79 22.56
N SER A 301 -27.25 10.24 21.36
CA SER A 301 -28.27 10.31 20.31
C SER A 301 -29.44 9.38 20.66
N MET A 302 -29.18 8.22 21.26
CA MET A 302 -30.25 7.28 21.64
C MET A 302 -31.17 7.87 22.70
N ARG A 303 -30.61 8.67 23.63
CA ARG A 303 -31.37 9.21 24.73
C ARG A 303 -31.91 10.62 24.52
N HIS A 304 -31.26 11.45 23.65
CA HIS A 304 -31.65 12.87 23.51
C HIS A 304 -31.80 13.34 22.07
N GLY A 305 -31.54 12.46 21.11
CA GLY A 305 -31.67 12.83 19.71
C GLY A 305 -30.53 13.72 19.26
N ILE A 306 -29.42 13.73 20.03
CA ILE A 306 -28.23 14.53 19.66
C ILE A 306 -27.75 14.08 18.29
N LYS A 307 -27.52 15.05 17.39
CA LYS A 307 -27.11 14.74 16.03
C LYS A 307 -25.81 13.99 16.00
N ILE A 308 -25.69 13.03 15.05
CA ILE A 308 -24.49 12.21 14.89
C ILE A 308 -23.67 12.75 13.75
N ALA A 309 -22.50 13.34 14.06
CA ALA A 309 -21.58 13.87 13.05
C ALA A 309 -20.95 12.75 12.12
N GLY A 310 -20.59 11.62 12.68
CA GLY A 310 -20.00 10.54 11.88
C GLY A 310 -19.49 9.35 12.67
N ASN A 311 -18.99 8.38 11.93
CA ASN A 311 -18.48 7.17 12.54
C ASN A 311 -16.94 7.17 12.54
N PHE A 312 -16.34 6.04 12.92
CA PHE A 312 -14.90 5.86 13.21
C PHE A 312 -13.95 6.52 12.22
N MET A 313 -14.09 6.19 10.92
CA MET A 313 -13.16 6.74 9.93
C MET A 313 -13.51 8.16 9.40
N GLN A 314 -14.57 8.78 9.91
CA GLN A 314 -14.88 10.18 9.59
C GLN A 314 -14.34 11.11 10.69
N GLN A 315 -13.76 10.62 11.79
CA GLN A 315 -13.35 11.54 12.88
C GLN A 315 -12.37 12.62 12.43
N GLU A 316 -11.43 12.29 11.54
CA GLU A 316 -10.44 13.30 11.08
C GLU A 316 -11.15 14.28 10.16
N LEU A 317 -12.04 13.77 9.29
CA LEU A 317 -12.76 14.60 8.33
C LEU A 317 -13.68 15.62 9.00
N ALA A 318 -14.22 15.30 10.17
CA ALA A 318 -14.98 16.29 10.91
C ALA A 318 -14.09 17.51 11.22
N VAL A 319 -12.84 17.27 11.58
CA VAL A 319 -11.91 18.38 11.86
C VAL A 319 -11.57 19.13 10.55
N VAL A 320 -11.49 18.41 9.42
CA VAL A 320 -11.14 19.02 8.14
C VAL A 320 -12.23 20.00 7.68
N THR A 321 -13.47 19.91 8.21
CA THR A 321 -14.50 20.90 7.84
C THR A 321 -14.09 22.30 8.28
N GLY A 322 -13.18 22.40 9.23
CA GLY A 322 -12.73 23.66 9.78
C GLY A 322 -13.77 24.32 10.68
N ALA A 323 -14.90 23.65 10.97
CA ALA A 323 -16.00 24.18 11.77
C ALA A 323 -16.06 23.63 13.20
N VAL A 324 -15.17 22.71 13.60
CA VAL A 324 -15.22 22.12 14.94
C VAL A 324 -14.46 23.03 15.90
N ASP A 325 -15.17 23.66 16.83
CA ASP A 325 -14.56 24.59 17.77
C ASP A 325 -13.92 23.83 18.93
N GLY A 326 -14.60 22.78 19.38
CA GLY A 326 -14.12 21.89 20.45
C GLY A 326 -14.36 20.44 20.06
N LEU A 327 -13.32 19.56 20.21
CA LEU A 327 -13.43 18.11 19.99
C LEU A 327 -13.12 17.50 21.35
N ILE A 328 -14.16 17.10 22.08
CA ILE A 328 -13.98 16.65 23.46
C ILE A 328 -14.00 15.17 23.48
N VAL A 329 -12.89 14.54 23.91
CA VAL A 329 -12.76 13.07 23.89
C VAL A 329 -12.47 12.48 25.25
N ASP A 330 -12.83 11.22 25.44
CA ASP A 330 -12.57 10.50 26.66
C ASP A 330 -11.67 9.29 26.36
N VAL A 331 -12.22 8.09 26.10
CA VAL A 331 -11.40 6.88 25.86
C VAL A 331 -11.93 6.09 24.69
N GLN A 332 -11.05 5.28 24.11
CA GLN A 332 -11.28 4.29 23.07
C GLN A 332 -11.62 4.82 21.71
N CYS A 333 -10.93 4.26 20.70
CA CYS A 333 -11.14 4.52 19.29
C CYS A 333 -10.95 5.97 18.90
N ILE A 334 -10.13 6.72 19.64
CA ILE A 334 -9.82 8.12 19.32
C ILE A 334 -8.46 8.09 18.61
N MET A 335 -8.41 8.26 17.29
CA MET A 335 -7.13 8.22 16.58
C MET A 335 -6.10 9.24 17.14
N PRO A 336 -4.91 8.82 17.64
CA PRO A 336 -3.96 9.81 18.17
C PRO A 336 -3.53 10.87 17.14
N ALA A 337 -3.73 10.59 15.82
CA ALA A 337 -3.46 11.55 14.76
C ALA A 337 -4.25 12.83 14.97
N LEU A 338 -5.39 12.79 15.67
CA LEU A 338 -6.20 13.99 15.90
C LEU A 338 -5.40 15.11 16.54
N ALA A 339 -4.41 14.79 17.40
CA ALA A 339 -3.61 15.83 18.05
C ALA A 339 -2.80 16.62 16.98
N LYS A 340 -2.17 15.93 16.01
CA LYS A 340 -1.37 16.62 14.99
C LYS A 340 -2.28 17.31 13.95
N LEU A 341 -3.35 16.62 13.53
CA LEU A 341 -4.30 17.16 12.58
C LEU A 341 -4.88 18.47 13.11
N SER A 342 -5.29 18.53 14.37
CA SER A 342 -5.91 19.76 14.88
C SER A 342 -4.94 20.95 14.92
N LYS A 343 -3.63 20.73 14.75
CA LYS A 343 -2.68 21.82 14.68
C LYS A 343 -2.83 22.61 13.37
N SER A 344 -3.49 22.03 12.34
CA SER A 344 -3.73 22.70 11.04
C SER A 344 -5.07 23.46 11.04
N TYR A 345 -5.80 23.52 12.18
CA TYR A 345 -7.08 24.20 12.25
C TYR A 345 -7.18 24.92 13.60
N HIS A 346 -8.24 25.68 13.82
CA HIS A 346 -8.40 26.38 15.12
C HIS A 346 -8.91 25.46 16.24
N THR A 347 -9.43 24.25 15.86
CA THR A 347 -10.06 23.28 16.75
C THR A 347 -9.22 22.99 17.98
N LYS A 348 -9.89 22.99 19.14
CA LYS A 348 -9.24 22.60 20.38
C LYS A 348 -9.55 21.11 20.54
N PHE A 349 -8.51 20.29 20.57
CA PHE A 349 -8.60 18.84 20.74
C PHE A 349 -8.42 18.58 22.22
N ILE A 350 -9.52 18.31 22.98
CA ILE A 350 -9.46 18.17 24.46
C ILE A 350 -9.59 16.74 24.99
N THR A 351 -8.55 16.28 25.68
CA THR A 351 -8.52 14.97 26.32
C THR A 351 -8.96 15.16 27.75
N THR A 352 -9.84 14.26 28.22
CA THR A 352 -10.43 14.42 29.54
C THR A 352 -10.24 13.24 30.45
N SER A 353 -9.73 12.12 29.94
CA SER A 353 -9.57 10.89 30.74
C SER A 353 -8.13 10.58 31.13
N PRO A 354 -7.78 10.33 32.42
CA PRO A 354 -6.37 9.94 32.73
C PRO A 354 -6.03 8.54 32.17
N LYS A 355 -7.05 7.81 31.69
CA LYS A 355 -6.84 6.52 31.06
C LYS A 355 -6.41 6.74 29.60
N ALA A 356 -6.48 7.98 29.06
CA ALA A 356 -6.14 8.18 27.65
C ALA A 356 -5.59 9.58 27.42
N HIS A 357 -4.35 9.77 27.84
CA HIS A 357 -3.65 11.02 27.62
C HIS A 357 -3.15 10.93 26.18
N ILE A 358 -3.02 12.04 25.49
CA ILE A 358 -2.52 12.06 24.10
C ILE A 358 -1.58 13.23 23.98
N THR A 359 -0.31 12.99 23.60
CA THR A 359 0.65 14.09 23.51
C THR A 359 0.16 15.20 22.57
N ASP A 360 0.42 16.46 22.99
CA ASP A 360 0.09 17.67 22.25
C ASP A 360 -1.45 17.91 22.14
N SER A 361 -2.21 17.35 23.06
CA SER A 361 -3.65 17.61 23.11
C SER A 361 -3.87 18.48 24.33
N ILE A 362 -5.00 19.18 24.43
CA ILE A 362 -5.27 19.97 25.62
C ILE A 362 -5.86 19.03 26.65
N TYR A 363 -5.21 18.82 27.80
CA TYR A 363 -5.78 17.97 28.82
C TYR A 363 -6.61 18.83 29.80
N MET A 364 -7.87 18.48 29.95
CA MET A 364 -8.80 19.11 30.87
C MET A 364 -9.51 17.95 31.56
N GLU A 365 -8.94 17.49 32.68
CA GLU A 365 -9.43 16.32 33.38
C GLU A 365 -10.86 16.44 33.77
N PHE A 366 -11.70 15.44 33.39
CA PHE A 366 -13.11 15.40 33.79
C PHE A 366 -13.21 15.00 35.27
N ASP A 367 -13.76 15.87 36.11
CA ASP A 367 -13.89 15.59 37.53
C ASP A 367 -15.21 14.89 37.77
N GLU A 368 -15.15 13.57 37.94
CA GLU A 368 -16.34 12.76 38.14
C GLU A 368 -17.01 13.05 39.52
N GLU A 369 -16.33 13.80 40.39
CA GLU A 369 -16.91 14.20 41.69
C GLU A 369 -17.74 15.53 41.61
N ASN A 370 -17.56 16.31 40.53
CA ASN A 370 -18.25 17.58 40.24
C ASN A 370 -18.54 17.60 38.73
N PRO A 371 -19.33 16.60 38.28
CA PRO A 371 -19.44 16.35 36.84
C PRO A 371 -19.89 17.55 36.02
N LEU A 372 -21.03 18.18 36.43
CA LEU A 372 -21.63 19.26 35.68
C LEU A 372 -20.75 20.50 35.71
N ASP A 373 -20.11 20.80 36.85
CA ASP A 373 -19.18 21.94 36.93
C ASP A 373 -18.00 21.68 35.97
N SER A 374 -17.43 20.46 36.02
CA SER A 374 -16.34 20.04 35.14
C SER A 374 -16.77 20.12 33.63
N ALA A 375 -17.95 19.60 33.28
CA ALA A 375 -18.44 19.65 31.89
C ALA A 375 -18.68 21.11 31.45
N LYS A 376 -19.19 21.96 32.37
CA LYS A 376 -19.38 23.38 32.10
C LYS A 376 -18.03 24.07 31.76
N LYS A 377 -16.98 23.78 32.53
CA LYS A 377 -15.64 24.33 32.33
C LYS A 377 -15.05 23.90 30.95
N ILE A 378 -15.21 22.61 30.59
CA ILE A 378 -14.74 22.08 29.31
C ILE A 378 -15.56 22.70 28.14
N LEU A 379 -16.88 22.74 28.29
CA LEU A 379 -17.72 23.31 27.25
C LEU A 379 -17.41 24.78 27.01
N LYS A 380 -17.14 25.55 28.09
CA LYS A 380 -16.83 26.97 27.98
C LYS A 380 -15.58 27.19 27.12
N GLU A 381 -14.55 26.37 27.28
CA GLU A 381 -13.36 26.50 26.45
C GLU A 381 -13.68 26.32 24.98
N ALA A 382 -14.57 25.36 24.64
CA ALA A 382 -14.97 25.13 23.27
C ALA A 382 -15.76 26.34 22.69
N ILE A 383 -16.65 26.93 23.49
CA ILE A 383 -17.45 28.10 23.05
C ILE A 383 -16.51 29.28 22.78
N LEU A 384 -15.65 29.62 23.76
CA LEU A 384 -14.69 30.70 23.58
C LEU A 384 -13.84 30.47 22.31
N ASN A 385 -13.54 29.22 21.97
CA ASN A 385 -12.75 28.95 20.77
C ASN A 385 -13.46 29.33 19.45
N PHE A 386 -14.77 29.61 19.50
CA PHE A 386 -15.52 30.00 18.32
C PHE A 386 -14.97 31.30 17.74
N LYS A 387 -14.41 32.18 18.59
CA LYS A 387 -13.84 33.45 18.14
C LYS A 387 -12.60 33.21 17.24
N ASN A 388 -11.91 32.07 17.42
CA ASN A 388 -10.75 31.74 16.58
C ASN A 388 -11.13 31.09 15.26
N ARG A 389 -12.41 30.94 14.97
CA ARG A 389 -12.79 30.36 13.72
C ARG A 389 -12.46 31.26 12.55
N ASP A 390 -12.07 30.64 11.41
CA ASP A 390 -11.82 31.33 10.17
C ASP A 390 -12.91 30.88 9.17
N GLN A 391 -14.00 31.61 9.11
CA GLN A 391 -15.14 31.24 8.29
C GLN A 391 -14.83 31.12 6.81
N SER A 392 -13.75 31.76 6.35
CA SER A 392 -13.33 31.70 4.95
C SER A 392 -12.82 30.28 4.58
N LYS A 393 -12.30 29.52 5.55
CA LYS A 393 -11.79 28.18 5.27
C LYS A 393 -12.80 27.07 5.68
N VAL A 394 -13.99 27.43 6.15
CA VAL A 394 -14.95 26.42 6.60
C VAL A 394 -15.61 25.75 5.39
N MET A 395 -15.76 24.44 5.46
CA MET A 395 -16.43 23.71 4.41
C MET A 395 -17.18 22.54 5.01
N ILE A 396 -18.49 22.72 5.20
CA ILE A 396 -19.39 21.69 5.72
C ILE A 396 -20.22 21.20 4.56
N PRO A 397 -20.02 19.94 4.12
CA PRO A 397 -20.82 19.44 3.00
C PRO A 397 -22.31 19.51 3.31
N GLU A 398 -23.13 19.89 2.32
CA GLU A 398 -24.58 20.01 2.51
C GLU A 398 -25.20 18.62 2.40
N LEU A 399 -24.78 17.71 3.27
CA LEU A 399 -25.22 16.32 3.23
C LEU A 399 -25.44 15.77 4.63
N LYS A 400 -26.69 15.44 4.95
CA LYS A 400 -27.08 14.84 6.23
C LYS A 400 -28.35 14.02 6.01
N CYS A 401 -28.68 13.12 6.92
CA CYS A 401 -29.78 12.21 6.72
C CYS A 401 -30.66 12.13 7.95
N LYS A 402 -31.98 11.98 7.79
CA LYS A 402 -32.83 11.77 8.95
C LYS A 402 -32.66 10.31 9.39
N ALA A 403 -32.77 10.06 10.66
CA ALA A 403 -32.63 8.73 11.21
C ALA A 403 -33.52 8.52 12.46
N ILE A 404 -34.05 7.32 12.62
CA ILE A 404 -34.82 6.96 13.79
C ILE A 404 -34.00 5.96 14.56
N LEU A 405 -33.95 6.11 15.88
CA LEU A 405 -33.16 5.22 16.73
C LEU A 405 -33.84 5.16 18.11
N GLY A 406 -33.12 4.70 19.14
CA GLY A 406 -33.68 4.56 20.49
C GLY A 406 -34.41 3.25 20.70
N TYR A 407 -34.01 2.16 19.98
CA TYR A 407 -34.65 0.85 20.12
C TYR A 407 -34.02 -0.04 21.21
N SER A 408 -34.40 0.27 22.41
CA SER A 408 -34.04 -0.54 23.56
C SER A 408 -34.94 -1.80 23.46
N VAL A 409 -34.66 -2.84 24.28
CA VAL A 409 -35.53 -4.00 24.34
C VAL A 409 -36.96 -3.57 24.78
N GLU A 410 -37.04 -2.63 25.75
CA GLU A 410 -38.31 -2.10 26.25
C GLU A 410 -39.12 -1.40 25.12
N GLU A 411 -38.43 -0.58 24.28
CA GLU A 411 -39.10 0.11 23.20
C GLU A 411 -39.53 -0.86 22.08
N ILE A 412 -38.71 -1.84 21.72
CA ILE A 412 -39.14 -2.83 20.73
C ILE A 412 -40.43 -3.51 21.22
N ILE A 413 -40.48 -3.92 22.50
CA ILE A 413 -41.67 -4.55 23.08
C ILE A 413 -42.85 -3.57 23.06
N ASN A 414 -42.65 -2.27 23.42
CA ASN A 414 -43.75 -1.32 23.32
C ASN A 414 -44.33 -1.26 21.90
N LYS A 415 -43.46 -1.31 20.86
CA LYS A 415 -43.95 -1.24 19.49
C LYS A 415 -44.67 -2.52 19.09
N LEU A 416 -44.23 -3.67 19.58
CA LEU A 416 -44.88 -4.94 19.25
C LEU A 416 -46.28 -5.02 19.79
N ASP A 417 -46.57 -4.28 20.89
CA ASP A 417 -47.90 -4.27 21.51
C ASP A 417 -49.00 -3.86 20.49
N LYS A 418 -48.63 -3.08 19.48
CA LYS A 418 -49.56 -2.63 18.46
C LYS A 418 -50.25 -3.82 17.72
N VAL A 419 -49.51 -4.90 17.44
CA VAL A 419 -50.10 -6.05 16.75
C VAL A 419 -50.59 -7.13 17.73
N VAL A 420 -50.83 -6.77 19.00
CA VAL A 420 -51.27 -7.76 19.99
C VAL A 420 -52.79 -7.68 20.09
N ASN A 421 -53.45 -8.85 20.16
CA ASN A 421 -54.86 -8.93 20.39
C ASN A 421 -55.10 -8.92 21.92
N THR A 422 -55.76 -7.86 22.40
CA THR A 422 -56.06 -7.64 23.82
C THR A 422 -56.63 -8.87 24.54
N GLN A 423 -57.38 -9.73 23.84
CA GLN A 423 -57.92 -10.93 24.44
C GLN A 423 -56.90 -12.04 24.33
N ILE A 424 -56.83 -12.71 23.17
CA ILE A 424 -55.97 -13.86 22.88
C ILE A 424 -54.67 -13.92 23.71
N GLY A 425 -53.87 -12.83 23.70
CA GLY A 425 -52.58 -12.84 24.36
C GLY A 425 -52.31 -11.67 25.27
N PRO A 426 -51.17 -11.77 25.97
CA PRO A 426 -50.75 -10.71 26.90
C PRO A 426 -49.97 -9.58 26.23
N MET A 427 -49.91 -8.41 26.86
CA MET A 427 -49.09 -7.31 26.35
C MET A 427 -47.71 -7.40 27.00
N GLN A 428 -46.78 -6.55 26.53
CA GLN A 428 -45.43 -6.34 27.08
C GLN A 428 -44.52 -7.59 27.10
N THR A 429 -44.54 -8.35 26.01
CA THR A 429 -43.70 -9.54 25.85
C THR A 429 -43.11 -9.52 24.43
N VAL A 430 -42.10 -10.37 24.15
CA VAL A 430 -41.51 -10.45 22.80
C VAL A 430 -42.28 -11.49 21.96
N LYS A 431 -43.47 -11.94 22.40
CA LYS A 431 -44.23 -12.94 21.66
C LYS A 431 -44.53 -12.53 20.22
N PRO A 432 -44.96 -11.30 19.89
CA PRO A 432 -45.25 -11.00 18.49
C PRO A 432 -44.04 -11.18 17.60
N LEU A 433 -42.81 -10.96 18.13
CA LEU A 433 -41.59 -11.16 17.34
C LEU A 433 -41.33 -12.66 17.12
N ALA A 434 -41.47 -13.43 18.19
CA ALA A 434 -41.32 -14.87 18.15
C ALA A 434 -42.36 -15.47 17.13
N ASP A 435 -43.60 -14.90 17.10
CA ASP A 435 -44.67 -15.38 16.24
C ASP A 435 -44.32 -15.22 14.77
N VAL A 436 -43.73 -14.07 14.36
CA VAL A 436 -43.37 -13.89 12.93
C VAL A 436 -42.15 -14.72 12.55
N LEU A 437 -41.22 -14.94 13.49
CA LEU A 437 -40.08 -15.79 13.21
C LEU A 437 -40.55 -17.24 13.03
N VAL A 438 -41.43 -17.73 13.92
CA VAL A 438 -41.92 -19.11 13.82
C VAL A 438 -42.78 -19.29 12.54
N SER A 439 -43.66 -18.32 12.25
CA SER A 439 -44.50 -18.44 11.04
C SER A 439 -43.69 -18.33 9.76
N GLY A 440 -42.53 -17.67 9.79
CA GLY A 440 -41.72 -17.55 8.60
C GLY A 440 -41.97 -16.25 7.87
N VAL A 441 -42.79 -15.36 8.45
CA VAL A 441 -42.96 -14.03 7.88
C VAL A 441 -41.57 -13.32 7.95
N LEU A 442 -40.81 -13.57 9.05
CA LEU A 442 -39.43 -13.15 9.18
C LEU A 442 -38.61 -14.41 9.12
N ARG A 443 -37.60 -14.42 8.27
CA ARG A 443 -36.76 -15.59 8.14
C ARG A 443 -35.92 -15.74 9.43
N GLY A 444 -35.42 -14.62 9.91
CA GLY A 444 -34.57 -14.57 11.08
C GLY A 444 -34.31 -13.14 11.48
N ALA A 445 -33.38 -12.95 12.43
CA ALA A 445 -32.95 -11.63 12.94
C ALA A 445 -31.41 -11.61 12.98
N ALA A 446 -30.76 -10.55 12.48
CA ALA A 446 -29.30 -10.48 12.46
C ALA A 446 -28.81 -9.17 13.07
N ALA A 447 -27.67 -9.21 13.75
CA ALA A 447 -27.04 -8.03 14.34
C ALA A 447 -25.90 -7.64 13.43
N VAL A 448 -25.82 -6.37 12.99
CA VAL A 448 -24.69 -5.90 12.16
C VAL A 448 -23.97 -4.86 12.98
N VAL A 449 -22.77 -5.17 13.41
CA VAL A 449 -22.06 -4.37 14.40
C VAL A 449 -20.66 -4.01 13.92
N GLY A 450 -19.95 -3.24 14.76
CA GLY A 450 -18.53 -3.03 14.56
C GLY A 450 -18.08 -1.79 13.84
N CYS A 451 -16.77 -1.68 13.78
CA CYS A 451 -15.98 -0.55 13.35
C CYS A 451 -15.91 -0.33 11.82
N ASN A 452 -14.89 0.44 11.40
CA ASN A 452 -14.45 0.65 10.02
C ASN A 452 -13.01 0.16 9.99
N ASN A 453 -12.54 -0.16 8.82
CA ASN A 453 -11.20 -0.66 8.63
C ASN A 453 -10.72 -0.27 7.24
N PRO A 454 -9.58 0.44 7.07
CA PRO A 454 -9.18 0.82 5.70
C PRO A 454 -8.94 -0.35 4.74
N LYS A 455 -9.03 -1.61 5.19
CA LYS A 455 -8.96 -2.76 4.27
C LYS A 455 -10.28 -2.90 3.47
N VAL A 456 -11.35 -2.23 3.92
CA VAL A 456 -12.67 -2.29 3.27
C VAL A 456 -13.11 -0.87 2.87
N VAL A 457 -13.71 -0.70 1.67
CA VAL A 457 -14.20 0.62 1.23
C VAL A 457 -15.15 1.13 2.35
N GLN A 458 -14.77 2.20 3.10
CA GLN A 458 -15.52 2.54 4.30
C GLN A 458 -17.06 2.64 4.10
N ASP A 459 -17.79 1.92 4.96
CA ASP A 459 -19.23 1.79 5.02
C ASP A 459 -19.81 0.92 3.91
N SER A 460 -19.05 0.55 2.86
CA SER A 460 -19.60 -0.30 1.78
C SER A 460 -20.09 -1.68 2.28
N ALA A 461 -19.28 -2.42 3.04
CA ALA A 461 -19.65 -3.75 3.49
C ALA A 461 -20.81 -3.71 4.49
N HIS A 462 -20.89 -2.65 5.37
CA HIS A 462 -22.02 -2.46 6.27
C HIS A 462 -23.36 -2.34 5.53
N ILE A 463 -23.42 -1.44 4.54
CA ILE A 463 -24.64 -1.17 3.78
C ILE A 463 -25.01 -2.36 2.89
N GLU A 464 -24.03 -2.97 2.19
CA GLU A 464 -24.38 -4.10 1.30
C GLU A 464 -24.84 -5.28 2.13
N THR A 465 -24.31 -5.46 3.36
CA THR A 465 -24.71 -6.61 4.18
C THR A 465 -26.13 -6.37 4.69
N ILE A 466 -26.36 -5.16 5.27
CA ILE A 466 -27.65 -4.79 5.85
C ILE A 466 -28.73 -4.90 4.79
N LYS A 467 -28.46 -4.34 3.60
CA LYS A 467 -29.46 -4.29 2.56
C LYS A 467 -29.84 -5.64 2.05
N GLY A 468 -28.91 -6.56 1.98
CA GLY A 468 -29.22 -7.89 1.45
C GLY A 468 -29.94 -8.73 2.48
N LEU A 469 -29.61 -8.54 3.76
CA LEU A 469 -30.29 -9.34 4.78
C LEU A 469 -31.74 -8.90 4.89
N ILE A 470 -32.05 -7.57 4.79
CA ILE A 470 -33.45 -7.10 4.86
C ILE A 470 -34.21 -7.55 3.61
N LYS A 471 -33.59 -7.42 2.41
CA LYS A 471 -34.22 -7.91 1.19
C LYS A 471 -34.70 -9.36 1.34
N ASN A 472 -33.96 -10.19 2.11
CA ASN A 472 -34.28 -11.60 2.33
C ASN A 472 -35.11 -11.84 3.60
N ASP A 473 -35.84 -10.80 4.06
CA ASP A 473 -36.70 -10.90 5.24
C ASP A 473 -36.02 -11.27 6.54
N VAL A 474 -34.83 -10.73 6.76
CA VAL A 474 -34.11 -10.92 8.00
C VAL A 474 -34.13 -9.56 8.66
N ILE A 475 -34.87 -9.43 9.77
CA ILE A 475 -34.93 -8.12 10.43
C ILE A 475 -33.53 -7.86 10.99
N VAL A 476 -33.06 -6.60 10.90
CA VAL A 476 -31.71 -6.27 11.29
C VAL A 476 -31.69 -5.25 12.43
N VAL A 477 -30.81 -5.48 13.40
CA VAL A 477 -30.55 -4.62 14.53
C VAL A 477 -29.06 -4.20 14.43
N VAL A 478 -28.76 -2.96 14.74
CA VAL A 478 -27.42 -2.40 14.52
C VAL A 478 -26.97 -1.64 15.73
N THR A 479 -25.68 -1.63 15.93
CA THR A 479 -25.07 -0.88 17.02
C THR A 479 -23.76 -0.34 16.43
N GLY A 480 -23.14 0.57 17.20
CA GLY A 480 -21.82 1.09 16.92
C GLY A 480 -21.68 1.85 15.62
N CYS A 481 -20.52 1.73 15.00
CA CYS A 481 -20.26 2.42 13.76
C CYS A 481 -21.05 1.83 12.58
N ALA A 482 -21.51 0.56 12.70
CA ALA A 482 -22.33 -0.03 11.68
C ALA A 482 -23.71 0.70 11.69
N ALA A 483 -24.23 1.00 12.88
CA ALA A 483 -25.50 1.71 13.02
C ALA A 483 -25.40 3.14 12.48
N GLN A 484 -24.25 3.80 12.65
CA GLN A 484 -24.03 5.15 12.11
C GLN A 484 -23.86 5.11 10.57
N ALA A 485 -23.31 4.02 10.02
CA ALA A 485 -23.21 3.84 8.59
C ALA A 485 -24.64 3.72 8.00
N ALA A 486 -25.54 2.98 8.70
CA ALA A 486 -26.93 2.82 8.30
C ALA A 486 -27.67 4.14 8.43
N ALA A 487 -27.43 4.89 9.53
CA ALA A 487 -28.06 6.20 9.77
C ALA A 487 -27.70 7.15 8.62
N LYS A 488 -26.40 7.37 8.36
CA LYS A 488 -25.94 8.27 7.30
C LYS A 488 -26.53 7.91 5.94
N TYR A 489 -26.73 6.62 5.67
CA TYR A 489 -27.20 6.17 4.37
C TYR A 489 -28.70 6.37 4.14
N GLY A 490 -29.49 6.26 5.19
CA GLY A 490 -30.93 6.37 5.12
C GLY A 490 -31.66 5.08 5.43
N LEU A 491 -30.97 4.06 6.02
CA LEU A 491 -31.68 2.79 6.30
C LEU A 491 -32.54 2.86 7.56
N LEU A 492 -32.21 3.80 8.47
CA LEU A 492 -32.93 3.98 9.73
C LEU A 492 -34.14 4.91 9.54
N GLN A 493 -35.02 4.57 8.63
CA GLN A 493 -36.21 5.35 8.31
C GLN A 493 -37.34 4.41 8.03
N LYS A 494 -38.56 4.79 8.39
CA LYS A 494 -39.73 3.92 8.15
C LYS A 494 -39.91 3.62 6.66
N GLU A 495 -39.53 4.60 5.83
CA GLU A 495 -39.60 4.54 4.35
C GLU A 495 -38.68 3.50 3.78
N ALA A 496 -37.58 3.13 4.48
CA ALA A 496 -36.63 2.12 4.01
C ALA A 496 -37.26 0.71 3.86
N ALA A 497 -38.37 0.47 4.57
CA ALA A 497 -39.09 -0.80 4.55
C ALA A 497 -39.57 -1.11 3.11
N GLU A 498 -40.45 -0.27 2.54
CA GLU A 498 -40.96 -0.56 1.21
C GLU A 498 -39.87 -0.39 0.17
N LYS A 499 -38.88 0.47 0.45
CA LYS A 499 -37.81 0.71 -0.48
C LYS A 499 -36.79 -0.46 -0.55
N TYR A 500 -36.44 -1.14 0.56
CA TYR A 500 -35.41 -2.20 0.51
C TYR A 500 -35.74 -3.56 1.03
N ALA A 501 -36.75 -3.69 1.87
CA ALA A 501 -37.00 -4.97 2.53
C ALA A 501 -37.80 -5.93 1.67
N GLY A 502 -37.68 -7.23 1.98
CA GLY A 502 -38.42 -8.30 1.36
C GLY A 502 -39.88 -8.23 1.76
N PRO A 503 -40.72 -9.21 1.35
CA PRO A 503 -42.17 -9.09 1.55
C PRO A 503 -42.66 -9.14 2.98
N GLY A 504 -42.14 -10.11 3.72
CA GLY A 504 -42.52 -10.33 5.11
C GLY A 504 -42.05 -9.22 6.00
N LEU A 505 -40.81 -8.78 5.81
CA LEU A 505 -40.24 -7.77 6.65
C LEU A 505 -40.90 -6.43 6.32
N ALA A 506 -41.17 -6.13 5.04
CA ALA A 506 -41.87 -4.87 4.73
C ALA A 506 -43.28 -4.87 5.40
N THR A 507 -44.02 -6.01 5.35
CA THR A 507 -45.35 -6.08 5.92
C THR A 507 -45.31 -5.86 7.44
N VAL A 508 -44.45 -6.59 8.15
CA VAL A 508 -44.22 -6.44 9.61
C VAL A 508 -43.89 -4.98 9.94
N CYS A 509 -43.09 -4.32 9.11
CA CYS A 509 -42.70 -2.94 9.36
C CYS A 509 -43.88 -2.03 9.32
N LYS A 510 -44.75 -2.24 8.29
CA LYS A 510 -45.97 -1.47 8.10
C LYS A 510 -46.87 -1.70 9.34
N LEU A 511 -47.11 -2.96 9.71
CA LEU A 511 -47.99 -3.23 10.82
C LEU A 511 -47.48 -2.71 12.18
N VAL A 512 -46.17 -2.86 12.45
CA VAL A 512 -45.56 -2.49 13.72
C VAL A 512 -45.08 -1.01 13.74
N ASP A 513 -45.00 -0.35 12.56
CA ASP A 513 -44.58 1.05 12.38
C ASP A 513 -43.17 1.32 12.86
N ILE A 514 -42.22 0.60 12.26
CA ILE A 514 -40.81 0.67 12.55
C ILE A 514 -40.03 0.58 11.25
N PRO A 515 -38.77 1.05 11.23
CA PRO A 515 -37.90 0.80 10.05
C PRO A 515 -37.49 -0.68 9.97
N PRO A 516 -36.92 -1.16 8.85
CA PRO A 516 -36.46 -2.55 8.78
C PRO A 516 -35.11 -2.77 9.50
N VAL A 517 -34.44 -1.67 9.92
CA VAL A 517 -33.19 -1.71 10.64
C VAL A 517 -33.40 -0.92 11.94
N LEU A 518 -33.13 -1.58 13.10
CA LEU A 518 -33.34 -0.96 14.39
C LEU A 518 -32.02 -0.62 15.11
N HIS A 519 -31.82 0.68 15.39
CA HIS A 519 -30.61 1.14 16.08
C HIS A 519 -30.77 0.93 17.59
N MET A 520 -30.08 -0.11 18.09
CA MET A 520 -30.17 -0.47 19.49
C MET A 520 -29.07 0.12 20.35
N GLY A 521 -28.25 1.03 19.79
CA GLY A 521 -27.26 1.77 20.61
C GLY A 521 -25.79 1.59 20.30
N SER A 522 -24.98 1.75 21.35
CA SER A 522 -23.53 1.67 21.29
C SER A 522 -23.04 0.21 21.31
N CYS A 523 -21.71 -0.01 21.30
CA CYS A 523 -21.13 -1.34 21.36
C CYS A 523 -21.39 -2.03 22.72
N VAL A 524 -21.39 -1.33 23.87
CA VAL A 524 -21.80 -2.00 25.12
C VAL A 524 -23.30 -2.45 24.98
N ASP A 525 -24.11 -1.70 24.20
CA ASP A 525 -25.52 -2.00 23.95
C ASP A 525 -25.72 -3.22 23.03
N ILE A 526 -24.63 -3.93 22.63
CA ILE A 526 -24.82 -5.21 21.98
C ILE A 526 -25.45 -6.16 23.06
N SER A 527 -25.26 -5.84 24.35
CA SER A 527 -25.84 -6.55 25.47
C SER A 527 -27.39 -6.52 25.36
N ARG A 528 -27.97 -5.47 24.76
CA ARG A 528 -29.42 -5.39 24.54
C ARG A 528 -29.86 -6.48 23.55
N ILE A 529 -29.00 -6.77 22.53
CA ILE A 529 -29.29 -7.80 21.52
C ILE A 529 -29.26 -9.19 22.19
N LEU A 530 -28.24 -9.47 23.03
CA LEU A 530 -28.14 -10.72 23.81
C LEU A 530 -29.40 -10.91 24.65
N ASP A 531 -29.83 -9.82 25.26
CA ASP A 531 -31.04 -9.74 26.08
C ASP A 531 -32.27 -10.12 25.24
N LEU A 532 -32.45 -9.47 24.05
CA LEU A 532 -33.62 -9.69 23.18
C LEU A 532 -33.64 -11.12 22.70
N VAL A 533 -32.50 -11.62 22.23
CA VAL A 533 -32.43 -12.98 21.67
C VAL A 533 -32.70 -13.95 22.81
N GLY A 534 -32.14 -13.70 24.00
CA GLY A 534 -32.35 -14.54 25.16
C GLY A 534 -33.81 -14.59 25.58
N ARG A 535 -34.52 -13.45 25.55
CA ARG A 535 -35.97 -13.44 25.87
C ARG A 535 -36.83 -14.30 24.87
N VAL A 536 -36.48 -14.22 23.57
CA VAL A 536 -37.17 -14.98 22.54
C VAL A 536 -36.89 -16.45 22.73
N ALA A 537 -35.63 -16.80 23.07
CA ALA A 537 -35.22 -18.20 23.29
C ALA A 537 -36.03 -18.81 24.46
N ASN A 538 -36.12 -18.04 25.56
CA ASN A 538 -36.84 -18.48 26.73
C ASN A 538 -38.31 -18.59 26.42
N LEU A 539 -38.87 -17.64 25.66
CA LEU A 539 -40.27 -17.74 25.30
C LEU A 539 -40.54 -19.01 24.46
N LEU A 540 -39.67 -19.39 23.54
CA LEU A 540 -39.89 -20.62 22.77
C LEU A 540 -39.33 -21.90 23.44
N GLY A 541 -38.80 -21.76 24.64
CA GLY A 541 -38.24 -22.89 25.37
C GLY A 541 -37.12 -23.57 24.62
N VAL A 542 -36.23 -22.78 24.06
CA VAL A 542 -35.08 -23.34 23.34
C VAL A 542 -33.83 -22.61 23.82
N ASP A 543 -32.67 -22.98 23.28
CA ASP A 543 -31.45 -22.26 23.61
C ASP A 543 -31.24 -21.23 22.52
N MET A 544 -30.34 -20.30 22.73
CA MET A 544 -30.07 -19.28 21.73
C MET A 544 -29.50 -19.81 20.44
N SER A 545 -28.72 -20.91 20.51
CA SER A 545 -28.16 -21.52 19.33
C SER A 545 -29.24 -22.21 18.46
N ASP A 546 -30.47 -22.38 18.97
CA ASP A 546 -31.54 -23.04 18.22
C ASP A 546 -32.25 -22.08 17.31
N LEU A 547 -32.16 -20.78 17.56
CA LEU A 547 -32.90 -19.76 16.81
C LEU A 547 -32.24 -19.34 15.50
N PRO A 548 -33.05 -18.89 14.53
CA PRO A 548 -32.49 -18.38 13.28
C PRO A 548 -31.97 -16.96 13.48
N VAL A 549 -30.79 -16.81 14.10
CA VAL A 549 -30.21 -15.51 14.37
C VAL A 549 -28.73 -15.53 13.99
N ALA A 550 -28.16 -14.36 13.75
CA ALA A 550 -26.75 -14.25 13.36
C ALA A 550 -26.17 -12.89 13.74
N GLY A 551 -24.86 -12.85 13.85
CA GLY A 551 -24.11 -11.61 14.08
C GLY A 551 -23.15 -11.39 12.91
N VAL A 552 -22.91 -10.12 12.55
CA VAL A 552 -22.00 -9.77 11.43
C VAL A 552 -21.19 -8.55 11.82
N ALA A 553 -19.88 -8.59 11.63
CA ALA A 553 -18.98 -7.49 11.89
C ALA A 553 -18.27 -7.21 10.55
N PRO A 554 -18.97 -6.54 9.62
CA PRO A 554 -18.44 -6.36 8.25
C PRO A 554 -17.14 -5.56 8.06
N GLU A 555 -16.80 -4.59 8.92
CA GLU A 555 -15.58 -3.82 8.74
C GLU A 555 -14.85 -3.64 10.08
N TRP A 556 -14.83 -4.66 10.93
CA TRP A 556 -14.24 -4.54 12.25
C TRP A 556 -12.72 -4.25 12.26
N MET A 557 -12.27 -3.62 13.33
CA MET A 557 -10.87 -3.23 13.49
C MET A 557 -10.39 -3.54 14.92
N SER A 558 -11.20 -3.24 15.94
CA SER A 558 -10.70 -3.21 17.31
C SER A 558 -10.58 -4.55 18.02
N GLU A 559 -9.81 -4.58 19.16
CA GLU A 559 -9.72 -5.76 20.01
C GLU A 559 -11.13 -5.97 20.69
N LYS A 560 -11.91 -4.87 20.94
CA LYS A 560 -13.28 -4.98 21.46
C LYS A 560 -14.10 -5.83 20.52
N ALA A 561 -13.98 -5.60 19.18
CA ALA A 561 -14.73 -6.37 18.20
C ALA A 561 -14.41 -7.83 18.25
N VAL A 562 -13.19 -8.22 18.61
CA VAL A 562 -12.82 -9.65 18.74
C VAL A 562 -13.47 -10.24 20.01
N ALA A 563 -13.52 -9.46 21.09
CA ALA A 563 -14.16 -9.89 22.32
C ALA A 563 -15.70 -10.03 22.02
N ILE A 564 -16.27 -9.10 21.26
CA ILE A 564 -17.68 -9.16 20.91
C ILE A 564 -18.00 -10.41 20.10
N GLY A 565 -17.22 -10.65 19.03
CA GLY A 565 -17.41 -11.81 18.17
C GLY A 565 -17.31 -13.11 18.94
N THR A 566 -16.34 -13.18 19.83
CA THR A 566 -16.18 -14.36 20.66
C THR A 566 -17.37 -14.57 21.63
N TYR A 567 -17.92 -13.51 22.27
CA TYR A 567 -18.99 -13.72 23.25
C TYR A 567 -20.38 -13.96 22.52
N VAL A 568 -20.51 -13.45 21.29
CA VAL A 568 -21.73 -13.70 20.55
C VAL A 568 -21.74 -15.17 20.13
N VAL A 569 -20.61 -15.71 19.66
CA VAL A 569 -20.51 -17.12 19.27
C VAL A 569 -20.62 -18.03 20.52
N THR A 570 -19.89 -17.72 21.63
CA THR A 570 -19.96 -18.52 22.84
C THR A 570 -21.37 -18.58 23.44
N SER A 571 -22.20 -17.56 23.17
CA SER A 571 -23.59 -17.46 23.62
C SER A 571 -24.56 -18.17 22.67
N GLY A 572 -24.05 -18.79 21.61
CA GLY A 572 -24.89 -19.52 20.66
C GLY A 572 -25.36 -18.81 19.40
N ILE A 573 -24.78 -17.65 19.04
CA ILE A 573 -25.17 -16.94 17.82
C ILE A 573 -23.99 -16.98 16.77
N ASP A 574 -24.24 -17.55 15.60
CA ASP A 574 -23.24 -17.62 14.53
C ASP A 574 -22.76 -16.24 14.19
N THR A 575 -21.45 -16.07 13.97
CA THR A 575 -20.91 -14.74 13.69
C THR A 575 -20.08 -14.76 12.45
N TRP A 576 -20.35 -13.80 11.53
CA TRP A 576 -19.61 -13.58 10.29
C TRP A 576 -18.64 -12.41 10.49
N LEU A 577 -17.36 -12.58 10.09
CA LEU A 577 -16.37 -11.51 10.17
C LEU A 577 -16.03 -10.99 8.74
N GLY A 578 -16.12 -9.69 8.52
CA GLY A 578 -15.86 -9.10 7.22
C GLY A 578 -14.42 -8.76 6.95
N VAL A 579 -13.62 -8.82 8.01
CA VAL A 579 -12.18 -8.63 8.02
C VAL A 579 -11.66 -9.89 8.67
N ALA A 580 -10.73 -10.54 8.03
CA ALA A 580 -10.20 -11.77 8.57
C ALA A 580 -9.42 -11.48 9.87
N PRO A 581 -9.68 -12.18 11.00
CA PRO A 581 -8.78 -12.04 12.16
C PRO A 581 -7.43 -12.72 11.86
N PRO A 582 -6.35 -12.37 12.56
CA PRO A 582 -5.02 -12.99 12.29
C PRO A 582 -4.88 -14.46 12.73
N VAL A 583 -5.46 -15.43 11.97
CA VAL A 583 -5.45 -16.84 12.37
C VAL A 583 -5.10 -17.84 11.26
N THR A 584 -5.01 -17.42 10.00
CA THR A 584 -4.76 -18.35 8.91
C THR A 584 -3.50 -19.22 9.09
N GLY A 585 -2.50 -18.75 9.86
CA GLY A 585 -1.28 -19.53 10.04
C GLY A 585 -1.37 -20.68 11.01
N GLY A 586 -2.52 -20.79 11.70
CA GLY A 586 -2.80 -21.83 12.67
C GLY A 586 -3.96 -22.70 12.22
N PRO A 587 -3.67 -23.78 11.50
CA PRO A 587 -4.76 -24.63 11.00
C PRO A 587 -5.71 -25.19 12.05
N GLU A 588 -5.18 -25.53 13.25
CA GLU A 588 -6.02 -26.05 14.32
C GLU A 588 -6.91 -24.91 14.87
N VAL A 589 -6.41 -23.67 14.93
CA VAL A 589 -7.22 -22.53 15.39
C VAL A 589 -8.36 -22.27 14.39
N VAL A 590 -8.05 -22.21 13.10
CA VAL A 590 -9.09 -22.00 12.08
C VAL A 590 -10.17 -23.08 12.22
N ASP A 591 -9.77 -24.34 12.41
CA ASP A 591 -10.71 -25.46 12.54
C ASP A 591 -11.55 -25.34 13.84
N ILE A 592 -10.94 -24.91 14.93
CA ILE A 592 -11.66 -24.66 16.17
C ILE A 592 -12.71 -23.58 15.95
N LEU A 593 -12.31 -22.40 15.44
CA LEU A 593 -13.22 -21.25 15.30
C LEU A 593 -14.31 -21.47 14.28
N THR A 594 -13.97 -22.00 13.10
CA THR A 594 -14.94 -22.12 12.02
C THR A 594 -15.56 -23.53 11.93
N ASN A 595 -15.35 -24.41 12.92
CA ASN A 595 -15.93 -25.72 12.81
C ASN A 595 -16.17 -26.39 14.19
N LYS A 596 -15.11 -26.78 14.91
CA LYS A 596 -15.32 -27.53 16.16
C LYS A 596 -16.15 -26.72 17.16
N MET A 597 -16.07 -25.38 17.08
CA MET A 597 -16.83 -24.46 17.92
C MET A 597 -18.33 -24.84 17.97
N GLU A 598 -18.90 -25.20 16.83
CA GLU A 598 -20.32 -25.56 16.68
C GLU A 598 -20.69 -26.75 17.59
N ASP A 599 -19.72 -27.67 17.77
CA ASP A 599 -19.92 -28.82 18.64
C ASP A 599 -19.83 -28.38 20.09
N TRP A 600 -19.12 -27.28 20.39
CA TRP A 600 -18.99 -26.78 21.76
C TRP A 600 -20.19 -25.94 22.21
N VAL A 601 -20.56 -24.92 21.44
CA VAL A 601 -21.57 -23.93 21.81
C VAL A 601 -22.77 -23.79 20.86
N GLY A 602 -22.83 -24.61 19.84
CA GLY A 602 -23.95 -24.57 18.91
C GLY A 602 -23.86 -23.45 17.89
N ALA A 603 -22.72 -22.77 17.83
CA ALA A 603 -22.53 -21.71 16.85
C ALA A 603 -21.04 -21.66 16.49
N LYS A 604 -20.66 -20.91 15.47
CA LYS A 604 -19.26 -20.82 15.08
C LYS A 604 -19.00 -19.54 14.32
N PHE A 605 -17.73 -19.27 14.00
CA PHE A 605 -17.37 -18.09 13.21
C PHE A 605 -17.44 -18.46 11.71
N PHE A 606 -17.66 -17.45 10.88
CA PHE A 606 -17.60 -17.55 9.41
C PHE A 606 -16.77 -16.34 9.00
N ILE A 607 -15.76 -16.51 8.15
CA ILE A 607 -14.92 -15.40 7.70
C ILE A 607 -15.23 -15.12 6.25
N GLU A 608 -15.83 -13.97 5.93
CA GLU A 608 -16.24 -13.72 4.55
C GLU A 608 -16.07 -12.26 4.20
N THR A 609 -15.11 -11.95 3.35
CA THR A 609 -14.85 -10.57 2.96
C THR A 609 -15.68 -10.11 1.75
N ASP A 610 -16.60 -10.94 1.23
CA ASP A 610 -17.53 -10.49 0.19
C ASP A 610 -18.93 -10.34 0.82
N PRO A 611 -19.43 -9.12 1.04
CA PRO A 611 -20.73 -8.99 1.71
C PRO A 611 -21.87 -9.70 0.99
N HIS A 612 -21.83 -9.80 -0.32
CA HIS A 612 -22.89 -10.53 -1.05
C HIS A 612 -22.86 -12.00 -0.72
N LYS A 613 -21.65 -12.58 -0.51
CA LYS A 613 -21.52 -14.01 -0.19
C LYS A 613 -21.86 -14.26 1.25
N ALA A 614 -21.52 -13.31 2.18
CA ALA A 614 -21.89 -13.41 3.60
C ALA A 614 -23.44 -13.52 3.73
N VAL A 615 -24.21 -12.65 3.00
CA VAL A 615 -25.68 -12.65 3.04
C VAL A 615 -26.21 -14.02 2.60
N GLU A 616 -25.67 -14.57 1.51
CA GLU A 616 -26.06 -15.91 1.05
C GLU A 616 -25.85 -16.99 2.12
N GLN A 617 -24.67 -16.98 2.76
CA GLN A 617 -24.32 -17.89 3.84
C GLN A 617 -25.21 -17.72 5.11
N ILE A 618 -25.54 -16.46 5.50
CA ILE A 618 -26.41 -16.20 6.66
C ILE A 618 -27.79 -16.74 6.35
N VAL A 619 -28.29 -16.45 5.17
CA VAL A 619 -29.62 -16.94 4.79
C VAL A 619 -29.70 -18.47 4.77
N ASN A 620 -28.72 -19.13 4.14
CA ASN A 620 -28.69 -20.61 4.14
C ASN A 620 -28.57 -21.15 5.59
N ARG A 621 -27.68 -20.52 6.41
CA ARG A 621 -27.49 -20.97 7.78
C ARG A 621 -28.79 -20.92 8.59
N MET A 622 -29.57 -19.83 8.46
CA MET A 622 -30.86 -19.66 9.13
C MET A 622 -31.84 -20.68 8.63
N ASN A 623 -31.86 -20.96 7.31
CA ASN A 623 -32.77 -21.98 6.78
C ASN A 623 -32.42 -23.36 7.39
N GLU A 624 -31.11 -23.67 7.63
CA GLU A 624 -30.79 -24.97 8.24
C GLU A 624 -31.30 -25.00 9.69
N LYS A 625 -31.02 -23.96 10.46
CA LYS A 625 -31.51 -23.85 11.82
C LYS A 625 -33.08 -23.88 11.90
N ARG A 626 -33.78 -23.23 10.95
CA ARG A 626 -35.24 -23.24 10.91
CA ARG A 626 -35.25 -23.24 10.93
C ARG A 626 -35.77 -24.66 10.78
N LYS A 627 -35.18 -25.46 9.87
CA LYS A 627 -35.57 -26.85 9.62
C LYS A 627 -35.27 -27.68 10.85
N LYS A 628 -34.08 -27.52 11.45
CA LYS A 628 -33.73 -28.26 12.65
C LYS A 628 -34.74 -27.93 13.79
N LEU A 629 -35.17 -26.67 13.87
CA LEU A 629 -36.14 -26.27 14.87
C LEU A 629 -37.60 -26.61 14.46
N GLY A 630 -37.80 -26.97 13.21
CA GLY A 630 -39.11 -27.38 12.69
C GLY A 630 -40.04 -26.23 12.38
N ILE A 631 -39.51 -25.03 11.98
CA ILE A 631 -40.37 -23.86 11.68
C ILE A 631 -40.21 -23.36 10.26
N LYS B 4 30.27 -17.79 21.40
CA LYS B 4 29.58 -18.84 20.69
C LYS B 4 29.32 -20.09 21.57
N ALA B 5 29.97 -20.22 22.77
CA ALA B 5 29.70 -21.34 23.67
C ALA B 5 28.24 -21.33 24.04
N LYS B 6 27.63 -22.49 24.16
CA LYS B 6 26.22 -22.55 24.52
C LYS B 6 26.04 -22.33 26.03
N SER B 7 27.06 -22.64 26.83
CA SER B 7 26.97 -22.58 28.28
C SER B 7 28.37 -22.65 28.89
N ILE B 8 28.48 -22.22 30.15
CA ILE B 8 29.72 -22.31 30.92
C ILE B 8 29.69 -23.58 31.80
N ASP B 9 28.53 -24.26 31.92
CA ASP B 9 28.38 -25.41 32.79
C ASP B 9 28.77 -26.72 32.05
N GLN B 10 29.71 -27.49 32.64
CA GLN B 10 30.15 -28.74 32.03
C GLN B 10 29.05 -29.80 31.88
N ALA B 11 28.28 -30.08 32.95
CA ALA B 11 27.19 -31.06 32.87
C ALA B 11 26.23 -30.69 31.71
N THR B 12 25.97 -29.39 31.56
CA THR B 12 25.09 -28.92 30.48
C THR B 12 25.69 -29.26 29.11
N LEU B 13 26.99 -28.97 28.92
CA LEU B 13 27.70 -29.21 27.67
C LEU B 13 27.82 -30.72 27.37
N GLN B 14 27.95 -31.55 28.43
CA GLN B 14 27.99 -33.00 28.23
C GLN B 14 26.65 -33.46 27.64
N LEU B 15 25.53 -33.00 28.24
CA LEU B 15 24.22 -33.42 27.77
C LEU B 15 23.83 -32.77 26.48
N LEU B 16 24.45 -31.63 26.14
CA LEU B 16 24.18 -31.02 24.84
C LEU B 16 24.79 -31.87 23.73
N ASP B 17 25.88 -32.63 24.03
CA ASP B 17 26.49 -33.58 23.08
C ASP B 17 25.62 -34.83 22.98
N LYS B 18 25.12 -35.33 24.10
CA LYS B 18 24.24 -36.48 24.06
C LYS B 18 22.93 -36.11 23.33
N ALA B 19 22.44 -34.85 23.42
CA ALA B 19 21.24 -34.46 22.72
C ALA B 19 21.48 -34.52 21.20
N LYS B 20 22.64 -34.05 20.74
CA LYS B 20 22.98 -34.10 19.34
C LYS B 20 23.06 -35.57 18.88
N GLN B 21 23.74 -36.41 19.67
CA GLN B 21 23.88 -37.82 19.33
C GLN B 21 22.55 -38.53 19.29
N ASP B 22 21.57 -38.12 20.13
CA ASP B 22 20.24 -38.74 20.17
C ASP B 22 19.32 -38.22 19.05
N GLY B 23 19.70 -37.14 18.41
CA GLY B 23 18.92 -36.55 17.33
C GLY B 23 17.73 -35.74 17.78
N VAL B 24 17.76 -35.28 19.02
CA VAL B 24 16.69 -34.47 19.57
C VAL B 24 17.10 -33.02 19.47
N GLU B 25 16.11 -32.10 19.35
CA GLU B 25 16.43 -30.66 19.31
C GLU B 25 16.35 -30.04 20.68
N THR B 26 16.99 -28.87 20.84
CA THR B 26 17.00 -28.09 22.09
C THR B 26 16.69 -26.65 21.78
N VAL B 27 16.43 -25.86 22.84
CA VAL B 27 16.17 -24.41 22.78
C VAL B 27 17.30 -23.68 22.00
N TRP B 28 18.58 -24.10 22.16
CA TRP B 28 19.74 -23.57 21.42
C TRP B 28 19.63 -23.83 19.89
N ASP B 29 19.13 -24.99 19.50
CA ASP B 29 18.95 -25.30 18.07
C ASP B 29 17.84 -24.43 17.48
N ARG B 30 16.70 -24.28 18.20
CA ARG B 30 15.57 -23.46 17.72
C ARG B 30 15.93 -21.96 17.69
N LYS B 31 16.83 -21.53 18.58
CA LYS B 31 17.35 -20.17 18.55
C LYS B 31 18.12 -19.96 17.23
N ALA B 32 19.02 -20.87 16.90
CA ALA B 32 19.76 -20.81 15.64
C ALA B 32 18.77 -20.90 14.44
N ASP B 33 17.69 -21.72 14.52
CA ASP B 33 16.73 -21.83 13.39
C ASP B 33 15.99 -20.52 13.17
N MET B 34 15.86 -19.68 14.20
CA MET B 34 15.15 -18.41 14.09
C MET B 34 15.98 -17.37 13.31
N LYS B 35 17.28 -17.64 13.05
CA LYS B 35 18.18 -16.76 12.32
C LYS B 35 18.07 -15.31 12.80
N VAL B 36 18.12 -14.32 11.91
CA VAL B 36 18.09 -12.93 12.33
C VAL B 36 16.68 -12.55 12.74
N GLN B 37 16.51 -12.25 14.04
CA GLN B 37 15.21 -11.90 14.56
C GLN B 37 14.78 -10.54 14.07
N CYS B 38 13.46 -10.38 13.88
CA CYS B 38 12.85 -9.16 13.36
C CYS B 38 13.38 -7.89 14.01
N GLY B 39 13.87 -6.97 13.19
CA GLY B 39 14.39 -5.70 13.68
C GLY B 39 13.32 -4.79 14.25
N PHE B 40 12.08 -4.88 13.69
CA PHE B 40 10.96 -4.06 14.15
C PHE B 40 10.54 -4.54 15.54
N GLY B 41 10.20 -5.81 15.65
CA GLY B 41 9.84 -6.39 16.94
C GLY B 41 10.95 -6.26 17.97
N SER B 42 12.21 -6.32 17.51
CA SER B 42 13.34 -6.22 18.42
C SER B 42 13.49 -4.79 18.99
N ALA B 43 13.20 -3.77 18.21
CA ALA B 43 13.28 -2.39 18.64
C ALA B 43 11.95 -1.93 19.31
N GLY B 44 10.90 -2.76 19.26
CA GLY B 44 9.60 -2.48 19.84
C GLY B 44 8.69 -1.62 18.98
N VAL B 45 9.01 -1.49 17.66
CA VAL B 45 8.28 -0.58 16.73
C VAL B 45 7.32 -1.29 15.79
N CYS B 46 6.93 -2.52 16.14
CA CYS B 46 5.86 -3.21 15.43
C CYS B 46 4.64 -3.11 16.32
N CYS B 47 3.44 -2.99 15.74
CA CYS B 47 2.21 -2.92 16.54
C CYS B 47 1.17 -3.82 15.95
N ARG B 48 0.48 -4.58 16.80
CA ARG B 48 -0.56 -5.49 16.34
C ARG B 48 -1.79 -5.36 17.22
N ASN B 49 -2.03 -4.20 17.85
CA ASN B 49 -3.18 -3.97 18.74
C ASN B 49 -4.54 -3.86 18.04
N CYS B 50 -4.61 -3.96 16.73
CA CYS B 50 -5.92 -3.94 16.05
C CYS B 50 -5.78 -4.48 14.65
N SER B 51 -6.89 -4.77 13.98
CA SER B 51 -6.89 -5.32 12.64
C SER B 51 -6.68 -4.31 11.55
N MET B 52 -6.47 -3.03 11.86
CA MET B 52 -6.07 -2.10 10.81
C MET B 52 -4.59 -2.47 10.46
N GLY B 53 -3.86 -2.96 11.48
CA GLY B 53 -2.50 -3.43 11.39
C GLY B 53 -2.36 -4.81 10.80
N PRO B 54 -1.15 -5.44 10.83
CA PRO B 54 0.07 -4.99 11.49
C PRO B 54 0.65 -3.68 10.96
N CYS B 55 1.20 -2.92 11.87
CA CYS B 55 1.85 -1.66 11.57
C CYS B 55 3.27 -1.81 11.99
N ARG B 56 4.19 -1.23 11.27
CA ARG B 56 5.57 -1.09 11.74
C ARG B 56 6.03 0.34 11.39
N VAL B 57 6.72 0.99 12.31
CA VAL B 57 7.25 2.33 12.07
C VAL B 57 8.76 2.27 12.16
N SER B 58 9.44 3.29 11.60
CA SER B 58 10.89 3.37 11.57
C SER B 58 11.48 3.45 13.01
N PRO B 59 12.42 2.58 13.37
CA PRO B 59 13.11 2.76 14.66
C PRO B 59 14.12 3.90 14.64
N VAL B 60 14.31 4.54 13.45
CA VAL B 60 15.22 5.67 13.29
C VAL B 60 14.40 6.93 13.06
N PRO B 61 14.40 7.88 14.02
CA PRO B 61 13.58 9.09 13.84
C PRO B 61 14.03 9.94 12.66
N GLY B 62 13.07 10.53 11.95
CA GLY B 62 13.35 11.35 10.77
C GLY B 62 13.42 10.54 9.48
N LYS B 63 13.59 9.21 9.59
CA LYS B 63 13.65 8.31 8.43
C LYS B 63 12.43 7.38 8.36
N GLY B 64 12.06 6.99 7.15
CA GLY B 64 10.99 6.03 6.86
C GLY B 64 9.60 6.37 7.34
N VAL B 65 8.73 5.33 7.46
CA VAL B 65 7.36 5.46 7.97
C VAL B 65 7.39 5.81 9.47
N GLU B 66 6.78 6.94 9.84
CA GLU B 66 6.86 7.41 11.21
C GLU B 66 5.62 7.18 12.09
N ARG B 67 4.45 6.94 11.50
CA ARG B 67 3.24 6.74 12.29
C ARG B 67 2.50 5.48 11.85
N GLY B 68 1.81 4.86 12.78
CA GLY B 68 0.97 3.69 12.57
C GLY B 68 -0.32 4.18 11.96
N ILE B 69 -1.11 3.29 11.36
CA ILE B 69 -2.32 3.68 10.62
C ILE B 69 -3.29 4.55 11.46
N CYS B 70 -3.42 4.28 12.76
CA CYS B 70 -4.27 5.07 13.66
C CYS B 70 -3.60 6.45 14.02
N GLY B 71 -2.32 6.60 13.72
CA GLY B 71 -1.56 7.80 13.99
C GLY B 71 -0.53 7.61 15.07
N ALA B 72 -0.42 6.38 15.65
CA ALA B 72 0.53 6.10 16.74
C ALA B 72 2.02 6.25 16.34
N THR B 73 2.78 7.05 17.09
CA THR B 73 4.20 7.25 16.86
C THR B 73 5.01 6.04 17.38
N ALA B 74 6.32 6.01 17.12
CA ALA B 74 7.18 4.92 17.60
C ALA B 74 7.18 4.88 19.13
N ASP B 75 7.22 6.06 19.81
CA ASP B 75 7.19 6.11 21.27
C ASP B 75 5.86 5.58 21.83
N VAL B 76 4.75 5.87 21.14
CA VAL B 76 3.47 5.32 21.57
C VAL B 76 3.46 3.80 21.39
N ILE B 77 3.87 3.31 20.22
CA ILE B 77 3.92 1.88 19.98
C ILE B 77 4.89 1.17 20.96
N VAL B 78 6.08 1.70 21.15
CA VAL B 78 7.05 1.10 22.07
C VAL B 78 6.52 1.11 23.52
N SER B 79 6.02 2.26 24.05
CA SER B 79 5.56 2.32 25.44
C SER B 79 4.40 1.33 25.69
N ARG B 80 3.38 1.27 24.78
CA ARG B 80 2.27 0.33 24.93
C ARG B 80 2.78 -1.13 24.96
N ASN B 81 3.69 -1.51 24.06
CA ASN B 81 4.19 -2.88 24.01
C ASN B 81 4.95 -3.26 25.32
N PHE B 82 5.70 -2.30 25.88
CA PHE B 82 6.44 -2.50 27.12
C PHE B 82 5.41 -2.69 28.24
N ALA B 83 4.32 -1.87 28.23
CA ALA B 83 3.32 -1.91 29.28
C ALA B 83 2.58 -3.25 29.27
N ARG B 84 2.31 -3.85 28.09
CA ARG B 84 1.65 -5.17 28.03
C ARG B 84 2.57 -6.27 28.54
N MET B 85 3.90 -6.11 28.41
CA MET B 85 4.82 -7.04 29.03
C MET B 85 4.67 -6.98 30.55
N VAL B 86 4.59 -5.77 31.13
CA VAL B 86 4.45 -5.60 32.57
C VAL B 86 3.12 -6.21 32.99
N ALA B 87 2.01 -5.87 32.26
CA ALA B 87 0.71 -6.36 32.64
C ALA B 87 0.71 -7.91 32.63
N ALA B 88 1.40 -8.52 31.65
CA ALA B 88 1.45 -9.97 31.50
C ALA B 88 2.27 -10.59 32.62
N GLY B 89 3.37 -9.93 32.99
CA GLY B 89 4.27 -10.35 34.06
C GLY B 89 3.61 -10.24 35.41
N THR B 90 2.78 -9.19 35.59
CA THR B 90 2.00 -9.00 36.79
C THR B 90 0.93 -10.10 36.85
N ALA B 91 0.29 -10.45 35.72
CA ALA B 91 -0.79 -11.43 35.72
C ALA B 91 -0.26 -12.83 36.12
N ALA B 92 0.94 -13.21 35.64
CA ALA B 92 1.57 -14.47 36.03
C ALA B 92 1.78 -14.51 37.57
N HIS B 93 2.37 -13.48 38.18
CA HIS B 93 2.51 -13.46 39.66
C HIS B 93 1.17 -13.31 40.40
N SER B 94 0.18 -12.62 39.79
CA SER B 94 -1.12 -12.41 40.37
C SER B 94 -1.83 -13.74 40.59
N ASP B 95 -1.95 -14.57 39.53
CA ASP B 95 -2.62 -15.87 39.64
C ASP B 95 -1.89 -16.77 40.58
N HIS B 96 -0.55 -16.69 40.63
CA HIS B 96 0.27 -17.49 41.54
C HIS B 96 -0.14 -17.22 42.99
N GLY B 97 -0.16 -15.94 43.36
CA GLY B 97 -0.52 -15.46 44.69
C GLY B 97 -1.97 -15.70 45.01
N ARG B 98 -2.88 -15.44 44.05
CA ARG B 98 -4.30 -15.65 44.24
C ARG B 98 -4.59 -17.09 44.63
N SER B 99 -3.92 -18.05 43.94
CA SER B 99 -4.03 -19.46 44.21
C SER B 99 -3.48 -19.79 45.66
N ILE B 100 -2.40 -19.15 46.11
CA ILE B 100 -1.89 -19.38 47.46
C ILE B 100 -2.85 -18.81 48.53
N ALA B 101 -3.50 -17.67 48.24
CA ALA B 101 -4.45 -17.07 49.20
C ALA B 101 -5.68 -17.94 49.27
N LEU B 102 -6.11 -18.54 48.12
CA LEU B 102 -7.27 -19.42 48.15
C LEU B 102 -6.93 -20.67 48.97
N SER B 103 -5.68 -21.18 48.89
CA SER B 103 -5.27 -22.33 49.70
C SER B 103 -5.25 -21.97 51.19
N LEU B 104 -4.89 -20.73 51.55
CA LEU B 104 -4.91 -20.27 52.95
C LEU B 104 -6.38 -20.20 53.45
N TYR B 105 -7.29 -19.81 52.58
CA TYR B 105 -8.71 -19.75 52.92
C TYR B 105 -9.28 -21.16 53.21
N HIS B 106 -8.69 -22.22 52.63
CA HIS B 106 -9.17 -23.58 52.82
C HIS B 106 -8.36 -24.37 53.88
N THR B 107 -7.53 -23.69 54.68
CA THR B 107 -6.76 -24.43 55.69
C THR B 107 -7.68 -24.93 56.78
N SER B 108 -7.26 -25.97 57.47
CA SER B 108 -8.00 -26.56 58.59
C SER B 108 -7.04 -27.36 59.49
N LYS B 109 -7.40 -27.49 60.78
CA LYS B 109 -6.63 -28.21 61.79
C LYS B 109 -6.28 -29.67 61.34
N ASP B 110 -7.25 -30.40 60.79
CA ASP B 110 -7.04 -31.80 60.38
C ASP B 110 -6.99 -32.01 58.82
N GLY B 111 -7.05 -30.92 58.05
CA GLY B 111 -6.96 -30.98 56.59
C GLY B 111 -5.55 -31.08 56.09
N ASP B 112 -5.37 -31.31 54.75
CA ASP B 112 -4.05 -31.47 54.08
C ASP B 112 -3.16 -30.21 54.17
N ILE B 113 -3.81 -29.03 54.16
CA ILE B 113 -3.16 -27.74 54.25
C ILE B 113 -3.39 -27.17 55.65
N LYS B 114 -2.34 -26.95 56.41
CA LYS B 114 -2.44 -26.42 57.77
C LYS B 114 -1.70 -25.08 57.86
N VAL B 115 -1.77 -24.45 59.04
CA VAL B 115 -1.01 -23.25 59.38
C VAL B 115 0.26 -23.76 60.09
N LYS B 116 1.45 -23.67 59.47
CA LYS B 116 2.68 -24.15 60.09
C LYS B 116 3.42 -23.04 60.82
N ASP B 117 3.16 -21.78 60.52
CA ASP B 117 3.78 -20.68 61.24
C ASP B 117 2.68 -19.77 61.82
N GLU B 118 2.31 -20.02 63.08
CA GLU B 118 1.25 -19.25 63.74
C GLU B 118 1.71 -17.86 64.11
N ASN B 119 2.95 -17.73 64.50
CA ASN B 119 3.50 -16.44 64.86
C ASN B 119 3.51 -15.50 63.67
N LYS B 120 3.95 -16.00 62.50
CA LYS B 120 3.97 -15.19 61.30
C LYS B 120 2.52 -14.85 60.88
N LEU B 121 1.58 -15.80 60.95
CA LEU B 121 0.19 -15.51 60.62
C LEU B 121 -0.29 -14.34 61.45
N LYS B 122 -0.12 -14.43 62.78
CA LYS B 122 -0.55 -13.37 63.71
C LYS B 122 0.14 -12.02 63.44
N GLU B 123 1.38 -12.02 62.92
CA GLU B 123 2.05 -10.76 62.56
C GLU B 123 1.51 -10.19 61.23
N VAL B 124 1.29 -11.06 60.26
CA VAL B 124 0.73 -10.68 58.95
C VAL B 124 -0.72 -10.19 59.14
N ALA B 125 -1.48 -10.85 60.05
CA ALA B 125 -2.84 -10.50 60.37
C ALA B 125 -2.90 -9.08 60.91
N LYS B 126 -1.90 -8.66 61.62
CA LYS B 126 -1.81 -7.31 62.14
C LYS B 126 -1.70 -6.31 60.93
N SER B 127 -0.88 -6.60 59.93
CA SER B 127 -0.80 -5.75 58.72
C SER B 127 -2.18 -5.59 57.99
N PHE B 128 -3.06 -6.61 58.07
CA PHE B 128 -4.37 -6.56 57.43
C PHE B 128 -5.51 -6.06 58.36
N ASN B 129 -5.17 -5.57 59.58
CA ASN B 129 -6.15 -5.15 60.59
C ASN B 129 -7.16 -6.26 60.85
N VAL B 130 -6.63 -7.48 61.03
CA VAL B 130 -7.41 -8.66 61.34
C VAL B 130 -7.11 -8.96 62.79
N GLU B 131 -8.15 -9.12 63.65
CA GLU B 131 -7.97 -9.39 65.08
C GLU B 131 -7.44 -10.80 65.32
N THR B 132 -6.59 -10.96 66.32
CA THR B 132 -6.01 -12.27 66.61
C THR B 132 -6.20 -12.67 68.08
N GLU B 133 -6.32 -11.69 69.00
CA GLU B 133 -6.41 -12.04 70.43
C GLU B 133 -7.67 -12.84 70.71
N GLY B 134 -7.50 -13.98 71.36
CA GLY B 134 -8.58 -14.88 71.72
C GLY B 134 -9.31 -15.52 70.56
N ARG B 135 -8.61 -15.72 69.42
CA ARG B 135 -9.26 -16.34 68.24
C ARG B 135 -8.60 -17.63 67.80
N ASP B 136 -9.37 -18.51 67.17
CA ASP B 136 -8.84 -19.75 66.65
C ASP B 136 -7.85 -19.41 65.52
N ILE B 137 -6.73 -20.17 65.44
CA ILE B 137 -5.75 -19.90 64.41
C ILE B 137 -6.35 -19.99 62.97
N TYR B 138 -7.32 -20.89 62.74
CA TYR B 138 -7.91 -21.03 61.42
C TYR B 138 -8.95 -19.98 61.10
N ASP B 139 -9.55 -19.35 62.10
CA ASP B 139 -10.45 -18.22 61.88
C ASP B 139 -9.60 -17.01 61.43
N ILE B 140 -8.44 -16.83 62.11
CA ILE B 140 -7.52 -15.77 61.75
C ILE B 140 -6.99 -16.02 60.34
N ALA B 141 -6.57 -17.29 60.05
CA ALA B 141 -6.08 -17.68 58.74
C ALA B 141 -7.06 -17.24 57.62
N HIS B 142 -8.34 -17.61 57.76
CA HIS B 142 -9.36 -17.37 56.77
C HIS B 142 -9.67 -15.89 56.61
N ASP B 143 -9.63 -15.14 57.71
CA ASP B 143 -9.90 -13.70 57.65
C ASP B 143 -8.76 -13.06 56.83
N VAL B 144 -7.51 -13.40 57.18
CA VAL B 144 -6.30 -12.94 56.48
C VAL B 144 -6.36 -13.36 54.99
N ALA B 145 -6.80 -14.58 54.65
CA ALA B 145 -6.91 -14.99 53.26
C ALA B 145 -7.95 -14.09 52.56
N LYS B 146 -9.08 -13.80 53.22
CA LYS B 146 -10.10 -12.97 52.58
C LYS B 146 -9.63 -11.55 52.38
N GLU B 147 -8.88 -11.01 53.34
CA GLU B 147 -8.30 -9.68 53.19
C GLU B 147 -7.23 -9.65 52.08
N GLY B 148 -6.44 -10.71 51.98
CA GLY B 148 -5.48 -10.85 50.90
C GLY B 148 -6.17 -10.96 49.55
N LEU B 149 -7.25 -11.74 49.49
CA LEU B 149 -8.02 -11.86 48.23
C LEU B 149 -8.61 -10.53 47.78
N SER B 150 -9.05 -9.68 48.73
CA SER B 150 -9.62 -8.39 48.34
C SER B 150 -8.55 -7.44 47.73
N ASN B 151 -7.26 -7.70 48.00
CA ASN B 151 -6.20 -6.95 47.35
C ASN B 151 -6.15 -7.25 45.82
N TYR B 152 -6.67 -8.41 45.37
CA TYR B 152 -6.70 -8.72 43.95
C TYR B 152 -7.85 -8.04 43.21
N GLY B 153 -8.99 -7.85 43.85
CA GLY B 153 -10.17 -7.28 43.18
C GLY B 153 -11.03 -6.24 43.87
N LYS B 154 -10.61 -5.62 44.96
CA LYS B 154 -11.50 -4.64 45.62
C LYS B 154 -11.72 -3.43 44.69
N GLN B 155 -12.95 -2.94 44.60
CA GLN B 155 -13.29 -1.81 43.74
C GLN B 155 -13.42 -0.51 44.55
N LEU B 156 -13.68 -0.58 45.84
CA LEU B 156 -13.79 0.64 46.65
C LEU B 156 -12.80 0.49 47.78
N GLY B 157 -12.26 1.60 48.29
CA GLY B 157 -11.33 1.51 49.40
C GLY B 157 -9.87 1.46 48.99
N GLU B 158 -9.00 1.16 49.93
CA GLU B 158 -7.57 1.19 49.67
C GLU B 158 -6.94 -0.18 49.83
N VAL B 159 -5.89 -0.47 49.08
CA VAL B 159 -5.19 -1.75 49.21
C VAL B 159 -4.33 -1.77 50.50
N THR B 160 -3.94 -2.97 50.92
CA THR B 160 -3.06 -3.14 52.07
C THR B 160 -1.63 -3.42 51.57
N LEU B 161 -0.68 -2.65 52.06
CA LEU B 161 0.71 -2.83 51.71
C LEU B 161 1.56 -3.20 52.92
N PRO B 162 2.73 -3.85 52.73
CA PRO B 162 3.53 -4.27 53.89
C PRO B 162 4.10 -3.13 54.76
N PRO B 163 4.34 -3.41 56.05
CA PRO B 163 4.90 -2.38 56.96
C PRO B 163 6.35 -1.96 56.66
N SER B 164 7.12 -2.80 55.98
CA SER B 164 8.52 -2.47 55.64
C SER B 164 8.61 -1.49 54.44
N LEU B 165 7.50 -1.11 53.82
CA LEU B 165 7.50 -0.16 52.72
C LEU B 165 7.52 1.24 53.35
N PRO B 166 8.62 2.02 53.15
CA PRO B 166 8.72 3.34 53.81
C PRO B 166 7.61 4.32 53.41
N GLU B 167 7.20 5.15 54.41
CA GLU B 167 6.18 6.17 54.24
C GLU B 167 6.62 7.17 53.17
N LYS B 168 7.93 7.46 53.10
CA LYS B 168 8.44 8.35 52.06
C LYS B 168 8.12 7.83 50.64
N ARG B 169 8.27 6.50 50.44
CA ARG B 169 8.08 5.87 49.17
C ARG B 169 6.61 5.92 48.81
N LYS B 170 5.71 5.57 49.75
CA LYS B 170 4.27 5.62 49.51
C LYS B 170 3.84 7.04 49.16
N GLU B 171 4.39 8.01 49.91
CA GLU B 171 4.07 9.41 49.68
C GLU B 171 4.47 9.85 48.27
N LEU B 172 5.67 9.49 47.88
CA LEU B 172 6.22 9.76 46.57
C LEU B 172 5.31 9.13 45.48
N TRP B 173 4.81 7.88 45.68
CA TRP B 173 3.94 7.26 44.67
C TRP B 173 2.60 8.00 44.51
N ARG B 174 2.03 8.46 45.63
CA ARG B 174 0.76 9.21 45.63
CA ARG B 174 0.75 9.19 45.59
C ARG B 174 0.88 10.48 44.80
N LYS B 175 1.88 11.29 45.10
CA LYS B 175 2.09 12.54 44.38
C LYS B 175 2.37 12.27 42.91
N LEU B 176 3.07 11.16 42.57
CA LEU B 176 3.39 10.79 41.19
C LEU B 176 2.19 10.18 40.44
N GLY B 177 1.19 9.69 41.18
CA GLY B 177 -0.01 9.13 40.57
C GLY B 177 0.12 7.64 40.26
N VAL B 178 1.10 6.96 40.88
CA VAL B 178 1.34 5.52 40.66
C VAL B 178 1.05 4.71 41.93
N TYR B 179 0.33 5.27 42.91
CA TYR B 179 0.02 4.47 44.10
C TYR B 179 -0.86 3.31 43.63
N PRO B 180 -0.57 2.06 44.02
CA PRO B 180 -1.30 0.93 43.44
C PRO B 180 -2.75 0.78 43.86
N ARG B 181 -3.56 0.18 42.98
CA ARG B 181 -4.95 -0.19 43.23
C ARG B 181 -5.00 -1.73 43.24
N ALA B 182 -6.20 -2.33 43.12
CA ALA B 182 -6.30 -3.77 43.18
C ALA B 182 -5.50 -4.44 42.03
N VAL B 183 -4.79 -5.54 42.30
CA VAL B 183 -3.94 -6.25 41.33
C VAL B 183 -4.62 -6.43 39.97
N ASP B 184 -5.77 -7.13 39.92
CA ASP B 184 -6.45 -7.41 38.64
C ASP B 184 -7.06 -6.11 38.06
N ARG B 185 -7.44 -5.14 38.91
CA ARG B 185 -7.95 -3.85 38.40
C ARG B 185 -6.87 -3.14 37.58
N GLU B 186 -5.62 -3.18 38.03
CA GLU B 186 -4.53 -2.50 37.36
C GLU B 186 -4.11 -3.23 36.07
N ILE B 187 -4.20 -4.56 36.04
CA ILE B 187 -3.87 -5.32 34.83
C ILE B 187 -4.92 -4.96 33.75
N ALA B 188 -6.18 -4.83 34.14
CA ALA B 188 -7.27 -4.44 33.21
C ALA B 188 -7.05 -2.94 32.75
N ALA B 189 -6.57 -2.09 33.65
CA ALA B 189 -6.29 -0.70 33.31
C ALA B 189 -5.24 -0.59 32.20
N VAL B 190 -4.14 -1.35 32.29
CA VAL B 190 -3.11 -1.30 31.26
C VAL B 190 -3.64 -1.91 29.93
N MET B 191 -4.36 -3.05 29.99
CA MET B 191 -4.88 -3.66 28.78
C MET B 191 -5.88 -2.73 28.09
N HIS B 192 -6.67 -1.98 28.86
CA HIS B 192 -7.63 -1.01 28.33
C HIS B 192 -6.86 0.15 27.68
N SER B 193 -5.93 0.81 28.43
CA SER B 193 -5.21 1.96 27.92
C SER B 193 -4.30 1.69 26.72
N THR B 194 -3.87 0.41 26.49
CA THR B 194 -3.06 0.06 25.30
C THR B 194 -3.96 -0.31 24.10
N HIS B 195 -5.29 -0.33 24.32
CA HIS B 195 -6.23 -0.64 23.23
C HIS B 195 -6.13 0.49 22.20
N ILE B 196 -6.39 0.21 20.90
CA ILE B 196 -6.42 1.26 19.88
C ILE B 196 -7.30 2.49 20.32
N GLY B 197 -6.72 3.66 20.10
CA GLY B 197 -7.40 4.92 20.36
C GLY B 197 -7.56 5.30 21.80
N CYS B 198 -6.65 4.88 22.67
CA CYS B 198 -6.71 5.25 24.08
C CYS B 198 -5.46 6.06 24.41
N ASN B 199 -4.57 5.59 25.28
CA ASN B 199 -3.37 6.33 25.62
C ASN B 199 -2.36 6.41 24.46
N ALA B 200 -1.89 7.63 24.17
CA ALA B 200 -0.89 7.91 23.14
C ALA B 200 0.06 8.94 23.70
N ASP B 201 0.64 8.59 24.86
CA ASP B 201 1.55 9.45 25.60
C ASP B 201 2.55 8.57 26.39
N ALA B 202 3.86 8.59 26.03
CA ALA B 202 4.85 7.67 26.61
C ALA B 202 4.97 7.76 28.13
N GLU B 203 5.03 8.99 28.65
CA GLU B 203 5.20 9.14 30.10
C GLU B 203 3.96 8.64 30.82
N ALA B 204 2.74 8.99 30.35
CA ALA B 204 1.53 8.50 31.01
C ALA B 204 1.44 6.96 30.96
N MET B 205 1.83 6.34 29.82
CA MET B 205 1.79 4.89 29.64
C MET B 205 2.84 4.20 30.53
N ILE B 206 4.09 4.74 30.66
CA ILE B 206 5.12 4.09 31.53
C ILE B 206 4.69 4.22 32.99
N LYS B 207 4.10 5.39 33.37
CA LYS B 207 3.61 5.55 34.74
C LYS B 207 2.49 4.52 35.03
N MET B 208 1.64 4.17 34.03
CA MET B 208 0.58 3.19 34.25
C MET B 208 1.20 1.81 34.46
N SER B 209 2.28 1.52 33.71
CA SER B 209 3.00 0.27 33.85
CA SER B 209 2.97 0.25 33.84
C SER B 209 3.66 0.21 35.21
N MET B 210 4.24 1.35 35.68
CA MET B 210 4.90 1.39 36.99
C MET B 210 3.88 1.07 38.11
N ARG B 211 2.67 1.61 37.98
CA ARG B 211 1.63 1.44 38.97
C ARG B 211 1.18 0.00 39.02
N CYS B 212 1.04 -0.62 37.84
CA CYS B 212 0.63 -1.99 37.73
C CYS B 212 1.68 -2.91 38.35
N SER B 213 2.99 -2.67 38.07
CA SER B 213 4.06 -3.54 38.57
C SER B 213 4.09 -3.57 40.10
N LEU B 214 3.78 -2.44 40.78
CA LEU B 214 3.76 -2.39 42.25
C LEU B 214 2.68 -3.32 42.84
N THR B 215 1.62 -3.62 42.10
CA THR B 215 0.61 -4.57 42.61
C THR B 215 1.18 -6.01 42.59
N ASP B 216 2.28 -6.22 41.87
CA ASP B 216 2.94 -7.51 41.83
C ASP B 216 3.90 -7.55 43.03
N GLY B 217 5.00 -6.80 42.95
CA GLY B 217 6.04 -6.80 43.96
C GLY B 217 5.65 -6.54 45.40
N TRP B 218 4.69 -5.64 45.65
CA TRP B 218 4.30 -5.34 47.02
C TRP B 218 2.97 -5.97 47.45
N MET B 219 2.27 -6.66 46.53
CA MET B 219 1.00 -7.31 46.81
C MET B 219 1.00 -8.79 46.36
N GLY B 220 0.88 -9.07 45.06
CA GLY B 220 0.79 -10.43 44.54
C GLY B 220 1.92 -11.35 44.99
N SER B 221 3.18 -11.00 44.67
CA SER B 221 4.36 -11.76 45.09
C SER B 221 4.51 -11.72 46.62
N PHE B 222 4.33 -10.52 47.25
CA PHE B 222 4.52 -10.38 48.71
C PHE B 222 3.55 -11.29 49.51
N MET B 223 2.28 -11.30 49.10
CA MET B 223 1.28 -12.14 49.74
C MET B 223 1.62 -13.60 49.44
N GLY B 224 2.01 -13.92 48.22
CA GLY B 224 2.35 -15.29 47.87
C GLY B 224 3.39 -15.87 48.79
N THR B 225 4.47 -15.08 49.01
CA THR B 225 5.63 -15.47 49.84
C THR B 225 5.22 -15.63 51.30
N GLU B 226 4.51 -14.61 51.87
CA GLU B 226 4.11 -14.66 53.29
C GLU B 226 3.11 -15.75 53.56
N PHE B 227 2.10 -15.87 52.71
CA PHE B 227 1.14 -16.96 52.83
C PHE B 227 1.80 -18.33 52.63
N SER B 228 2.79 -18.47 51.75
CA SER B 228 3.48 -19.76 51.60
C SER B 228 4.25 -20.05 52.89
N ASP B 229 4.88 -19.03 53.50
CA ASP B 229 5.60 -19.23 54.76
C ASP B 229 4.66 -19.70 55.86
N ILE B 230 3.48 -19.15 55.92
CA ILE B 230 2.50 -19.46 56.95
C ILE B 230 2.10 -20.93 56.86
N MET B 231 1.75 -21.38 55.67
CA MET B 231 1.28 -22.73 55.47
C MET B 231 2.39 -23.77 55.40
N PHE B 232 3.53 -23.42 54.80
CA PHE B 232 4.58 -24.42 54.55
C PHE B 232 5.83 -24.24 55.40
N GLY B 233 5.87 -23.16 56.18
CA GLY B 233 7.00 -22.88 57.05
C GLY B 233 7.96 -21.86 56.47
N THR B 234 8.50 -20.98 57.33
CA THR B 234 9.46 -19.99 56.89
C THR B 234 10.79 -20.67 56.63
N PRO B 235 11.48 -20.38 55.51
CA PRO B 235 12.79 -21.01 55.32
C PRO B 235 13.81 -20.60 56.39
N HIS B 236 14.75 -21.50 56.68
CA HIS B 236 15.88 -21.26 57.58
C HIS B 236 17.05 -21.93 56.87
N SER B 237 18.32 -21.62 57.22
CA SER B 237 19.50 -22.20 56.59
C SER B 237 19.34 -23.71 56.39
N ILE B 238 19.69 -24.20 55.21
CA ILE B 238 19.55 -25.60 54.91
C ILE B 238 20.51 -25.99 53.79
N ASP B 239 20.99 -27.23 53.81
CA ASP B 239 21.89 -27.74 52.78
C ASP B 239 21.12 -28.49 51.72
N THR B 240 21.64 -28.44 50.47
CA THR B 240 21.09 -29.19 49.34
C THR B 240 22.22 -29.43 48.30
N GLU B 241 21.89 -30.08 47.20
CA GLU B 241 22.83 -30.29 46.13
C GLU B 241 22.18 -29.81 44.87
N ALA B 242 23.00 -29.26 43.96
CA ALA B 242 22.54 -28.69 42.71
C ALA B 242 23.22 -29.27 41.48
N ASN B 243 22.48 -29.23 40.37
CA ASN B 243 22.89 -29.61 39.02
C ASN B 243 22.47 -31.01 38.67
N LEU B 244 22.55 -31.32 37.39
CA LEU B 244 21.98 -32.55 36.87
C LEU B 244 22.49 -33.83 37.48
N GLY B 245 23.71 -33.78 38.04
CA GLY B 245 24.28 -34.92 38.74
C GLY B 245 23.53 -35.35 39.99
N VAL B 246 22.48 -34.62 40.38
CA VAL B 246 21.63 -35.01 41.52
C VAL B 246 20.66 -36.14 41.13
N LEU B 247 20.53 -36.46 39.83
CA LEU B 247 19.71 -37.57 39.36
C LEU B 247 20.45 -38.93 39.68
N GLU B 248 19.68 -39.96 40.02
CA GLU B 248 20.24 -41.25 40.41
C GLU B 248 19.77 -42.32 39.46
N LYS B 249 20.70 -43.01 38.80
CA LYS B 249 20.39 -44.06 37.84
C LYS B 249 19.56 -45.20 38.45
N ASN B 250 19.82 -45.59 39.71
CA ASN B 250 19.13 -46.73 40.32
C ASN B 250 17.91 -46.33 41.17
N SER B 251 17.50 -45.06 41.13
CA SER B 251 16.30 -44.64 41.83
C SER B 251 15.24 -44.20 40.83
N VAL B 252 14.02 -43.99 41.32
CA VAL B 252 12.96 -43.41 40.50
C VAL B 252 13.18 -41.90 40.57
N ASN B 253 13.44 -41.26 39.41
CA ASN B 253 13.71 -39.81 39.44
C ASN B 253 12.48 -39.06 39.07
N VAL B 254 11.96 -38.24 39.97
CA VAL B 254 10.77 -37.45 39.74
C VAL B 254 11.16 -35.98 39.82
N VAL B 255 11.03 -35.27 38.70
CA VAL B 255 11.43 -33.88 38.61
C VAL B 255 10.19 -32.94 38.62
N LEU B 256 10.13 -32.09 39.60
CA LEU B 256 9.09 -31.09 39.73
C LEU B 256 9.62 -29.84 39.07
N HIS B 257 8.86 -29.32 38.10
CA HIS B 257 9.22 -28.14 37.33
C HIS B 257 7.94 -27.28 37.24
N GLY B 258 8.11 -25.97 37.24
CA GLY B 258 6.98 -25.05 37.26
C GLY B 258 7.15 -24.05 38.39
N HIS B 259 6.04 -23.62 39.00
CA HIS B 259 6.14 -22.53 40.02
C HIS B 259 5.28 -22.69 41.29
N GLU B 260 4.11 -23.32 41.22
CA GLU B 260 3.23 -23.32 42.39
C GLU B 260 3.67 -24.26 43.53
N PRO B 261 3.73 -23.72 44.76
CA PRO B 261 4.22 -24.53 45.89
C PRO B 261 3.32 -25.63 46.44
N LEU B 262 2.00 -25.55 46.28
CA LEU B 262 1.15 -26.56 46.91
C LEU B 262 1.43 -27.96 46.33
N LEU B 263 1.46 -28.09 45.00
CA LEU B 263 1.68 -29.38 44.39
C LEU B 263 3.03 -29.97 44.77
N SER B 264 4.12 -29.20 44.65
CA SER B 264 5.43 -29.71 44.98
C SER B 264 5.54 -30.09 46.51
N GLU B 265 4.88 -29.31 47.42
CA GLU B 265 4.78 -29.62 48.84
C GLU B 265 4.03 -30.96 49.04
N MET B 266 2.95 -31.14 48.31
CA MET B 266 2.16 -32.35 48.39
C MET B 266 2.93 -33.52 47.78
N VAL B 267 3.71 -33.31 46.72
CA VAL B 267 4.52 -34.42 46.18
C VAL B 267 5.63 -34.76 47.14
N VAL B 268 6.19 -33.79 47.86
CA VAL B 268 7.24 -34.07 48.84
C VAL B 268 6.62 -34.94 49.98
N GLU B 269 5.40 -34.62 50.39
CA GLU B 269 4.76 -35.39 51.45
C GLU B 269 4.46 -36.80 50.94
N ALA B 270 3.92 -36.92 49.73
CA ALA B 270 3.59 -38.21 49.07
C ALA B 270 4.82 -39.12 48.92
N ALA B 271 5.99 -38.56 48.64
CA ALA B 271 7.20 -39.33 48.47
C ALA B 271 7.58 -40.09 49.76
N SER B 272 7.08 -39.68 50.93
CA SER B 272 7.39 -40.39 52.17
C SER B 272 6.24 -41.32 52.59
N ASP B 273 5.26 -41.56 51.70
CA ASP B 273 4.16 -42.45 52.00
C ASP B 273 4.70 -43.86 51.94
N PRO B 274 4.52 -44.68 53.02
CA PRO B 274 5.04 -46.06 53.02
C PRO B 274 4.63 -46.89 51.81
N GLU B 275 3.39 -46.78 51.34
CA GLU B 275 2.96 -47.57 50.17
C GLU B 275 3.75 -47.20 48.94
N LEU B 276 3.93 -45.91 48.67
CA LEU B 276 4.68 -45.45 47.49
C LEU B 276 6.19 -45.76 47.64
N VAL B 277 6.73 -45.72 48.87
CA VAL B 277 8.11 -46.12 49.10
C VAL B 277 8.30 -47.64 48.71
N GLU B 278 7.39 -48.50 49.17
CA GLU B 278 7.45 -49.92 48.88
C GLU B 278 7.20 -50.18 47.38
N LEU B 279 6.34 -49.37 46.75
CA LEU B 279 6.06 -49.52 45.32
C LEU B 279 7.32 -49.23 44.52
N ALA B 280 8.10 -48.21 44.91
CA ALA B 280 9.34 -47.90 44.21
C ALA B 280 10.31 -49.10 44.27
N LYS B 281 10.41 -49.78 45.43
CA LYS B 281 11.27 -50.94 45.55
C LYS B 281 10.74 -52.11 44.71
N SER B 282 9.40 -52.30 44.64
CA SER B 282 8.84 -53.39 43.89
C SER B 282 9.02 -53.25 42.37
N VAL B 283 9.22 -52.05 41.86
CA VAL B 283 9.47 -51.83 40.41
C VAL B 283 10.99 -51.95 40.12
N GLY B 284 11.78 -52.19 41.16
CA GLY B 284 13.21 -52.43 41.06
C GLY B 284 14.14 -51.29 41.43
N ALA B 285 13.60 -50.18 41.97
CA ALA B 285 14.43 -49.00 42.30
C ALA B 285 14.90 -48.97 43.75
N ASP B 286 15.97 -48.22 44.04
CA ASP B 286 16.48 -48.09 45.40
C ASP B 286 15.56 -47.23 46.29
N GLY B 287 14.68 -46.45 45.66
CA GLY B 287 13.78 -45.55 46.33
C GLY B 287 13.35 -44.45 45.40
N ILE B 288 12.76 -43.35 45.96
CA ILE B 288 12.27 -42.19 45.19
C ILE B 288 13.21 -41.03 45.35
N ASN B 289 13.77 -40.55 44.22
CA ASN B 289 14.68 -39.39 44.21
C ASN B 289 13.95 -38.11 43.68
N LEU B 290 13.46 -37.24 44.59
CA LEU B 290 12.77 -36.02 44.18
C LEU B 290 13.74 -34.93 43.84
N CYS B 291 13.57 -34.26 42.68
CA CYS B 291 14.40 -33.12 42.28
C CYS B 291 13.52 -32.02 41.78
N GLY B 292 13.98 -30.80 41.90
CA GLY B 292 13.22 -29.68 41.38
C GLY B 292 13.99 -28.88 40.37
N MET B 293 13.24 -28.16 39.54
CA MET B 293 13.78 -27.26 38.53
C MET B 293 13.05 -25.94 38.64
N CYS B 294 13.76 -24.86 38.29
CA CYS B 294 13.22 -23.50 38.30
C CYS B 294 12.55 -23.18 39.63
N CYS B 295 11.42 -22.42 39.66
CA CYS B 295 10.92 -21.89 40.90
C CYS B 295 10.25 -22.86 41.85
N THR B 296 9.52 -23.85 41.32
CA THR B 296 8.94 -24.87 42.19
C THR B 296 10.12 -25.62 42.90
N GLY B 297 11.22 -25.84 42.17
CA GLY B 297 12.46 -26.36 42.73
C GLY B 297 12.97 -25.47 43.84
N ASN B 298 13.17 -24.18 43.56
CA ASN B 298 13.60 -23.24 44.62
C ASN B 298 12.70 -23.26 45.88
N GLU B 299 11.40 -23.39 45.72
CA GLU B 299 10.46 -23.41 46.84
C GLU B 299 10.68 -24.62 47.78
N VAL B 300 10.71 -25.86 47.21
CA VAL B 300 10.85 -27.06 48.05
C VAL B 300 12.27 -27.28 48.54
N SER B 301 13.26 -26.66 47.86
CA SER B 301 14.64 -26.71 48.29
C SER B 301 14.78 -25.76 49.49
N MET B 302 14.22 -24.56 49.41
CA MET B 302 14.33 -23.59 50.50
C MET B 302 13.70 -24.13 51.78
N ARG B 303 12.62 -24.95 51.66
CA ARG B 303 11.93 -25.45 52.86
C ARG B 303 12.31 -26.89 53.26
N HIS B 304 12.79 -27.72 52.32
CA HIS B 304 13.09 -29.12 52.66
C HIS B 304 14.48 -29.60 52.24
N GLY B 305 15.22 -28.76 51.55
CA GLY B 305 16.54 -29.15 51.08
C GLY B 305 16.48 -30.07 49.89
N ILE B 306 15.30 -30.13 49.17
CA ILE B 306 15.11 -30.98 48.00
C ILE B 306 16.14 -30.63 46.96
N LYS B 307 16.80 -31.62 46.37
CA LYS B 307 17.86 -31.37 45.39
C LYS B 307 17.41 -30.64 44.15
N ILE B 308 18.24 -29.69 43.66
CA ILE B 308 17.94 -28.86 42.52
C ILE B 308 18.63 -29.44 41.32
N ALA B 309 17.87 -30.04 40.40
CA ALA B 309 18.40 -30.65 39.18
C ALA B 309 18.97 -29.51 38.20
N GLY B 310 18.30 -28.37 38.09
CA GLY B 310 18.75 -27.36 37.14
C GLY B 310 17.79 -26.20 36.96
N ASN B 311 18.22 -25.24 36.12
CA ASN B 311 17.50 -23.99 35.88
C ASN B 311 16.87 -23.93 34.51
N PHE B 312 16.32 -22.76 34.13
CA PHE B 312 15.45 -22.67 32.95
C PHE B 312 15.95 -23.39 31.67
N MET B 313 17.14 -23.06 31.19
CA MET B 313 17.65 -23.66 29.97
C MET B 313 18.20 -25.08 30.14
N GLN B 314 18.14 -25.67 31.35
CA GLN B 314 18.55 -27.06 31.53
C GLN B 314 17.35 -28.03 31.49
N GLN B 315 16.11 -27.52 31.53
CA GLN B 315 14.93 -28.41 31.59
C GLN B 315 14.90 -29.52 30.50
N GLU B 316 15.28 -29.20 29.24
CA GLU B 316 15.30 -30.23 28.19
C GLU B 316 16.42 -31.23 28.44
N LEU B 317 17.60 -30.74 28.86
CA LEU B 317 18.78 -31.56 29.14
C LEU B 317 18.59 -32.53 30.28
N ALA B 318 17.70 -32.20 31.22
CA ALA B 318 17.36 -33.14 32.27
C ALA B 318 16.67 -34.35 31.65
N VAL B 319 15.83 -34.15 30.63
CA VAL B 319 15.14 -35.27 29.99
C VAL B 319 16.11 -36.07 29.11
N VAL B 320 16.99 -35.37 28.39
CA VAL B 320 18.01 -36.00 27.55
C VAL B 320 18.87 -36.98 28.39
N THR B 321 19.00 -36.79 29.71
CA THR B 321 19.78 -37.77 30.50
C THR B 321 19.21 -39.20 30.35
N GLY B 322 17.94 -39.29 30.00
CA GLY B 322 17.27 -40.57 29.91
C GLY B 322 16.89 -41.14 31.26
N ALA B 323 17.11 -40.39 32.37
CA ALA B 323 16.82 -40.91 33.71
C ALA B 323 15.55 -40.36 34.37
N VAL B 324 14.78 -39.50 33.68
CA VAL B 324 13.61 -38.87 34.32
C VAL B 324 12.42 -39.75 34.05
N ASP B 325 11.88 -40.37 35.12
CA ASP B 325 10.72 -41.25 35.01
C ASP B 325 9.43 -40.43 34.96
N GLY B 326 9.39 -39.33 35.69
CA GLY B 326 8.24 -38.44 35.68
C GLY B 326 8.68 -36.99 35.75
N LEU B 327 8.13 -36.17 34.85
CA LEU B 327 8.39 -34.73 34.84
C LEU B 327 7.04 -34.10 35.08
N ILE B 328 6.80 -33.71 36.33
CA ILE B 328 5.53 -33.15 36.78
C ILE B 328 5.60 -31.65 36.79
N VAL B 329 4.65 -31.01 36.10
CA VAL B 329 4.70 -29.57 35.95
C VAL B 329 3.37 -28.91 36.29
N ASP B 330 3.41 -27.62 36.67
CA ASP B 330 2.17 -26.88 36.86
C ASP B 330 2.08 -25.72 35.82
N VAL B 331 2.59 -24.51 36.13
CA VAL B 331 2.53 -23.35 35.28
C VAL B 331 3.87 -22.59 35.18
N GLN B 332 3.98 -21.81 34.08
CA GLN B 332 5.03 -20.84 33.85
C GLN B 332 6.39 -21.41 33.62
N CYS B 333 7.05 -20.92 32.54
CA CYS B 333 8.41 -21.21 32.14
C CYS B 333 8.66 -22.68 31.81
N ILE B 334 7.58 -23.43 31.50
CA ILE B 334 7.66 -24.81 31.07
C ILE B 334 7.65 -24.81 29.52
N MET B 335 8.81 -24.99 28.89
CA MET B 335 8.92 -25.00 27.42
C MET B 335 7.98 -26.05 26.83
N PRO B 336 7.08 -25.70 25.90
CA PRO B 336 6.20 -26.71 25.32
C PRO B 336 6.94 -27.77 24.50
N ALA B 337 8.20 -27.53 24.12
CA ALA B 337 8.99 -28.55 23.43
C ALA B 337 9.11 -29.82 24.30
N LEU B 338 8.91 -29.70 25.65
CA LEU B 338 9.05 -30.87 26.52
C LEU B 338 8.09 -31.99 26.15
N ALA B 339 6.94 -31.68 25.55
CA ALA B 339 5.96 -32.69 25.15
C ALA B 339 6.53 -33.54 24.01
N LYS B 340 7.12 -32.91 22.97
CA LYS B 340 7.70 -33.64 21.86
C LYS B 340 8.99 -34.34 22.31
N LEU B 341 9.89 -33.62 23.05
CA LEU B 341 11.15 -34.17 23.52
C LEU B 341 10.93 -35.44 24.31
N SER B 342 9.96 -35.45 25.23
CA SER B 342 9.71 -36.61 26.09
C SER B 342 9.38 -37.86 25.30
N LYS B 343 8.83 -37.71 24.08
CA LYS B 343 8.46 -38.86 23.26
C LYS B 343 9.68 -39.62 22.72
N SER B 344 10.89 -39.04 22.78
CA SER B 344 12.13 -39.70 22.36
C SER B 344 12.74 -40.46 23.51
N TYR B 345 12.09 -40.44 24.70
CA TYR B 345 12.51 -41.17 25.89
C TYR B 345 11.28 -41.90 26.51
N HIS B 346 11.45 -42.55 27.67
CA HIS B 346 10.31 -43.22 28.34
C HIS B 346 9.57 -42.27 29.26
N THR B 347 10.17 -41.08 29.53
CA THR B 347 9.64 -40.06 30.45
C THR B 347 8.14 -39.78 30.24
N LYS B 348 7.42 -39.67 31.35
CA LYS B 348 6.03 -39.26 31.35
C LYS B 348 5.97 -37.75 31.70
N PHE B 349 5.54 -36.96 30.70
CA PHE B 349 5.50 -35.51 30.84
C PHE B 349 4.10 -35.16 31.29
N ILE B 350 3.93 -34.86 32.60
CA ILE B 350 2.62 -34.66 33.19
C ILE B 350 2.29 -33.19 33.49
N THR B 351 1.25 -32.69 32.82
CA THR B 351 0.71 -31.36 33.08
C THR B 351 -0.37 -31.59 34.11
N THR B 352 -0.48 -30.66 35.07
CA THR B 352 -1.40 -30.79 36.17
C THR B 352 -2.31 -29.59 36.33
N SER B 353 -2.08 -28.47 35.60
CA SER B 353 -2.87 -27.25 35.79
C SER B 353 -3.76 -26.93 34.61
N PRO B 354 -5.06 -26.61 34.85
CA PRO B 354 -5.93 -26.20 33.75
C PRO B 354 -5.55 -24.83 33.20
N LYS B 355 -4.61 -24.12 33.87
CA LYS B 355 -4.12 -22.84 33.39
C LYS B 355 -3.02 -23.11 32.34
N ALA B 356 -2.43 -24.32 32.31
CA ALA B 356 -1.36 -24.63 31.40
C ALA B 356 -1.45 -26.04 30.82
N HIS B 357 -2.38 -26.20 29.87
CA HIS B 357 -2.49 -27.46 29.16
C HIS B 357 -1.39 -27.44 28.09
N ILE B 358 -0.87 -28.61 27.72
CA ILE B 358 0.15 -28.71 26.70
C ILE B 358 -0.25 -29.92 25.82
N THR B 359 -0.36 -29.69 24.51
CA THR B 359 -0.74 -30.75 23.59
C THR B 359 0.25 -31.89 23.63
N ASP B 360 -0.28 -33.13 23.61
CA ASP B 360 0.49 -34.37 23.61
C ASP B 360 1.23 -34.65 24.89
N SER B 361 0.88 -33.95 26.02
CA SER B 361 1.41 -34.23 27.36
C SER B 361 0.31 -35.08 28.09
N ILE B 362 0.64 -35.74 29.20
CA ILE B 362 -0.34 -36.51 29.97
C ILE B 362 -0.95 -35.54 31.00
N TYR B 363 -2.24 -35.27 30.88
CA TYR B 363 -2.91 -34.36 31.80
C TYR B 363 -3.47 -35.11 32.99
N MET B 364 -2.97 -34.80 34.18
CA MET B 364 -3.44 -35.37 35.43
C MET B 364 -3.72 -34.16 36.33
N GLU B 365 -4.97 -33.67 36.27
CA GLU B 365 -5.37 -32.45 36.98
C GLU B 365 -5.16 -32.52 38.48
N PHE B 366 -4.41 -31.57 39.02
CA PHE B 366 -4.20 -31.51 40.46
C PHE B 366 -5.48 -31.04 41.18
N ASP B 367 -6.05 -31.91 42.02
CA ASP B 367 -7.28 -31.61 42.75
C ASP B 367 -6.95 -30.87 44.04
N GLU B 368 -7.16 -29.55 44.06
CA GLU B 368 -6.83 -28.75 45.24
C GLU B 368 -7.78 -29.01 46.41
N GLU B 369 -8.82 -29.76 46.20
CA GLU B 369 -9.74 -30.12 47.28
C GLU B 369 -9.27 -31.36 48.01
N ASN B 370 -8.42 -32.19 47.36
CA ASN B 370 -7.80 -33.40 47.92
C ASN B 370 -6.32 -33.37 47.52
N PRO B 371 -5.57 -32.37 47.99
CA PRO B 371 -4.21 -32.18 47.50
C PRO B 371 -3.28 -33.38 47.57
N LEU B 372 -3.18 -34.06 48.76
CA LEU B 372 -2.27 -35.16 49.02
C LEU B 372 -2.68 -36.40 48.28
N ASP B 373 -3.99 -36.68 48.20
CA ASP B 373 -4.46 -37.84 47.44
C ASP B 373 -4.11 -37.64 45.98
N SER B 374 -4.36 -36.40 45.48
CA SER B 374 -4.10 -36.04 44.10
C SER B 374 -2.62 -36.19 43.79
N ALA B 375 -1.73 -35.63 44.68
CA ALA B 375 -0.27 -35.74 44.54
C ALA B 375 0.17 -37.20 44.49
N LYS B 376 -0.38 -38.05 45.39
CA LYS B 376 -0.03 -39.46 45.46
C LYS B 376 -0.32 -40.16 44.16
N LYS B 377 -1.46 -39.86 43.54
CA LYS B 377 -1.85 -40.52 42.29
C LYS B 377 -0.88 -40.13 41.18
N ILE B 378 -0.53 -38.83 41.09
CA ILE B 378 0.43 -38.33 40.10
C ILE B 378 1.81 -39.00 40.33
N LEU B 379 2.28 -38.99 41.58
CA LEU B 379 3.58 -39.57 41.92
C LEU B 379 3.62 -41.08 41.61
N LYS B 380 2.52 -41.79 41.85
CA LYS B 380 2.48 -43.22 41.57
C LYS B 380 2.72 -43.49 40.08
N GLU B 381 2.18 -42.64 39.19
CA GLU B 381 2.38 -42.85 37.76
C GLU B 381 3.83 -42.80 37.38
N ALA B 382 4.56 -41.84 37.93
CA ALA B 382 5.99 -41.61 37.70
C ALA B 382 6.78 -42.81 38.23
N ILE B 383 6.40 -43.35 39.41
CA ILE B 383 7.05 -44.52 40.01
C ILE B 383 6.85 -45.74 39.10
N LEU B 384 5.60 -46.03 38.70
CA LEU B 384 5.35 -47.16 37.81
C LEU B 384 6.09 -47.01 36.48
N ASN B 385 6.32 -45.77 36.00
CA ASN B 385 7.04 -45.56 34.75
C ASN B 385 8.52 -45.97 34.83
N PHE B 386 9.07 -46.21 36.02
CA PHE B 386 10.44 -46.69 36.16
C PHE B 386 10.58 -48.08 35.45
N LYS B 387 9.48 -48.85 35.36
CA LYS B 387 9.52 -50.14 34.67
C LYS B 387 9.88 -50.01 33.20
N ASN B 388 9.66 -48.84 32.60
CA ASN B 388 9.94 -48.55 31.21
C ASN B 388 11.31 -47.91 30.97
N ARG B 389 12.10 -47.68 32.03
CA ARG B 389 13.44 -47.11 31.87
C ARG B 389 14.32 -47.99 30.93
N ASP B 390 15.16 -47.32 30.12
CA ASP B 390 16.11 -48.00 29.26
C ASP B 390 17.46 -47.58 29.78
N GLN B 391 18.04 -48.37 30.69
CA GLN B 391 19.28 -48.01 31.34
C GLN B 391 20.47 -47.86 30.35
N SER B 392 20.33 -48.43 29.14
CA SER B 392 21.36 -48.32 28.12
C SER B 392 21.36 -46.92 27.48
N LYS B 393 20.29 -46.15 27.65
CA LYS B 393 20.23 -44.78 27.12
C LYS B 393 20.53 -43.74 28.21
N VAL B 394 20.74 -44.17 29.45
CA VAL B 394 20.95 -43.24 30.57
C VAL B 394 22.35 -42.74 30.60
N MET B 395 22.48 -41.43 30.79
CA MET B 395 23.77 -40.79 30.99
C MET B 395 23.55 -39.61 31.94
N ILE B 396 23.97 -39.76 33.20
CA ILE B 396 23.85 -38.68 34.19
C ILE B 396 25.24 -38.14 34.48
N PRO B 397 25.57 -36.89 34.10
CA PRO B 397 26.93 -36.39 34.38
C PRO B 397 27.29 -36.46 35.88
N GLU B 398 28.49 -36.97 36.21
CA GLU B 398 28.94 -37.08 37.60
C GLU B 398 29.32 -35.66 38.10
N LEU B 399 28.37 -34.71 37.98
CA LEU B 399 28.61 -33.33 38.32
C LEU B 399 27.47 -32.74 39.08
N LYS B 400 27.71 -32.40 40.35
CA LYS B 400 26.76 -31.73 41.23
C LYS B 400 27.55 -30.93 42.24
N CYS B 401 26.90 -30.00 42.93
CA CYS B 401 27.59 -29.09 43.84
C CYS B 401 26.80 -28.99 45.12
N LYS B 402 27.47 -28.85 46.26
CA LYS B 402 26.77 -28.58 47.53
C LYS B 402 26.37 -27.14 47.53
N ALA B 403 25.22 -26.82 48.11
CA ALA B 403 24.76 -25.43 48.19
C ALA B 403 24.05 -25.24 49.50
N ILE B 404 24.08 -24.02 50.03
CA ILE B 404 23.35 -23.61 51.22
C ILE B 404 22.36 -22.58 50.74
N LEU B 405 21.13 -22.65 51.26
CA LEU B 405 20.07 -21.71 50.94
C LEU B 405 19.11 -21.58 52.16
N GLY B 406 17.93 -21.00 51.94
CA GLY B 406 16.93 -20.82 52.99
C GLY B 406 17.07 -19.49 53.67
N TYR B 407 17.56 -18.47 52.95
CA TYR B 407 17.75 -17.17 53.55
C TYR B 407 16.51 -16.27 53.42
N SER B 408 15.55 -16.52 54.29
CA SER B 408 14.40 -15.65 54.44
C SER B 408 14.92 -14.40 55.20
N VAL B 409 14.13 -13.31 55.26
CA VAL B 409 14.50 -12.10 56.04
C VAL B 409 14.63 -12.50 57.52
N GLU B 410 13.79 -13.41 58.02
CA GLU B 410 13.82 -13.83 59.41
C GLU B 410 15.15 -14.56 59.70
N GLU B 411 15.61 -15.42 58.76
CA GLU B 411 16.83 -16.18 58.94
C GLU B 411 18.04 -15.27 58.84
N ILE B 412 18.01 -14.28 57.92
CA ILE B 412 19.13 -13.33 57.83
C ILE B 412 19.24 -12.62 59.19
N ILE B 413 18.11 -12.18 59.74
CA ILE B 413 18.12 -11.50 61.01
C ILE B 413 18.70 -12.41 62.15
N ASN B 414 18.29 -13.69 62.17
CA ASN B 414 18.78 -14.65 63.17
C ASN B 414 20.27 -14.80 63.11
N LYS B 415 20.86 -14.77 61.89
CA LYS B 415 22.33 -14.86 61.76
C LYS B 415 23.02 -13.57 62.21
N LEU B 416 22.41 -12.42 61.93
CA LEU B 416 22.96 -11.13 62.33
C LEU B 416 23.00 -10.94 63.87
N ASP B 417 22.16 -11.67 64.63
CA ASP B 417 22.18 -11.65 66.10
C ASP B 417 23.58 -12.10 66.66
N LYS B 418 24.30 -12.90 65.91
CA LYS B 418 25.64 -13.37 66.30
C LYS B 418 26.61 -12.20 66.49
N VAL B 419 26.44 -11.12 65.73
CA VAL B 419 27.32 -9.97 65.85
C VAL B 419 26.60 -8.81 66.57
N VAL B 420 25.70 -9.15 67.50
CA VAL B 420 25.01 -8.13 68.26
C VAL B 420 25.59 -8.07 69.66
N ASN B 421 25.89 -6.85 70.14
CA ASN B 421 26.37 -6.60 71.49
C ASN B 421 25.15 -6.51 72.38
N THR B 422 25.01 -7.47 73.30
CA THR B 422 23.88 -7.53 74.23
C THR B 422 23.56 -6.18 74.95
N GLN B 423 24.59 -5.37 75.26
CA GLN B 423 24.43 -4.09 75.97
C GLN B 423 24.01 -2.95 75.04
N ILE B 424 24.86 -2.63 74.05
CA ILE B 424 24.63 -1.53 73.10
C ILE B 424 23.24 -1.61 72.43
N GLY B 425 22.90 -2.76 71.86
CA GLY B 425 21.68 -2.84 71.07
C GLY B 425 20.73 -3.99 71.27
N PRO B 426 19.58 -3.87 70.57
CA PRO B 426 18.56 -4.92 70.61
C PRO B 426 18.86 -6.05 69.63
N MET B 427 18.28 -7.22 69.86
CA MET B 427 18.40 -8.35 68.96
C MET B 427 17.24 -8.30 67.99
N GLN B 428 17.22 -9.23 67.04
CA GLN B 428 16.13 -9.41 66.06
C GLN B 428 15.79 -8.16 65.22
N THR B 429 16.82 -7.51 64.71
CA THR B 429 16.68 -6.34 63.84
C THR B 429 17.73 -6.48 62.75
N VAL B 430 17.62 -5.66 61.71
CA VAL B 430 18.58 -5.61 60.59
C VAL B 430 19.74 -4.63 60.90
N LYS B 431 19.80 -4.09 62.14
CA LYS B 431 20.81 -3.10 62.45
C LYS B 431 22.25 -3.55 62.12
N PRO B 432 22.68 -4.79 62.43
CA PRO B 432 24.06 -5.16 62.10
C PRO B 432 24.34 -5.05 60.58
N LEU B 433 23.31 -5.30 59.72
CA LEU B 433 23.51 -5.19 58.27
C LEU B 433 23.65 -3.70 57.90
N ALA B 434 22.72 -2.85 58.41
CA ALA B 434 22.80 -1.40 58.24
C ALA B 434 24.21 -0.85 58.74
N ASP B 435 24.70 -1.35 59.87
CA ASP B 435 25.98 -0.89 60.42
C ASP B 435 27.15 -1.13 59.46
N VAL B 436 27.26 -2.34 58.86
CA VAL B 436 28.35 -2.61 57.94
C VAL B 436 28.21 -1.83 56.64
N LEU B 437 26.98 -1.51 56.23
CA LEU B 437 26.76 -0.76 55.01
C LEU B 437 27.21 0.66 55.26
N VAL B 438 26.78 1.24 56.39
CA VAL B 438 27.15 2.59 56.74
C VAL B 438 28.68 2.68 56.92
N SER B 439 29.29 1.74 57.63
CA SER B 439 30.73 1.81 57.85
C SER B 439 31.50 1.62 56.54
N GLY B 440 30.90 0.97 55.56
CA GLY B 440 31.57 0.73 54.28
C GLY B 440 32.33 -0.57 54.27
N VAL B 441 32.22 -1.38 55.35
CA VAL B 441 32.82 -2.72 55.34
C VAL B 441 32.11 -3.49 54.16
N LEU B 442 30.81 -3.20 53.94
CA LEU B 442 30.06 -3.62 52.77
C LEU B 442 29.84 -2.35 51.99
N ARG B 443 30.26 -2.33 50.72
CA ARG B 443 30.03 -1.16 49.89
C ARG B 443 28.49 -1.01 49.61
N GLY B 444 27.83 -2.12 49.37
CA GLY B 444 26.40 -2.12 49.08
C GLY B 444 25.84 -3.52 49.03
N ALA B 445 24.54 -3.63 48.65
CA ALA B 445 23.86 -4.93 48.52
C ALA B 445 23.19 -4.98 47.13
N ALA B 446 23.30 -6.11 46.45
CA ALA B 446 22.76 -6.24 45.12
C ALA B 446 21.92 -7.48 45.06
N ALA B 447 20.84 -7.42 44.28
CA ALA B 447 20.02 -8.58 44.00
C ALA B 447 20.33 -9.02 42.59
N VAL B 448 20.78 -10.25 42.36
CA VAL B 448 20.98 -10.78 41.02
C VAL B 448 19.87 -11.81 40.83
N VAL B 449 18.94 -11.56 39.89
CA VAL B 449 17.73 -12.34 39.66
C VAL B 449 17.54 -12.72 38.20
N GLY B 450 16.46 -13.43 37.92
CA GLY B 450 16.06 -13.69 36.55
C GLY B 450 16.52 -14.98 35.90
N CYS B 451 16.02 -15.08 34.64
CA CYS B 451 16.05 -16.20 33.76
C CYS B 451 17.38 -16.46 33.01
N ASN B 452 17.30 -17.35 32.02
CA ASN B 452 18.33 -17.64 31.04
C ASN B 452 17.70 -17.15 29.71
N ASN B 453 18.55 -16.74 28.78
CA ASN B 453 18.11 -16.33 27.47
C ASN B 453 19.16 -16.78 26.47
N PRO B 454 18.81 -17.54 25.42
CA PRO B 454 19.85 -17.97 24.45
C PRO B 454 20.70 -16.87 23.78
N LYS B 455 20.34 -15.59 23.96
CA LYS B 455 21.15 -14.46 23.48
C LYS B 455 22.43 -14.32 24.36
N VAL B 456 22.49 -14.98 25.52
CA VAL B 456 23.63 -14.89 26.44
C VAL B 456 24.13 -16.31 26.70
N VAL B 457 25.46 -16.58 26.64
CA VAL B 457 26.01 -17.94 26.94
C VAL B 457 25.44 -18.33 28.31
N GLN B 458 24.62 -19.40 28.37
CA GLN B 458 23.88 -19.68 29.60
C GLN B 458 24.77 -19.71 30.87
N ASP B 459 24.33 -18.95 31.90
CA ASP B 459 24.92 -18.80 33.22
C ASP B 459 26.19 -17.97 33.27
N SER B 460 26.80 -17.66 32.13
CA SER B 460 28.03 -16.85 32.12
C SER B 460 27.82 -15.46 32.71
N ALA B 461 26.72 -14.74 32.34
CA ALA B 461 26.49 -13.38 32.84
C ALA B 461 26.05 -13.38 34.30
N HIS B 462 25.33 -14.42 34.75
CA HIS B 462 24.96 -14.54 36.16
C HIS B 462 26.23 -14.63 37.04
N ILE B 463 27.13 -15.59 36.71
CA ILE B 463 28.33 -15.85 37.49
C ILE B 463 29.30 -14.66 37.43
N GLU B 464 29.49 -14.11 36.23
CA GLU B 464 30.41 -12.99 36.05
C GLU B 464 29.94 -11.79 36.86
N THR B 465 28.62 -11.55 36.90
CA THR B 465 28.10 -10.42 37.64
C THR B 465 28.29 -10.61 39.13
N ILE B 466 27.81 -11.76 39.65
CA ILE B 466 27.89 -12.07 41.08
C ILE B 466 29.33 -12.02 41.57
N LYS B 467 30.26 -12.66 40.81
CA LYS B 467 31.66 -12.69 41.23
C LYS B 467 32.25 -11.32 41.26
N GLY B 468 31.98 -10.52 40.23
CA GLY B 468 32.49 -9.17 40.19
C GLY B 468 31.98 -8.34 41.35
N LEU B 469 30.71 -8.57 41.78
CA LEU B 469 30.15 -7.77 42.88
C LEU B 469 30.72 -8.20 44.23
N ILE B 470 30.70 -9.51 44.55
CA ILE B 470 31.25 -9.94 45.85
C ILE B 470 32.75 -9.56 45.95
N LYS B 471 33.50 -9.64 44.84
CA LYS B 471 34.89 -9.15 44.81
C LYS B 471 35.01 -7.68 45.25
N ASN B 472 34.02 -6.80 44.89
CA ASN B 472 34.03 -5.37 45.27
C ASN B 472 33.28 -5.05 46.57
N ASP B 473 33.21 -6.04 47.48
CA ASP B 473 32.58 -5.94 48.79
C ASP B 473 31.09 -5.59 48.74
N VAL B 474 30.41 -6.06 47.71
CA VAL B 474 28.97 -5.86 47.59
C VAL B 474 28.32 -7.21 47.94
N ILE B 475 27.60 -7.31 49.09
CA ILE B 475 26.97 -8.60 49.41
C ILE B 475 25.85 -8.89 48.37
N VAL B 476 25.76 -10.12 47.87
CA VAL B 476 24.77 -10.50 46.84
C VAL B 476 23.71 -11.40 47.41
N VAL B 477 22.44 -11.12 47.02
CA VAL B 477 21.25 -11.92 47.32
C VAL B 477 20.71 -12.39 45.97
N VAL B 478 20.33 -13.67 45.90
CA VAL B 478 19.87 -14.27 44.65
C VAL B 478 18.50 -14.98 44.81
N THR B 479 17.78 -15.08 43.66
CA THR B 479 16.49 -15.77 43.54
C THR B 479 16.41 -16.33 42.13
N GLY B 480 15.44 -17.22 41.94
CA GLY B 480 15.12 -17.75 40.61
C GLY B 480 16.26 -18.50 39.96
N CYS B 481 16.35 -18.41 38.62
CA CYS B 481 17.36 -19.17 37.88
C CYS B 481 18.78 -18.61 38.08
N ALA B 482 18.87 -17.33 38.49
CA ALA B 482 20.17 -16.75 38.82
C ALA B 482 20.70 -17.44 40.12
N ALA B 483 19.80 -17.73 41.08
CA ALA B 483 20.18 -18.41 42.31
C ALA B 483 20.62 -19.86 42.01
N GLN B 484 19.96 -20.52 41.06
CA GLN B 484 20.32 -21.89 40.70
C GLN B 484 21.60 -21.89 39.88
N ALA B 485 21.89 -20.82 39.10
CA ALA B 485 23.20 -20.69 38.44
C ALA B 485 24.29 -20.61 39.49
N ALA B 486 24.10 -19.81 40.55
CA ALA B 486 25.08 -19.69 41.61
C ALA B 486 25.22 -21.03 42.35
N ALA B 487 24.12 -21.76 42.57
CA ALA B 487 24.11 -23.03 43.30
C ALA B 487 24.99 -24.05 42.59
N LYS B 488 24.75 -24.24 41.26
CA LYS B 488 25.49 -25.15 40.44
C LYS B 488 27.01 -24.83 40.44
N TYR B 489 27.35 -23.56 40.41
CA TYR B 489 28.71 -23.11 40.27
C TYR B 489 29.55 -23.23 41.58
N GLY B 490 28.89 -23.15 42.72
CA GLY B 490 29.53 -23.28 44.01
C GLY B 490 29.63 -21.96 44.75
N LEU B 491 28.85 -20.94 44.37
CA LEU B 491 28.91 -19.67 45.11
C LEU B 491 28.08 -19.71 46.40
N LEU B 492 27.09 -20.61 46.47
CA LEU B 492 26.29 -20.76 47.69
C LEU B 492 27.00 -21.66 48.69
N GLN B 493 28.21 -21.25 49.13
CA GLN B 493 28.99 -22.03 50.07
C GLN B 493 29.71 -21.09 50.98
N LYS B 494 29.92 -21.49 52.25
CA LYS B 494 30.70 -20.62 53.17
C LYS B 494 32.13 -20.43 52.63
N GLU B 495 32.64 -21.47 51.94
CA GLU B 495 33.97 -21.50 51.35
C GLU B 495 34.12 -20.53 50.17
N ALA B 496 33.02 -20.05 49.57
CA ALA B 496 33.15 -19.10 48.46
C ALA B 496 33.65 -17.72 48.94
N ALA B 497 33.53 -17.41 50.28
CA ALA B 497 33.97 -16.12 50.79
C ALA B 497 35.48 -15.99 50.57
N GLU B 498 36.30 -16.96 51.05
CA GLU B 498 37.75 -16.84 50.87
C GLU B 498 38.12 -16.86 49.38
N LYS B 499 37.54 -17.77 48.58
CA LYS B 499 37.83 -17.83 47.14
C LYS B 499 37.53 -16.53 46.37
N TYR B 500 36.35 -15.90 46.61
CA TYR B 500 35.90 -14.82 45.73
C TYR B 500 35.56 -13.50 46.38
N ALA B 501 35.19 -13.48 47.65
CA ALA B 501 34.81 -12.21 48.27
C ALA B 501 35.99 -11.25 48.55
N GLY B 502 35.66 -9.96 48.45
CA GLY B 502 36.59 -8.90 48.83
C GLY B 502 36.87 -8.98 50.32
N PRO B 503 37.80 -8.17 50.82
CA PRO B 503 38.13 -8.23 52.25
C PRO B 503 36.98 -7.93 53.23
N GLY B 504 36.20 -6.86 53.01
CA GLY B 504 35.09 -6.50 53.91
C GLY B 504 34.00 -7.55 53.93
N LEU B 505 33.63 -8.02 52.75
CA LEU B 505 32.61 -9.05 52.64
C LEU B 505 33.16 -10.35 53.24
N ALA B 506 34.45 -10.69 53.01
CA ALA B 506 35.04 -11.90 53.57
C ALA B 506 35.01 -11.87 55.13
N THR B 507 35.27 -10.71 55.69
CA THR B 507 35.19 -10.54 57.12
C THR B 507 33.77 -10.78 57.62
N VAL B 508 32.78 -10.08 57.02
CA VAL B 508 31.38 -10.19 57.42
C VAL B 508 30.93 -11.69 57.31
N CYS B 509 31.33 -12.37 56.25
CA CYS B 509 31.03 -13.76 56.08
C CYS B 509 31.64 -14.62 57.18
N LYS B 510 32.89 -14.34 57.62
CA LYS B 510 33.50 -15.14 58.69
C LYS B 510 32.76 -14.86 59.99
N LEU B 511 32.46 -13.60 60.29
CA LEU B 511 31.77 -13.29 61.53
C LEU B 511 30.33 -13.78 61.61
N VAL B 512 29.54 -13.55 60.55
CA VAL B 512 28.13 -13.90 60.54
C VAL B 512 27.91 -15.38 60.22
N ASP B 513 28.95 -16.06 59.67
CA ASP B 513 28.92 -17.48 59.30
C ASP B 513 27.83 -17.72 58.25
N ILE B 514 28.02 -17.05 57.10
CA ILE B 514 27.12 -17.15 55.95
C ILE B 514 27.98 -17.20 54.69
N PRO B 515 27.46 -17.73 53.56
CA PRO B 515 28.18 -17.59 52.28
C PRO B 515 28.13 -16.12 51.83
N PRO B 516 28.93 -15.69 50.83
CA PRO B 516 28.83 -14.29 50.38
C PRO B 516 27.63 -14.03 49.42
N VAL B 517 26.98 -15.11 48.90
CA VAL B 517 25.84 -15.05 47.99
C VAL B 517 24.69 -15.77 48.70
N LEU B 518 23.62 -15.03 49.02
CA LEU B 518 22.48 -15.54 49.79
C LEU B 518 21.23 -15.90 48.94
N HIS B 519 20.93 -17.17 48.85
CA HIS B 519 19.74 -17.64 48.13
C HIS B 519 18.50 -17.37 48.95
N MET B 520 17.71 -16.38 48.52
CA MET B 520 16.52 -15.95 49.23
C MET B 520 15.22 -16.49 48.62
N GLY B 521 15.33 -17.44 47.68
CA GLY B 521 14.17 -18.15 47.16
C GLY B 521 13.86 -18.06 45.69
N SER B 522 12.55 -18.20 45.37
CA SER B 522 11.95 -18.15 44.03
C SER B 522 11.78 -16.69 43.55
N CYS B 523 11.17 -16.50 42.41
CA CYS B 523 10.93 -15.17 41.87
C CYS B 523 9.92 -14.39 42.64
N VAL B 524 8.80 -15.01 43.14
CA VAL B 524 7.88 -14.25 44.02
C VAL B 524 8.65 -13.84 45.30
N ASP B 525 9.67 -14.60 45.69
CA ASP B 525 10.48 -14.30 46.87
C ASP B 525 11.42 -13.11 46.63
N ILE B 526 11.30 -12.43 45.47
CA ILE B 526 12.00 -11.16 45.29
C ILE B 526 11.35 -10.15 46.29
N SER B 527 10.07 -10.37 46.67
CA SER B 527 9.36 -9.60 47.68
C SER B 527 10.11 -9.62 49.04
N ARG B 528 10.87 -10.70 49.35
CA ARG B 528 11.71 -10.78 50.56
C ARG B 528 12.84 -9.75 50.45
N ILE B 529 13.38 -9.53 49.23
CA ILE B 529 14.42 -8.53 48.99
C ILE B 529 13.84 -7.11 49.21
N LEU B 530 12.64 -6.83 48.65
CA LEU B 530 11.97 -5.54 48.89
C LEU B 530 11.81 -5.31 50.39
N ASP B 531 11.39 -6.37 51.08
CA ASP B 531 11.15 -6.38 52.52
C ASP B 531 12.46 -6.08 53.29
N LEU B 532 13.58 -6.72 52.88
CA LEU B 532 14.89 -6.54 53.51
C LEU B 532 15.42 -5.13 53.31
N VAL B 533 15.38 -4.62 52.07
CA VAL B 533 15.82 -3.26 51.76
C VAL B 533 14.95 -2.21 52.46
N GLY B 534 13.65 -2.44 52.53
CA GLY B 534 12.73 -1.50 53.14
C GLY B 534 12.97 -1.40 54.63
N ARG B 535 13.29 -2.53 55.28
CA ARG B 535 13.58 -2.54 56.72
C ARG B 535 14.90 -1.76 57.05
N VAL B 536 15.90 -1.92 56.18
CA VAL B 536 17.14 -1.17 56.35
C VAL B 536 16.86 0.32 56.11
N ALA B 537 16.11 0.67 55.05
CA ALA B 537 15.75 2.08 54.79
C ALA B 537 15.09 2.72 56.07
N ASN B 538 14.08 2.04 56.61
CA ASN B 538 13.35 2.52 57.75
C ASN B 538 14.25 2.64 58.96
N LEU B 539 15.14 1.67 59.16
CA LEU B 539 16.04 1.73 60.30
C LEU B 539 16.97 2.94 60.19
N LEU B 540 17.45 3.29 58.99
CA LEU B 540 18.26 4.49 58.81
C LEU B 540 17.42 5.78 58.57
N GLY B 541 16.10 5.68 58.64
CA GLY B 541 15.22 6.81 58.42
C GLY B 541 15.33 7.44 57.05
N VAL B 542 15.58 6.63 56.01
CA VAL B 542 15.72 7.17 54.65
C VAL B 542 14.73 6.49 53.70
N ASP B 543 14.79 6.82 52.41
CA ASP B 543 13.95 6.14 51.42
C ASP B 543 14.81 5.09 50.74
N MET B 544 14.21 4.08 50.14
CA MET B 544 14.96 3.00 49.50
C MET B 544 15.89 3.47 48.40
N SER B 545 15.55 4.57 47.73
CA SER B 545 16.41 5.16 46.71
C SER B 545 17.67 5.86 47.31
N ASP B 546 17.74 6.05 48.63
CA ASP B 546 18.89 6.69 49.25
C ASP B 546 20.00 5.67 49.52
N LEU B 547 19.66 4.37 49.55
CA LEU B 547 20.62 3.33 49.91
C LEU B 547 21.51 2.88 48.78
N PRO B 548 22.73 2.37 49.11
CA PRO B 548 23.59 1.76 48.07
C PRO B 548 23.14 0.34 47.76
N VAL B 549 22.05 0.22 46.97
CA VAL B 549 21.51 -1.07 46.57
C VAL B 549 21.23 -1.06 45.08
N ALA B 550 21.17 -2.24 44.51
CA ALA B 550 20.91 -2.38 43.09
C ALA B 550 20.24 -3.71 42.79
N GLY B 551 19.62 -3.80 41.62
CA GLY B 551 19.06 -5.04 41.12
C GLY B 551 19.71 -5.33 39.78
N VAL B 552 19.86 -6.64 39.42
CA VAL B 552 20.46 -7.04 38.15
C VAL B 552 19.74 -8.27 37.65
N ALA B 553 19.32 -8.24 36.37
CA ALA B 553 18.71 -9.36 35.68
C ALA B 553 19.63 -9.65 34.46
N PRO B 554 20.76 -10.37 34.71
CA PRO B 554 21.76 -10.60 33.65
C PRO B 554 21.34 -11.39 32.41
N GLU B 555 20.34 -12.26 32.48
CA GLU B 555 19.98 -13.09 31.31
C GLU B 555 18.45 -13.23 31.23
N TRP B 556 17.72 -12.19 31.61
CA TRP B 556 16.26 -12.28 31.65
C TRP B 556 15.64 -12.59 30.31
N MET B 557 14.42 -13.14 30.34
CA MET B 557 13.68 -13.49 29.14
C MET B 557 12.15 -13.22 29.29
N SER B 558 11.55 -13.51 30.47
CA SER B 558 10.11 -13.52 30.60
C SER B 558 9.48 -12.14 30.77
N GLU B 559 8.12 -12.08 30.56
CA GLU B 559 7.35 -10.88 30.85
C GLU B 559 7.33 -10.67 32.40
N LYS B 560 7.51 -11.74 33.22
CA LYS B 560 7.61 -11.57 34.67
C LYS B 560 8.86 -10.74 35.05
N ALA B 561 9.99 -10.97 34.34
CA ALA B 561 11.20 -10.24 34.61
C ALA B 561 11.02 -8.71 34.28
N VAL B 562 10.22 -8.37 33.29
CA VAL B 562 9.96 -6.96 32.93
C VAL B 562 9.13 -6.31 34.04
N ALA B 563 8.10 -7.04 34.52
CA ALA B 563 7.32 -6.61 35.64
C ALA B 563 8.26 -6.44 36.89
N ILE B 564 9.16 -7.41 37.15
CA ILE B 564 10.07 -7.35 38.30
C ILE B 564 10.98 -6.12 38.22
N GLY B 565 11.62 -5.93 37.08
CA GLY B 565 12.52 -4.79 36.89
C GLY B 565 11.81 -3.47 37.11
N THR B 566 10.57 -3.38 36.62
CA THR B 566 9.76 -2.17 36.73
C THR B 566 9.36 -1.87 38.18
N TYR B 567 8.94 -2.87 39.01
CA TYR B 567 8.60 -2.55 40.38
C TYR B 567 9.88 -2.36 41.27
N VAL B 568 11.03 -2.92 40.86
CA VAL B 568 12.25 -2.72 41.66
C VAL B 568 12.68 -1.27 41.46
N VAL B 569 12.60 -0.76 40.21
CA VAL B 569 12.99 0.63 39.92
C VAL B 569 11.97 1.63 40.54
N THR B 570 10.68 1.32 40.43
CA THR B 570 9.62 2.14 40.97
C THR B 570 9.69 2.22 42.52
N SER B 571 10.28 1.20 43.14
CA SER B 571 10.46 1.13 44.57
C SER B 571 11.74 1.87 45.00
N GLY B 572 12.50 2.42 44.04
CA GLY B 572 13.72 3.17 44.33
C GLY B 572 15.02 2.41 44.21
N ILE B 573 15.02 1.23 43.58
CA ILE B 573 16.25 0.44 43.44
C ILE B 573 16.72 0.42 41.97
N ASP B 574 17.92 0.96 41.69
CA ASP B 574 18.47 0.97 40.32
C ASP B 574 18.52 -0.44 39.78
N THR B 575 18.07 -0.66 38.53
CA THR B 575 18.09 -2.01 37.96
C THR B 575 18.89 -2.07 36.66
N TRP B 576 19.85 -3.01 36.59
CA TRP B 576 20.66 -3.29 35.40
C TRP B 576 20.05 -4.48 34.63
N LEU B 577 19.97 -4.37 33.31
CA LEU B 577 19.39 -5.45 32.47
C LEU B 577 20.47 -5.96 31.55
N GLY B 578 20.68 -7.25 31.57
CA GLY B 578 21.72 -7.87 30.74
C GLY B 578 21.28 -8.23 29.33
N VAL B 579 19.96 -8.19 29.10
CA VAL B 579 19.31 -8.43 27.82
C VAL B 579 18.53 -7.16 27.59
N ALA B 580 18.70 -6.56 26.42
CA ALA B 580 18.03 -5.29 26.13
C ALA B 580 16.52 -5.52 25.97
N PRO B 581 15.64 -4.75 26.66
CA PRO B 581 14.20 -4.89 26.39
C PRO B 581 13.88 -4.27 25.03
N PRO B 582 12.70 -4.56 24.45
CA PRO B 582 12.40 -4.01 23.10
C PRO B 582 11.94 -2.54 23.14
N VAL B 583 12.90 -1.61 23.32
CA VAL B 583 12.58 -0.19 23.42
C VAL B 583 13.46 0.72 22.55
N THR B 584 14.50 0.21 21.87
CA THR B 584 15.44 1.09 21.18
C THR B 584 14.80 2.03 20.16
N GLY B 585 13.70 1.59 19.55
CA GLY B 585 13.01 2.36 18.52
C GLY B 585 12.15 3.51 19.03
N GLY B 586 12.06 3.69 20.35
CA GLY B 586 11.28 4.75 20.99
C GLY B 586 12.19 5.62 21.84
N PRO B 587 12.71 6.69 21.21
CA PRO B 587 13.68 7.53 21.89
C PRO B 587 13.16 8.09 23.20
N GLU B 588 11.90 8.50 23.24
CA GLU B 588 11.32 9.05 24.47
C GLU B 588 11.26 7.99 25.57
N VAL B 589 10.90 6.75 25.17
CA VAL B 589 10.81 5.63 26.10
C VAL B 589 12.19 5.35 26.69
N VAL B 590 13.23 5.24 25.86
CA VAL B 590 14.60 5.03 26.36
C VAL B 590 14.99 6.14 27.32
N ASP B 591 14.63 7.41 27.03
CA ASP B 591 14.98 8.52 27.93
C ASP B 591 14.23 8.46 29.28
N ILE B 592 12.96 8.06 29.23
CA ILE B 592 12.14 7.89 30.42
C ILE B 592 12.79 6.76 31.30
N LEU B 593 13.02 5.57 30.69
CA LEU B 593 13.53 4.42 31.43
C LEU B 593 14.96 4.56 31.96
N THR B 594 15.85 5.14 31.17
CA THR B 594 17.26 5.21 31.56
C THR B 594 17.68 6.62 31.99
N ASN B 595 16.75 7.52 32.29
CA ASN B 595 17.14 8.86 32.71
C ASN B 595 16.05 9.60 33.54
N LYS B 596 14.95 10.01 32.91
CA LYS B 596 13.85 10.76 33.56
C LYS B 596 13.30 10.04 34.77
N MET B 597 13.29 8.70 34.72
CA MET B 597 12.82 7.82 35.76
C MET B 597 13.44 8.20 37.11
N GLU B 598 14.73 8.52 37.11
CA GLU B 598 15.47 8.92 38.31
C GLU B 598 14.82 10.14 38.98
N ASP B 599 14.29 11.08 38.18
CA ASP B 599 13.61 12.27 38.70
C ASP B 599 12.26 11.92 39.31
N TRP B 600 11.63 10.85 38.85
CA TRP B 600 10.33 10.40 39.34
C TRP B 600 10.43 9.57 40.64
N VAL B 601 11.29 8.56 40.64
CA VAL B 601 11.35 7.60 41.73
C VAL B 601 12.74 7.42 42.40
N GLY B 602 13.74 8.20 41.99
CA GLY B 602 15.09 8.16 42.58
C GLY B 602 15.96 6.99 42.10
N ALA B 603 15.44 6.26 41.11
CA ALA B 603 16.15 5.12 40.54
C ALA B 603 15.81 5.07 39.05
N LYS B 604 16.57 4.30 38.29
CA LYS B 604 16.37 4.17 36.86
C LYS B 604 16.90 2.82 36.34
N PHE B 605 16.63 2.51 35.06
CA PHE B 605 17.17 1.31 34.42
C PHE B 605 18.54 1.60 33.85
N PHE B 606 19.37 0.55 33.74
CA PHE B 606 20.65 0.60 33.06
C PHE B 606 20.64 -0.62 32.15
N ILE B 607 20.96 -0.46 30.86
CA ILE B 607 20.99 -1.62 29.95
C ILE B 607 22.44 -1.95 29.60
N GLU B 608 22.98 -3.04 30.12
CA GLU B 608 24.40 -3.36 29.91
C GLU B 608 24.61 -4.84 29.64
N THR B 609 24.98 -5.20 28.41
CA THR B 609 25.13 -6.61 28.05
C THR B 609 26.51 -7.17 28.36
N ASP B 610 27.42 -6.35 28.92
CA ASP B 610 28.74 -6.80 29.29
C ASP B 610 28.75 -6.86 30.82
N PRO B 611 28.78 -8.06 31.42
CA PRO B 611 28.73 -8.13 32.87
C PRO B 611 29.87 -7.39 33.55
N HIS B 612 31.07 -7.33 32.93
CA HIS B 612 32.21 -6.64 33.56
C HIS B 612 31.96 -5.15 33.60
N LYS B 613 31.28 -4.60 32.60
CA LYS B 613 30.91 -3.19 32.58
C LYS B 613 29.78 -2.91 33.59
N ALA B 614 28.79 -3.84 33.69
CA ALA B 614 27.69 -3.69 34.64
C ALA B 614 28.23 -3.59 36.11
N VAL B 615 29.19 -4.41 36.49
CA VAL B 615 29.78 -4.38 37.83
C VAL B 615 30.48 -3.04 38.08
N GLU B 616 31.24 -2.52 37.12
CA GLU B 616 31.88 -1.20 37.27
C GLU B 616 30.82 -0.10 37.48
N GLN B 617 29.67 -0.18 36.75
CA GLN B 617 28.60 0.81 36.81
C GLN B 617 27.85 0.75 38.14
N ILE B 618 27.51 -0.47 38.59
CA ILE B 618 26.82 -0.66 39.86
C ILE B 618 27.70 -0.10 40.97
N VAL B 619 28.99 -0.51 41.01
CA VAL B 619 29.93 -0.03 42.05
C VAL B 619 30.04 1.52 42.05
N ASN B 620 30.21 2.14 40.86
CA ASN B 620 30.30 3.61 40.78
C ASN B 620 29.00 4.27 41.23
N ARG B 621 27.85 3.67 40.84
CA ARG B 621 26.54 4.17 41.21
C ARG B 621 26.36 4.09 42.73
N MET B 622 26.72 2.97 43.35
CA MET B 622 26.60 2.87 44.81
C MET B 622 27.49 3.88 45.50
N ASN B 623 28.73 4.14 44.96
CA ASN B 623 29.64 5.15 45.55
C ASN B 623 29.01 6.55 45.41
N GLU B 624 28.31 6.81 44.31
CA GLU B 624 27.61 8.10 44.14
C GLU B 624 26.58 8.27 45.26
N LYS B 625 25.71 7.24 45.43
CA LYS B 625 24.64 7.24 46.43
C LYS B 625 25.24 7.27 47.84
N ARG B 626 26.38 6.60 48.06
CA ARG B 626 27.02 6.59 49.38
C ARG B 626 27.45 8.00 49.75
N LYS B 627 28.03 8.72 48.80
CA LYS B 627 28.46 10.09 48.98
C LYS B 627 27.23 10.99 49.25
N LYS B 628 26.15 10.85 48.44
CA LYS B 628 24.94 11.65 48.64
C LYS B 628 24.33 11.41 50.03
N LEU B 629 24.43 10.18 50.54
CA LEU B 629 23.91 9.86 51.86
C LEU B 629 24.92 10.18 52.99
N GLY B 630 26.16 10.46 52.63
CA GLY B 630 27.20 10.81 53.58
C GLY B 630 27.84 9.64 54.31
N ILE B 631 28.00 8.45 53.66
CA ILE B 631 28.58 7.25 54.32
C ILE B 631 29.78 6.66 53.57
N LYS C 4 37.87 19.97 -38.03
CA LYS C 4 38.32 19.25 -39.21
C LYS C 4 38.78 17.84 -38.91
N ALA C 5 39.41 17.54 -37.73
CA ALA C 5 39.77 16.13 -37.45
C ALA C 5 38.45 15.31 -37.39
N LYS C 6 38.36 14.24 -38.14
CA LYS C 6 37.14 13.42 -38.16
C LYS C 6 37.05 12.54 -36.90
N SER C 7 38.23 12.27 -36.27
CA SER C 7 38.31 11.43 -35.09
C SER C 7 39.68 11.58 -34.36
N ILE C 8 39.73 11.18 -33.11
CA ILE C 8 40.99 11.13 -32.35
C ILE C 8 41.57 9.70 -32.42
N ASP C 9 40.79 8.70 -32.87
CA ASP C 9 41.24 7.32 -32.89
C ASP C 9 42.01 7.03 -34.13
N GLN C 10 43.24 6.47 -33.99
CA GLN C 10 44.09 6.15 -35.14
C GLN C 10 43.54 5.09 -36.10
N ALA C 11 43.07 3.95 -35.55
CA ALA C 11 42.50 2.87 -36.36
C ALA C 11 41.32 3.41 -37.22
N THR C 12 40.52 4.34 -36.65
CA THR C 12 39.38 4.98 -37.34
C THR C 12 39.91 5.84 -38.51
N LEU C 13 40.96 6.70 -38.25
CA LEU C 13 41.57 7.53 -39.29
C LEU C 13 42.24 6.68 -40.41
N GLN C 14 42.86 5.53 -40.05
CA GLN C 14 43.46 4.62 -41.04
C GLN C 14 42.39 4.09 -41.97
N LEU C 15 41.25 3.63 -41.41
CA LEU C 15 40.19 3.08 -42.24
C LEU C 15 39.42 4.11 -42.98
N LEU C 16 39.47 5.37 -42.53
CA LEU C 16 38.83 6.47 -43.22
C LEU C 16 39.56 6.75 -44.55
N ASP C 17 40.89 6.53 -44.55
CA ASP C 17 41.71 6.68 -45.74
C ASP C 17 41.47 5.51 -46.69
N LYS C 18 41.33 4.28 -46.16
CA LYS C 18 41.05 3.12 -46.99
C LYS C 18 39.63 3.25 -47.62
N ALA C 19 38.68 3.88 -46.88
CA ALA C 19 37.31 4.08 -47.39
C ALA C 19 37.36 5.04 -48.58
N LYS C 20 38.19 6.10 -48.50
CA LYS C 20 38.34 7.06 -49.61
C LYS C 20 39.00 6.33 -50.79
N GLN C 21 40.00 5.49 -50.50
CA GLN C 21 40.72 4.69 -51.49
C GLN C 21 39.73 3.83 -52.25
N ASP C 22 38.85 3.14 -51.51
CA ASP C 22 37.87 2.21 -52.03
C ASP C 22 36.72 2.88 -52.79
N GLY C 23 36.56 4.18 -52.62
CA GLY C 23 35.49 4.94 -53.29
C GLY C 23 34.13 4.82 -52.62
N VAL C 24 34.12 4.34 -51.36
CA VAL C 24 32.90 4.18 -50.59
C VAL C 24 32.67 5.41 -49.74
N GLU C 25 31.40 5.64 -49.39
CA GLU C 25 30.93 6.80 -48.64
C GLU C 25 30.79 6.48 -47.17
N THR C 26 30.96 7.49 -46.30
CA THR C 26 30.79 7.36 -44.85
C THR C 26 29.85 8.43 -44.31
N VAL C 27 29.48 8.29 -43.04
CA VAL C 27 28.66 9.25 -42.29
C VAL C 27 29.32 10.66 -42.34
N TRP C 28 30.68 10.72 -42.28
CA TRP C 28 31.40 11.99 -42.35
C TRP C 28 31.22 12.67 -43.71
N ASP C 29 31.16 11.89 -44.78
CA ASP C 29 30.96 12.43 -46.11
C ASP C 29 29.54 12.97 -46.26
N ARG C 30 28.53 12.23 -45.78
CA ARG C 30 27.13 12.67 -45.87
C ARG C 30 26.90 13.93 -44.96
N LYS C 31 27.63 14.03 -43.86
CA LYS C 31 27.59 15.21 -43.00
C LYS C 31 28.00 16.44 -43.83
N ALA C 32 29.15 16.33 -44.51
CA ALA C 32 29.66 17.38 -45.37
C ALA C 32 28.67 17.70 -46.52
N ASP C 33 28.09 16.66 -47.13
CA ASP C 33 27.13 16.84 -48.21
C ASP C 33 25.91 17.65 -47.74
N MET C 34 25.53 17.53 -46.45
CA MET C 34 24.37 18.24 -45.91
C MET C 34 24.65 19.76 -45.75
N LYS C 35 25.91 20.19 -45.87
CA LYS C 35 26.30 21.60 -45.87
C LYS C 35 25.74 22.37 -44.64
N VAL C 36 25.17 23.58 -44.84
CA VAL C 36 24.64 24.34 -43.73
C VAL C 36 23.26 23.80 -43.39
N GLN C 37 23.11 23.25 -42.18
CA GLN C 37 21.84 22.65 -41.78
C GLN C 37 20.77 23.73 -41.52
N CYS C 38 19.49 23.36 -41.74
CA CYS C 38 18.40 24.32 -41.60
C CYS C 38 18.46 25.05 -40.27
N GLY C 39 18.42 26.37 -40.31
CA GLY C 39 18.46 27.21 -39.13
C GLY C 39 17.18 27.12 -38.35
N PHE C 40 16.04 26.91 -39.05
CA PHE C 40 14.76 26.79 -38.38
C PHE C 40 14.73 25.46 -37.62
N GLY C 41 14.88 24.33 -38.32
CA GLY C 41 14.93 23.02 -37.69
C GLY C 41 15.98 22.95 -36.58
N SER C 42 17.12 23.61 -36.77
CA SER C 42 18.19 23.61 -35.77
C SER C 42 17.83 24.37 -34.50
N ALA C 43 17.03 25.44 -34.60
CA ALA C 43 16.59 26.22 -33.43
C ALA C 43 15.25 25.66 -32.83
N GLY C 44 14.66 24.66 -33.52
CA GLY C 44 13.42 24.00 -33.15
C GLY C 44 12.17 24.81 -33.47
N VAL C 45 12.28 25.83 -34.34
CA VAL C 45 11.14 26.71 -34.65
C VAL C 45 10.39 26.31 -35.92
N CYS C 46 10.70 25.12 -36.48
CA CYS C 46 9.89 24.62 -37.60
C CYS C 46 8.87 23.62 -37.03
N CYS C 47 7.62 23.64 -37.57
CA CYS C 47 6.59 22.71 -37.20
C CYS C 47 5.99 22.04 -38.44
N ARG C 48 5.75 20.73 -38.33
CA ARG C 48 5.13 19.91 -39.36
C ARG C 48 4.03 18.97 -38.73
N ASN C 49 3.38 19.43 -37.63
CA ASN C 49 2.41 18.61 -36.93
C ASN C 49 1.05 18.48 -37.58
N CYS C 50 0.83 19.14 -38.71
CA CYS C 50 -0.44 19.05 -39.43
C CYS C 50 -0.21 19.56 -40.84
N SER C 51 -1.18 19.28 -41.75
CA SER C 51 -1.18 19.66 -43.16
C SER C 51 -1.48 21.09 -43.42
N MET C 52 -1.84 21.88 -42.41
CA MET C 52 -1.95 23.34 -42.62
C MET C 52 -0.48 23.83 -42.86
N GLY C 53 0.50 23.18 -42.21
CA GLY C 53 1.90 23.50 -42.40
C GLY C 53 2.46 22.99 -43.72
N PRO C 54 3.81 22.96 -43.87
CA PRO C 54 4.84 23.33 -42.85
C PRO C 54 4.78 24.76 -42.35
N CYS C 55 5.12 24.99 -41.06
CA CYS C 55 5.13 26.34 -40.47
C CYS C 55 6.52 26.58 -39.93
N ARG C 56 7.04 27.80 -40.04
CA ARG C 56 8.32 28.16 -39.43
C ARG C 56 8.16 29.55 -38.86
N VAL C 57 8.57 29.72 -37.61
CA VAL C 57 8.45 31.02 -36.95
C VAL C 57 9.84 31.53 -36.63
N SER C 58 9.93 32.81 -36.34
CA SER C 58 11.20 33.44 -36.08
C SER C 58 11.87 32.87 -34.82
N PRO C 59 13.17 32.46 -34.88
CA PRO C 59 13.88 32.07 -33.66
C PRO C 59 14.34 33.30 -32.87
N VAL C 60 14.02 34.52 -33.40
CA VAL C 60 14.36 35.79 -32.74
C VAL C 60 13.09 36.47 -32.33
N PRO C 61 12.79 36.53 -31.00
CA PRO C 61 11.56 37.22 -30.57
C PRO C 61 11.48 38.69 -30.94
N GLY C 62 10.29 39.12 -31.34
CA GLY C 62 10.08 40.50 -31.74
C GLY C 62 10.28 40.72 -33.23
N LYS C 63 10.86 39.75 -33.95
CA LYS C 63 11.10 39.86 -35.41
C LYS C 63 10.40 38.78 -36.17
N GLY C 64 10.26 39.01 -37.47
CA GLY C 64 9.69 38.07 -38.44
C GLY C 64 8.36 37.49 -38.10
N VAL C 65 8.05 36.32 -38.68
CA VAL C 65 6.78 35.62 -38.46
C VAL C 65 6.81 35.04 -37.08
N GLU C 66 5.82 35.36 -36.26
CA GLU C 66 5.84 34.96 -34.85
C GLU C 66 4.94 33.77 -34.50
N ARG C 67 3.90 33.48 -35.31
CA ARG C 67 2.98 32.40 -34.97
C ARG C 67 2.75 31.46 -36.14
N GLY C 68 2.53 30.18 -35.85
CA GLY C 68 2.18 29.20 -36.87
C GLY C 68 0.76 29.44 -37.31
N ILE C 69 0.31 28.77 -38.39
CA ILE C 69 -1.02 29.03 -38.94
C ILE C 69 -2.16 28.80 -37.92
N CYS C 70 -2.00 27.79 -37.05
CA CYS C 70 -3.01 27.56 -36.01
C CYS C 70 -2.88 28.63 -34.83
N GLY C 71 -1.76 29.34 -34.79
CA GLY C 71 -1.54 30.35 -33.76
C GLY C 71 -0.44 29.95 -32.81
N ALA C 72 0.22 28.76 -33.03
CA ALA C 72 1.30 28.29 -32.14
C ALA C 72 2.50 29.23 -32.15
N THR C 73 2.99 29.64 -30.95
CA THR C 73 4.17 30.50 -30.81
C THR C 73 5.46 29.66 -30.92
N ALA C 74 6.64 30.31 -30.95
CA ALA C 74 7.91 29.61 -31.02
C ALA C 74 8.07 28.67 -29.83
N ASP C 75 7.71 29.12 -28.61
CA ASP C 75 7.84 28.28 -27.41
C ASP C 75 6.97 27.04 -27.51
N VAL C 76 5.77 27.20 -28.04
CA VAL C 76 4.86 26.08 -28.25
C VAL C 76 5.50 25.09 -29.27
N ILE C 77 5.95 25.60 -30.43
CA ILE C 77 6.54 24.72 -31.43
C ILE C 77 7.79 24.01 -30.92
N VAL C 78 8.69 24.75 -30.22
CA VAL C 78 9.90 24.18 -29.69
C VAL C 78 9.57 23.10 -28.64
N SER C 79 8.72 23.41 -27.65
CA SER C 79 8.38 22.48 -26.56
C SER C 79 7.74 21.20 -27.08
N ARG C 80 6.84 21.29 -28.04
CA ARG C 80 6.24 20.07 -28.60
C ARG C 80 7.31 19.20 -29.33
N ASN C 81 8.22 19.85 -30.07
CA ASN C 81 9.22 19.11 -30.83
C ASN C 81 10.21 18.40 -29.87
N PHE C 82 10.49 19.07 -28.74
CA PHE C 82 11.33 18.49 -27.72
C PHE C 82 10.64 17.30 -27.12
N ALA C 83 9.37 17.49 -26.77
CA ALA C 83 8.56 16.41 -26.20
C ALA C 83 8.51 15.17 -27.12
N ARG C 84 8.35 15.31 -28.45
CA ARG C 84 8.30 14.11 -29.31
C ARG C 84 9.67 13.39 -29.34
N MET C 85 10.78 14.09 -29.12
CA MET C 85 12.09 13.41 -29.06
C MET C 85 12.11 12.50 -27.81
N VAL C 86 11.57 13.00 -26.71
CA VAL C 86 11.50 12.22 -25.48
C VAL C 86 10.55 11.05 -25.70
N ALA C 87 9.32 11.30 -26.27
CA ALA C 87 8.38 10.22 -26.56
C ALA C 87 9.00 9.11 -27.47
N ALA C 88 9.80 9.53 -28.47
CA ALA C 88 10.46 8.59 -29.39
C ALA C 88 11.63 7.83 -28.71
N GLY C 89 12.37 8.51 -27.85
CA GLY C 89 13.44 7.89 -27.06
C GLY C 89 12.90 6.89 -26.07
N THR C 90 11.76 7.24 -25.44
CA THR C 90 11.06 6.40 -24.46
C THR C 90 10.55 5.14 -25.16
N ALA C 91 9.96 5.30 -26.37
CA ALA C 91 9.46 4.19 -27.15
C ALA C 91 10.59 3.22 -27.54
N ALA C 92 11.76 3.72 -27.97
CA ALA C 92 12.86 2.83 -28.33
C ALA C 92 13.19 1.90 -27.15
N HIS C 93 13.43 2.45 -25.97
CA HIS C 93 13.74 1.69 -24.76
C HIS C 93 12.56 0.80 -24.28
N SER C 94 11.34 1.29 -24.43
CA SER C 94 10.14 0.57 -24.04
C SER C 94 10.08 -0.79 -24.80
N ASP C 95 10.16 -0.79 -26.11
CA ASP C 95 10.09 -2.04 -26.88
C ASP C 95 11.23 -2.98 -26.52
N HIS C 96 12.41 -2.43 -26.30
CA HIS C 96 13.59 -3.19 -25.86
C HIS C 96 13.24 -3.96 -24.57
N GLY C 97 12.84 -3.23 -23.53
CA GLY C 97 12.44 -3.83 -22.27
C GLY C 97 11.23 -4.75 -22.40
N ARG C 98 10.20 -4.38 -23.22
CA ARG C 98 9.01 -5.19 -23.41
C ARG C 98 9.40 -6.54 -23.98
N SER C 99 10.22 -6.54 -25.02
CA SER C 99 10.67 -7.75 -25.68
C SER C 99 11.42 -8.66 -24.69
N ILE C 100 12.28 -8.07 -23.78
CA ILE C 100 13.03 -8.80 -22.76
C ILE C 100 12.06 -9.41 -21.77
N ALA C 101 11.02 -8.63 -21.37
CA ALA C 101 10.04 -9.09 -20.42
C ALA C 101 9.25 -10.27 -21.00
N LEU C 102 8.91 -10.22 -22.29
CA LEU C 102 8.21 -11.33 -22.91
C LEU C 102 9.12 -12.58 -22.91
N SER C 103 10.43 -12.41 -23.08
CA SER C 103 11.38 -13.54 -23.04
C SER C 103 11.43 -14.15 -21.63
N LEU C 104 11.30 -13.33 -20.58
CA LEU C 104 11.27 -13.84 -19.21
C LEU C 104 10.00 -14.70 -19.02
N TYR C 105 8.88 -14.28 -19.64
CA TYR C 105 7.60 -14.99 -19.57
C TYR C 105 7.68 -16.37 -20.28
N HIS C 106 8.60 -16.52 -21.24
CA HIS C 106 8.74 -17.77 -21.98
C HIS C 106 9.94 -18.60 -21.51
N THR C 107 10.46 -18.35 -20.30
CA THR C 107 11.57 -19.14 -19.80
C THR C 107 11.09 -20.53 -19.38
N SER C 108 12.00 -21.49 -19.37
CA SER C 108 11.70 -22.87 -18.97
C SER C 108 13.00 -23.59 -18.60
N LYS C 109 12.92 -24.62 -17.73
CA LYS C 109 14.15 -25.32 -17.33
C LYS C 109 14.82 -26.07 -18.49
N ASP C 110 14.06 -26.58 -19.48
CA ASP C 110 14.66 -27.27 -20.62
C ASP C 110 14.69 -26.41 -21.91
N GLY C 111 14.16 -25.19 -21.86
CA GLY C 111 14.14 -24.31 -23.03
C GLY C 111 15.44 -23.57 -23.27
N ASP C 112 15.54 -22.88 -24.42
CA ASP C 112 16.74 -22.11 -24.82
C ASP C 112 17.00 -20.95 -23.84
N ILE C 113 15.91 -20.31 -23.31
CA ILE C 113 16.01 -19.20 -22.37
C ILE C 113 15.73 -19.72 -20.98
N LYS C 114 16.73 -19.62 -20.07
CA LYS C 114 16.59 -20.08 -18.69
C LYS C 114 16.79 -18.92 -17.70
N VAL C 115 16.57 -19.19 -16.40
CA VAL C 115 16.84 -18.23 -15.34
C VAL C 115 18.23 -18.56 -14.90
N LYS C 116 19.23 -17.69 -15.14
CA LYS C 116 20.61 -17.97 -14.71
C LYS C 116 20.93 -17.37 -13.35
N ASP C 117 20.16 -16.37 -12.90
CA ASP C 117 20.39 -15.70 -11.64
C ASP C 117 19.14 -15.76 -10.76
N GLU C 118 19.01 -16.84 -10.01
CA GLU C 118 17.85 -17.09 -9.15
C GLU C 118 17.84 -16.11 -7.98
N ASN C 119 19.03 -15.75 -7.48
CA ASN C 119 19.13 -14.80 -6.39
C ASN C 119 18.63 -13.44 -6.84
N LYS C 120 19.04 -12.98 -8.04
CA LYS C 120 18.57 -11.73 -8.61
C LYS C 120 17.06 -11.80 -8.76
N LEU C 121 16.56 -12.86 -9.40
CA LEU C 121 15.13 -13.06 -9.58
C LEU C 121 14.34 -12.95 -8.28
N LYS C 122 14.86 -13.52 -7.19
CA LYS C 122 14.11 -13.51 -5.94
C LYS C 122 14.04 -12.10 -5.35
N GLU C 123 15.14 -11.34 -5.44
CA GLU C 123 15.17 -9.97 -4.94
C GLU C 123 14.23 -9.10 -5.80
N VAL C 124 14.28 -9.25 -7.12
CA VAL C 124 13.43 -8.49 -8.03
C VAL C 124 11.96 -8.81 -7.77
N ALA C 125 11.62 -10.08 -7.47
CA ALA C 125 10.26 -10.52 -7.18
C ALA C 125 9.69 -9.81 -5.96
N LYS C 126 10.53 -9.54 -4.95
CA LYS C 126 10.07 -8.85 -3.74
C LYS C 126 9.54 -7.44 -4.08
N SER C 127 10.14 -6.77 -5.08
CA SER C 127 9.73 -5.44 -5.52
C SER C 127 8.38 -5.48 -6.20
N PHE C 128 8.04 -6.59 -6.87
CA PHE C 128 6.74 -6.76 -7.55
C PHE C 128 5.69 -7.48 -6.68
N ASN C 129 6.00 -7.72 -5.41
CA ASN C 129 5.12 -8.44 -4.49
C ASN C 129 4.75 -9.85 -5.00
N VAL C 130 5.76 -10.52 -5.54
CA VAL C 130 5.69 -11.87 -6.03
C VAL C 130 6.45 -12.72 -5.01
N GLU C 131 5.76 -13.67 -4.38
CA GLU C 131 6.39 -14.51 -3.35
C GLU C 131 7.30 -15.58 -3.97
N THR C 132 8.34 -15.96 -3.24
CA THR C 132 9.32 -16.89 -3.76
C THR C 132 9.56 -18.15 -2.93
N GLU C 133 9.31 -18.12 -1.61
CA GLU C 133 9.58 -19.28 -0.76
C GLU C 133 8.85 -20.55 -1.22
N GLY C 134 9.60 -21.65 -1.33
CA GLY C 134 9.07 -22.94 -1.72
C GLY C 134 8.23 -22.92 -2.98
N ARG C 135 8.73 -22.25 -4.03
CA ARG C 135 8.04 -22.15 -5.31
C ARG C 135 9.01 -22.49 -6.45
N ASP C 136 8.48 -22.96 -7.59
CA ASP C 136 9.32 -23.28 -8.74
C ASP C 136 9.92 -21.98 -9.28
N ILE C 137 11.20 -22.00 -9.64
CA ILE C 137 11.86 -20.79 -10.12
C ILE C 137 11.18 -20.21 -11.37
N TYR C 138 10.63 -21.04 -12.25
CA TYR C 138 9.98 -20.55 -13.46
C TYR C 138 8.57 -20.01 -13.19
N ASP C 139 7.92 -20.44 -12.11
CA ASP C 139 6.63 -19.87 -11.73
C ASP C 139 6.84 -18.48 -11.15
N ILE C 140 7.95 -18.26 -10.45
CA ILE C 140 8.30 -16.92 -9.95
C ILE C 140 8.67 -16.08 -11.18
N ALA C 141 9.48 -16.63 -12.12
CA ALA C 141 9.90 -15.94 -13.33
C ALA C 141 8.71 -15.38 -14.12
N HIS C 142 7.73 -16.24 -14.44
CA HIS C 142 6.57 -15.87 -15.22
C HIS C 142 5.70 -14.87 -14.46
N ASP C 143 5.60 -14.99 -13.14
CA ASP C 143 4.81 -14.07 -12.34
C ASP C 143 5.45 -12.67 -12.39
N VAL C 144 6.78 -12.62 -12.31
CA VAL C 144 7.54 -11.38 -12.36
C VAL C 144 7.47 -10.79 -13.77
N ALA C 145 7.53 -11.61 -14.83
CA ALA C 145 7.39 -11.12 -16.18
C ALA C 145 6.00 -10.46 -16.38
N LYS C 146 4.91 -11.12 -15.94
CA LYS C 146 3.56 -10.55 -16.11
C LYS C 146 3.37 -9.27 -15.32
N GLU C 147 4.02 -9.15 -14.15
CA GLU C 147 3.97 -7.92 -13.33
C GLU C 147 4.76 -6.79 -14.02
N GLY C 148 5.87 -7.14 -14.65
CA GLY C 148 6.65 -6.19 -15.40
C GLY C 148 5.91 -5.76 -16.66
N LEU C 149 5.26 -6.69 -17.33
CA LEU C 149 4.51 -6.33 -18.52
C LEU C 149 3.37 -5.32 -18.20
N SER C 150 2.74 -5.46 -17.02
CA SER C 150 1.65 -4.59 -16.65
C SER C 150 2.13 -3.15 -16.47
N ASN C 151 3.46 -2.92 -16.25
CA ASN C 151 4.03 -1.59 -16.15
C ASN C 151 4.04 -0.91 -17.53
N TYR C 152 3.99 -1.69 -18.63
CA TYR C 152 3.90 -1.10 -19.95
C TYR C 152 2.48 -0.59 -20.29
N GLY C 153 1.45 -1.31 -19.86
CA GLY C 153 0.09 -0.96 -20.27
C GLY C 153 -1.06 -0.99 -19.28
N LYS C 154 -0.80 -1.04 -17.96
CA LYS C 154 -1.92 -0.98 -17.00
C LYS C 154 -2.69 0.37 -17.11
N GLN C 155 -4.00 0.31 -17.00
CA GLN C 155 -4.82 1.51 -17.13
C GLN C 155 -5.38 1.98 -15.76
N LEU C 156 -5.44 1.09 -14.77
CA LEU C 156 -5.95 1.43 -13.44
C LEU C 156 -4.85 1.06 -12.47
N GLY C 157 -4.83 1.69 -11.32
CA GLY C 157 -3.81 1.37 -10.33
C GLY C 157 -2.56 2.20 -10.47
N GLU C 158 -1.45 1.76 -9.85
CA GLU C 158 -0.16 2.46 -9.89
C GLU C 158 0.90 1.57 -10.48
N VAL C 159 1.95 2.17 -10.98
CA VAL C 159 3.09 1.41 -11.51
C VAL C 159 4.02 0.93 -10.38
N THR C 160 4.87 -0.06 -10.66
CA THR C 160 5.86 -0.53 -9.69
C THR C 160 7.21 0.10 -9.99
N LEU C 161 7.80 0.77 -9.00
CA LEU C 161 9.12 1.39 -9.17
C LEU C 161 10.14 0.77 -8.24
N PRO C 162 11.43 0.77 -8.65
CA PRO C 162 12.43 0.07 -7.86
C PRO C 162 12.72 0.64 -6.46
N PRO C 163 13.19 -0.23 -5.54
CA PRO C 163 13.48 0.22 -4.16
C PRO C 163 14.55 1.30 -3.96
N SER C 164 15.49 1.41 -4.91
CA SER C 164 16.59 2.38 -4.85
C SER C 164 16.10 3.83 -5.10
N LEU C 165 14.90 3.99 -5.71
CA LEU C 165 14.28 5.29 -5.92
C LEU C 165 13.83 5.90 -4.57
N PRO C 166 14.44 7.03 -4.11
CA PRO C 166 14.03 7.58 -2.82
C PRO C 166 12.59 8.03 -2.76
N GLU C 167 11.99 7.89 -1.56
CA GLU C 167 10.63 8.36 -1.30
C GLU C 167 10.56 9.86 -1.48
N LYS C 168 11.65 10.59 -1.15
CA LYS C 168 11.68 12.05 -1.33
C LYS C 168 11.47 12.43 -2.80
N ARG C 169 12.09 11.66 -3.70
CA ARG C 169 12.02 11.90 -5.12
C ARG C 169 10.62 11.58 -5.66
N LYS C 170 10.01 10.46 -5.21
CA LYS C 170 8.63 10.10 -5.56
C LYS C 170 7.64 11.18 -5.09
N GLU C 171 7.77 11.67 -3.82
CA GLU C 171 6.82 12.67 -3.31
C GLU C 171 6.91 13.94 -4.12
N LEU C 172 8.14 14.33 -4.45
CA LEU C 172 8.42 15.50 -5.27
C LEU C 172 7.73 15.37 -6.65
N TRP C 173 7.84 14.20 -7.30
CA TRP C 173 7.18 13.99 -8.61
C TRP C 173 5.66 14.10 -8.52
N ARG C 174 5.05 13.55 -7.46
CA ARG C 174 3.61 13.61 -7.28
C ARG C 174 3.14 15.07 -7.16
N LYS C 175 3.75 15.84 -6.28
CA LYS C 175 3.35 17.25 -6.09
C LYS C 175 3.58 18.04 -7.40
N LEU C 176 4.62 17.71 -8.15
CA LEU C 176 4.91 18.39 -9.40
C LEU C 176 3.93 18.00 -10.56
N GLY C 177 3.35 16.81 -10.45
CA GLY C 177 2.43 16.27 -11.44
C GLY C 177 3.14 15.48 -12.54
N VAL C 178 4.34 14.96 -12.25
CA VAL C 178 5.09 14.15 -13.22
C VAL C 178 5.34 12.72 -12.73
N TYR C 179 4.52 12.21 -11.78
CA TYR C 179 4.69 10.83 -11.33
C TYR C 179 4.33 9.90 -12.50
N PRO C 180 5.17 8.92 -12.84
CA PRO C 180 4.89 8.11 -14.05
C PRO C 180 3.70 7.21 -13.99
N ARG C 181 3.03 7.08 -15.14
CA ARG C 181 1.94 6.14 -15.34
C ARG C 181 2.54 5.06 -16.24
N ALA C 182 1.72 4.19 -16.86
CA ALA C 182 2.25 3.09 -17.66
C ALA C 182 3.11 3.59 -18.82
N VAL C 183 4.16 2.85 -19.18
CA VAL C 183 5.10 3.26 -20.23
C VAL C 183 4.41 3.71 -21.53
N ASP C 184 3.73 2.77 -22.22
CA ASP C 184 3.06 3.09 -23.49
C ASP C 184 1.96 4.14 -23.32
N ARG C 185 1.33 4.24 -22.14
CA ARG C 185 0.30 5.25 -21.88
C ARG C 185 0.90 6.69 -21.94
N GLU C 186 2.07 6.86 -21.32
CA GLU C 186 2.76 8.14 -21.32
C GLU C 186 3.29 8.53 -22.70
N ILE C 187 3.71 7.57 -23.49
CA ILE C 187 4.14 7.84 -24.88
C ILE C 187 2.95 8.39 -25.65
N ALA C 188 1.78 7.76 -25.45
CA ALA C 188 0.56 8.15 -26.13
C ALA C 188 0.07 9.52 -25.67
N ALA C 189 0.18 9.81 -24.37
CA ALA C 189 -0.20 11.11 -23.84
C ALA C 189 0.61 12.24 -24.53
N VAL C 190 1.91 12.07 -24.74
CA VAL C 190 2.74 13.12 -25.35
C VAL C 190 2.32 13.27 -26.80
N MET C 191 2.18 12.16 -27.52
CA MET C 191 1.79 12.21 -28.91
C MET C 191 0.44 12.88 -29.08
N HIS C 192 -0.49 12.64 -28.17
CA HIS C 192 -1.81 13.32 -28.20
C HIS C 192 -1.64 14.85 -27.98
N SER C 193 -0.97 15.27 -26.89
CA SER C 193 -0.86 16.69 -26.52
C SER C 193 -0.05 17.55 -27.52
N THR C 194 0.81 16.89 -28.32
CA THR C 194 1.59 17.59 -29.33
C THR C 194 0.78 17.67 -30.64
N HIS C 195 -0.42 17.08 -30.68
CA HIS C 195 -1.25 17.14 -31.87
C HIS C 195 -1.75 18.58 -32.04
N ILE C 196 -2.05 18.99 -33.28
CA ILE C 196 -2.53 20.34 -33.51
C ILE C 196 -3.78 20.63 -32.66
N GLY C 197 -3.85 21.84 -32.09
CA GLY C 197 -4.95 22.31 -31.26
C GLY C 197 -5.09 21.60 -29.92
N CYS C 198 -3.99 21.12 -29.34
CA CYS C 198 -4.02 20.55 -27.98
C CYS C 198 -3.18 21.49 -27.03
N ASN C 199 -2.09 21.01 -26.47
CA ASN C 199 -1.32 21.83 -25.54
C ASN C 199 -0.58 22.95 -26.25
N ALA C 200 -0.69 24.16 -25.73
CA ALA C 200 0.00 25.33 -26.23
C ALA C 200 0.54 26.09 -25.01
N ASP C 201 1.38 25.43 -24.23
CA ASP C 201 1.98 25.99 -23.01
C ASP C 201 3.29 25.25 -22.73
N ALA C 202 4.44 25.93 -22.85
CA ALA C 202 5.77 25.28 -22.68
C ALA C 202 5.97 24.59 -21.33
N GLU C 203 5.54 25.18 -20.20
CA GLU C 203 5.80 24.50 -18.92
C GLU C 203 5.03 23.18 -18.80
N ALA C 204 3.74 23.20 -19.18
CA ALA C 204 2.91 22.02 -19.12
C ALA C 204 3.45 20.96 -20.07
N MET C 205 4.03 21.39 -21.22
CA MET C 205 4.52 20.45 -22.21
C MET C 205 5.79 19.81 -21.74
N ILE C 206 6.72 20.60 -21.15
CA ILE C 206 8.00 20.04 -20.69
C ILE C 206 7.72 19.06 -19.56
N LYS C 207 6.78 19.44 -18.66
CA LYS C 207 6.40 18.55 -17.57
C LYS C 207 5.86 17.20 -18.09
N MET C 208 5.12 17.21 -19.22
CA MET C 208 4.61 15.97 -19.83
C MET C 208 5.78 15.12 -20.30
N SER C 209 6.77 15.78 -20.95
CA SER C 209 7.98 15.13 -21.45
CA SER C 209 7.97 15.10 -21.45
C SER C 209 8.78 14.54 -20.29
N MET C 210 8.91 15.29 -19.17
CA MET C 210 9.65 14.78 -18.00
C MET C 210 8.96 13.50 -17.47
N ARG C 211 7.63 13.53 -17.42
CA ARG C 211 6.85 12.44 -16.88
C ARG C 211 7.07 11.16 -17.68
N CYS C 212 7.05 11.33 -19.02
CA CYS C 212 7.17 10.26 -20.02
C CYS C 212 8.55 9.61 -19.86
N SER C 213 9.61 10.43 -19.71
CA SER C 213 11.00 9.97 -19.59
C SER C 213 11.20 9.07 -18.36
N LEU C 214 10.48 9.34 -17.27
CA LEU C 214 10.62 8.50 -16.06
C LEU C 214 10.14 7.06 -16.34
N THR C 215 9.18 6.86 -17.26
CA THR C 215 8.72 5.52 -17.56
C THR C 215 9.83 4.76 -18.31
N ASP C 216 10.84 5.45 -18.79
CA ASP C 216 11.98 4.81 -19.44
C ASP C 216 13.02 4.48 -18.32
N GLY C 217 13.72 5.47 -17.83
CA GLY C 217 14.74 5.28 -16.82
C GLY C 217 14.42 4.38 -15.63
N TRP C 218 13.23 4.56 -15.05
CA TRP C 218 12.85 3.79 -13.86
C TRP C 218 11.96 2.57 -14.16
N MET C 219 11.67 2.31 -15.43
CA MET C 219 10.80 1.19 -15.77
C MET C 219 11.31 0.42 -17.00
N GLY C 220 11.13 0.98 -18.19
CA GLY C 220 11.51 0.30 -19.41
C GLY C 220 12.96 -0.16 -19.39
N SER C 221 13.88 0.79 -19.16
CA SER C 221 15.31 0.49 -19.09
C SER C 221 15.57 -0.37 -17.87
N PHE C 222 15.03 0.05 -16.72
CA PHE C 222 15.21 -0.65 -15.46
C PHE C 222 14.83 -2.13 -15.53
N MET C 223 13.62 -2.43 -16.00
CA MET C 223 13.17 -3.79 -16.14
C MET C 223 14.00 -4.55 -17.17
N GLY C 224 14.39 -3.88 -18.24
CA GLY C 224 15.25 -4.48 -19.25
C GLY C 224 16.55 -4.98 -18.66
N THR C 225 17.20 -4.19 -17.82
CA THR C 225 18.49 -4.59 -17.24
C THR C 225 18.33 -5.74 -16.22
N GLU C 226 17.38 -5.59 -15.29
CA GLU C 226 17.18 -6.59 -14.23
C GLU C 226 16.78 -7.93 -14.82
N PHE C 227 15.81 -7.91 -15.76
CA PHE C 227 15.37 -9.12 -16.43
C PHE C 227 16.47 -9.71 -17.30
N SER C 228 17.34 -8.89 -17.93
CA SER C 228 18.48 -9.40 -18.70
C SER C 228 19.47 -10.08 -17.73
N ASP C 229 19.69 -9.48 -16.56
CA ASP C 229 20.57 -10.06 -15.56
C ASP C 229 20.05 -11.42 -15.10
N ILE C 230 18.76 -11.53 -14.89
CA ILE C 230 18.13 -12.78 -14.43
C ILE C 230 18.32 -13.91 -15.45
N MET C 231 18.04 -13.65 -16.72
CA MET C 231 18.15 -14.68 -17.75
C MET C 231 19.60 -14.96 -18.23
N PHE C 232 20.44 -13.91 -18.31
CA PHE C 232 21.76 -14.03 -18.91
C PHE C 232 22.88 -13.99 -17.92
N GLY C 233 22.60 -13.60 -16.67
CA GLY C 233 23.59 -13.48 -15.61
C GLY C 233 23.95 -12.05 -15.28
N THR C 234 24.14 -11.75 -14.00
CA THR C 234 24.54 -10.40 -13.59
C THR C 234 26.02 -10.16 -13.92
N PRO C 235 26.40 -9.06 -14.62
CA PRO C 235 27.81 -8.86 -14.90
C PRO C 235 28.69 -8.78 -13.64
N HIS C 236 29.93 -9.26 -13.80
CA HIS C 236 30.99 -9.24 -12.79
C HIS C 236 32.27 -8.84 -13.53
N SER C 237 33.34 -8.39 -12.82
CA SER C 237 34.57 -7.95 -13.49
C SER C 237 35.12 -8.98 -14.49
N ILE C 238 35.45 -8.52 -15.68
CA ILE C 238 35.86 -9.37 -16.76
C ILE C 238 36.72 -8.60 -17.74
N ASP C 239 37.61 -9.31 -18.41
CA ASP C 239 38.52 -8.69 -19.37
C ASP C 239 38.02 -8.83 -20.80
N THR C 240 38.40 -7.88 -21.64
CA THR C 240 38.09 -7.93 -23.07
C THR C 240 39.06 -7.01 -23.80
N GLU C 241 38.91 -6.91 -25.13
CA GLU C 241 39.72 -6.07 -25.96
C GLU C 241 38.79 -5.24 -26.80
N ALA C 242 39.19 -3.99 -27.10
CA ALA C 242 38.35 -3.04 -27.83
C ALA C 242 39.05 -2.37 -29.00
N ASN C 243 38.26 -2.01 -29.99
CA ASN C 243 38.66 -1.35 -31.22
C ASN C 243 38.82 -2.34 -32.39
N LEU C 244 38.79 -1.82 -33.60
CA LEU C 244 38.77 -2.61 -34.82
C LEU C 244 39.95 -3.61 -34.98
N GLY C 245 41.03 -3.44 -34.24
CA GLY C 245 42.11 -4.42 -34.29
C GLY C 245 41.71 -5.79 -33.73
N VAL C 246 40.51 -5.90 -33.12
CA VAL C 246 40.02 -7.18 -32.58
C VAL C 246 39.53 -8.12 -33.71
N LEU C 247 39.39 -7.60 -34.94
CA LEU C 247 39.04 -8.44 -36.06
C LEU C 247 40.26 -9.30 -36.45
N GLU C 248 40.04 -10.54 -36.89
CA GLU C 248 41.14 -11.48 -37.21
C GLU C 248 41.09 -11.89 -38.68
N LYS C 249 42.18 -11.65 -39.42
CA LYS C 249 42.21 -11.96 -40.85
C LYS C 249 42.05 -13.44 -41.20
N ASN C 250 42.55 -14.36 -40.38
CA ASN C 250 42.52 -15.80 -40.73
C ASN C 250 41.35 -16.51 -40.03
N SER C 251 40.43 -15.73 -39.48
CA SER C 251 39.36 -16.22 -38.69
C SER C 251 38.07 -15.73 -39.28
N VAL C 252 36.96 -16.41 -38.99
CA VAL C 252 35.65 -15.92 -39.41
C VAL C 252 35.32 -14.74 -38.48
N ASN C 253 34.96 -13.58 -39.04
CA ASN C 253 34.57 -12.43 -38.19
C ASN C 253 33.05 -12.18 -38.37
N VAL C 254 32.35 -12.33 -37.26
CA VAL C 254 30.94 -12.11 -37.17
C VAL C 254 30.74 -10.95 -36.18
N VAL C 255 30.22 -9.83 -36.70
CA VAL C 255 29.99 -8.64 -35.90
C VAL C 255 28.51 -8.45 -35.55
N LEU C 256 28.22 -8.40 -34.26
CA LEU C 256 26.89 -8.22 -33.75
C LEU C 256 26.70 -6.73 -33.49
N HIS C 257 25.65 -6.16 -34.11
CA HIS C 257 25.40 -4.72 -33.98
C HIS C 257 23.86 -4.51 -33.74
N GLY C 258 23.54 -3.53 -32.92
CA GLY C 258 22.17 -3.25 -32.55
C GLY C 258 22.08 -3.11 -31.05
N HIS C 259 20.99 -3.65 -30.44
CA HIS C 259 20.78 -3.50 -29.01
C HIS C 259 20.27 -4.73 -28.28
N GLU C 260 19.35 -5.50 -28.90
CA GLU C 260 18.69 -6.58 -28.18
C GLU C 260 19.61 -7.76 -27.80
N PRO C 261 19.63 -8.09 -26.50
CA PRO C 261 20.57 -9.11 -26.01
C PRO C 261 20.28 -10.54 -26.39
N LEU C 262 19.00 -10.94 -26.56
CA LEU C 262 18.69 -12.34 -26.76
C LEU C 262 19.38 -12.91 -27.99
N LEU C 263 19.38 -12.17 -29.11
CA LEU C 263 20.02 -12.64 -30.33
C LEU C 263 21.51 -12.79 -30.13
N SER C 264 22.17 -11.76 -29.62
CA SER C 264 23.60 -11.81 -29.37
C SER C 264 23.97 -12.90 -28.34
N GLU C 265 23.10 -13.18 -27.36
CA GLU C 265 23.32 -14.25 -26.38
C GLU C 265 23.21 -15.61 -27.10
N MET C 266 22.22 -15.78 -27.99
CA MET C 266 22.08 -17.02 -28.73
C MET C 266 23.20 -17.20 -29.74
N VAL C 267 23.77 -16.10 -30.32
CA VAL C 267 24.87 -16.28 -31.28
C VAL C 267 26.12 -16.70 -30.53
N VAL C 268 26.32 -16.18 -29.30
CA VAL C 268 27.44 -16.56 -28.47
C VAL C 268 27.33 -18.07 -28.14
N GLU C 269 26.11 -18.53 -27.84
CA GLU C 269 25.87 -19.94 -27.56
C GLU C 269 26.13 -20.78 -28.82
N ALA C 270 25.57 -20.37 -29.98
CA ALA C 270 25.76 -21.04 -31.27
C ALA C 270 27.23 -21.12 -31.67
N ALA C 271 28.06 -20.10 -31.35
CA ALA C 271 29.47 -20.06 -31.74
C ALA C 271 30.28 -21.22 -31.15
N SER C 272 29.78 -21.85 -30.09
CA SER C 272 30.46 -22.98 -29.45
C SER C 272 29.80 -24.33 -29.86
N ASP C 273 28.92 -24.34 -30.88
CA ASP C 273 28.30 -25.56 -31.38
C ASP C 273 29.33 -26.36 -32.16
N PRO C 274 29.54 -27.66 -31.83
CA PRO C 274 30.56 -28.45 -32.54
C PRO C 274 30.44 -28.47 -34.05
N GLU C 275 29.22 -28.54 -34.61
CA GLU C 275 29.04 -28.54 -36.07
C GLU C 275 29.51 -27.24 -36.70
N LEU C 276 29.16 -26.09 -36.10
CA LEU C 276 29.58 -24.77 -36.58
C LEU C 276 31.08 -24.53 -36.36
N VAL C 277 31.63 -25.07 -35.28
CA VAL C 277 33.08 -24.96 -35.03
C VAL C 277 33.83 -25.72 -36.12
N GLU C 278 33.40 -26.96 -36.42
CA GLU C 278 34.00 -27.76 -37.49
C GLU C 278 33.72 -27.16 -38.86
N LEU C 279 32.58 -26.45 -39.06
CA LEU C 279 32.29 -25.81 -40.34
C LEU C 279 33.20 -24.61 -40.56
N ALA C 280 33.50 -23.85 -39.49
CA ALA C 280 34.41 -22.71 -39.54
C ALA C 280 35.79 -23.18 -40.03
N LYS C 281 36.27 -24.32 -39.49
CA LYS C 281 37.53 -24.95 -39.91
C LYS C 281 37.47 -25.41 -41.40
N SER C 282 36.36 -26.03 -41.79
CA SER C 282 36.13 -26.53 -43.16
C SER C 282 36.19 -25.43 -44.22
N VAL C 283 35.73 -24.21 -43.91
CA VAL C 283 35.82 -23.11 -44.87
C VAL C 283 37.28 -22.55 -44.94
N GLY C 284 38.16 -23.02 -44.07
CA GLY C 284 39.55 -22.61 -44.07
C GLY C 284 39.94 -21.56 -43.04
N ALA C 285 39.10 -21.35 -42.00
CA ALA C 285 39.37 -20.36 -40.95
C ALA C 285 39.97 -21.00 -39.70
N ASP C 286 40.58 -20.21 -38.82
CA ASP C 286 41.13 -20.69 -37.56
C ASP C 286 40.03 -21.01 -36.54
N GLY C 287 38.86 -20.42 -36.72
CA GLY C 287 37.74 -20.57 -35.81
C GLY C 287 36.78 -19.41 -35.96
N ILE C 288 35.85 -19.26 -35.02
CA ILE C 288 34.86 -18.18 -35.10
C ILE C 288 35.22 -17.04 -34.14
N ASN C 289 35.45 -15.83 -34.67
CA ASN C 289 35.78 -14.61 -33.90
C ASN C 289 34.51 -13.67 -33.78
N LEU C 290 33.84 -13.70 -32.63
CA LEU C 290 32.65 -12.87 -32.42
C LEU C 290 33.04 -11.51 -31.90
N CYS C 291 32.55 -10.45 -32.54
CA CYS C 291 32.79 -9.08 -32.06
C CYS C 291 31.46 -8.37 -31.97
N GLY C 292 31.42 -7.36 -31.13
CA GLY C 292 30.23 -6.57 -31.00
C GLY C 292 30.44 -5.10 -31.27
N MET C 293 29.35 -4.41 -31.57
CA MET C 293 29.36 -2.97 -31.77
C MET C 293 28.17 -2.39 -31.07
N CYS C 294 28.37 -1.18 -30.55
CA CYS C 294 27.34 -0.43 -29.85
C CYS C 294 26.72 -1.22 -28.70
N CYS C 295 25.45 -1.04 -28.38
CA CYS C 295 24.90 -1.61 -27.17
C CYS C 295 24.80 -3.13 -27.12
N THR C 296 24.49 -3.81 -28.22
CA THR C 296 24.48 -5.28 -28.20
C THR C 296 25.92 -5.77 -27.92
N GLY C 297 26.91 -5.06 -28.48
CA GLY C 297 28.32 -5.32 -28.23
C GLY C 297 28.68 -5.20 -26.77
N ASN C 298 28.21 -4.12 -26.11
CA ASN C 298 28.38 -3.86 -24.68
C ASN C 298 27.75 -4.95 -23.84
N GLU C 299 26.58 -5.38 -24.24
CA GLU C 299 25.79 -6.38 -23.54
C GLU C 299 26.54 -7.73 -23.41
N VAL C 300 27.02 -8.30 -24.55
CA VAL C 300 27.72 -9.58 -24.55
C VAL C 300 29.16 -9.46 -24.03
N SER C 301 29.77 -8.28 -24.11
CA SER C 301 31.08 -8.07 -23.58
C SER C 301 30.98 -8.05 -22.06
N MET C 302 29.99 -7.34 -21.52
CA MET C 302 29.82 -7.25 -20.06
C MET C 302 29.63 -8.66 -19.43
N ARG C 303 28.94 -9.56 -20.13
CA ARG C 303 28.63 -10.89 -19.58
C ARG C 303 29.62 -12.03 -19.99
N HIS C 304 30.27 -11.92 -21.16
CA HIS C 304 31.13 -12.99 -21.66
C HIS C 304 32.53 -12.55 -22.07
N GLY C 305 32.81 -11.26 -22.01
CA GLY C 305 34.12 -10.76 -22.42
C GLY C 305 34.27 -10.73 -23.92
N ILE C 306 33.16 -10.78 -24.66
CA ILE C 306 33.20 -10.74 -26.13
C ILE C 306 33.85 -9.42 -26.55
N LYS C 307 34.80 -9.50 -27.48
CA LYS C 307 35.56 -8.34 -27.94
C LYS C 307 34.65 -7.27 -28.55
N ILE C 308 35.04 -6.00 -28.36
CA ILE C 308 34.26 -4.86 -28.86
C ILE C 308 34.96 -4.28 -30.09
N ALA C 309 34.31 -4.37 -31.26
CA ALA C 309 34.85 -3.89 -32.51
C ALA C 309 34.86 -2.35 -32.57
N GLY C 310 33.81 -1.74 -32.09
CA GLY C 310 33.74 -0.28 -32.12
C GLY C 310 32.41 0.26 -31.66
N ASN C 311 32.31 1.60 -31.68
CA ASN C 311 31.12 2.34 -31.28
C ASN C 311 30.38 2.95 -32.51
N PHE C 312 29.29 3.70 -32.28
CA PHE C 312 28.41 4.24 -33.34
C PHE C 312 29.09 4.66 -34.66
N MET C 313 30.00 5.69 -34.67
CA MET C 313 30.57 6.13 -35.97
C MET C 313 31.72 5.25 -36.50
N GLN C 314 31.96 4.07 -35.90
CA GLN C 314 32.92 3.12 -36.47
C GLN C 314 32.18 1.98 -37.22
N GLN C 315 30.84 1.91 -37.17
CA GLN C 315 30.11 0.79 -37.80
C GLN C 315 30.39 0.62 -39.30
N GLU C 316 30.56 1.72 -40.05
CA GLU C 316 30.84 1.59 -41.50
C GLU C 316 32.29 1.15 -41.70
N LEU C 317 33.22 1.70 -40.89
CA LEU C 317 34.65 1.43 -40.96
C LEU C 317 34.97 -0.03 -40.65
N ALA C 318 34.17 -0.69 -39.80
CA ALA C 318 34.36 -2.11 -39.56
C ALA C 318 34.15 -2.89 -40.90
N VAL C 319 33.16 -2.47 -41.71
CA VAL C 319 32.92 -3.10 -43.01
C VAL C 319 34.06 -2.74 -43.99
N VAL C 320 34.61 -1.51 -43.92
CA VAL C 320 35.70 -1.08 -44.80
C VAL C 320 37.00 -1.95 -44.60
N THR C 321 37.19 -2.64 -43.45
CA THR C 321 38.35 -3.53 -43.28
C THR C 321 38.29 -4.71 -44.31
N GLY C 322 37.12 -4.97 -44.85
CA GLY C 322 36.95 -6.06 -45.77
C GLY C 322 37.00 -7.42 -45.10
N ALA C 323 37.07 -7.45 -43.74
CA ALA C 323 37.17 -8.70 -42.98
C ALA C 323 35.86 -9.17 -42.32
N VAL C 324 34.76 -8.43 -42.49
CA VAL C 324 33.52 -8.81 -41.83
C VAL C 324 32.78 -9.75 -42.73
N ASP C 325 32.65 -11.02 -42.31
CA ASP C 325 31.95 -12.04 -43.13
C ASP C 325 30.42 -11.92 -42.96
N GLY C 326 30.03 -11.67 -41.71
CA GLY C 326 28.63 -11.42 -41.38
C GLY C 326 28.47 -10.25 -40.42
N LEU C 327 27.51 -9.34 -40.74
CA LEU C 327 27.16 -8.21 -39.90
C LEU C 327 25.70 -8.41 -39.54
N ILE C 328 25.47 -8.99 -38.36
CA ILE C 328 24.13 -9.37 -37.91
C ILE C 328 23.59 -8.24 -37.05
N VAL C 329 22.47 -7.64 -37.50
CA VAL C 329 21.88 -6.49 -36.79
C VAL C 329 20.43 -6.75 -36.37
N ASP C 330 20.03 -6.13 -35.23
CA ASP C 330 18.64 -6.20 -34.79
C ASP C 330 17.96 -4.81 -34.92
N VAL C 331 18.03 -3.91 -33.89
CA VAL C 331 17.32 -2.60 -33.94
C VAL C 331 18.11 -1.46 -33.30
N GLN C 332 17.80 -0.25 -33.73
CA GLN C 332 18.33 0.99 -33.17
C GLN C 332 19.78 1.25 -33.51
N CYS C 333 20.05 2.49 -33.95
CA CYS C 333 21.39 3.00 -34.21
C CYS C 333 22.16 2.20 -35.25
N ILE C 334 21.45 1.49 -36.15
CA ILE C 334 22.05 0.77 -37.28
C ILE C 334 21.91 1.71 -38.48
N MET C 335 22.99 2.41 -38.89
CA MET C 335 22.92 3.32 -40.04
C MET C 335 22.42 2.56 -41.30
N PRO C 336 21.29 2.97 -41.92
CA PRO C 336 20.81 2.26 -43.10
C PRO C 336 21.83 2.25 -44.24
N ALA C 337 22.86 3.15 -44.22
CA ALA C 337 23.92 3.17 -45.24
C ALA C 337 24.64 1.81 -45.35
N LEU C 338 24.63 1.00 -44.25
CA LEU C 338 25.28 -0.30 -44.21
C LEU C 338 24.76 -1.23 -45.32
N ALA C 339 23.51 -1.11 -45.77
CA ALA C 339 23.01 -1.97 -46.86
C ALA C 339 23.76 -1.69 -48.20
N LYS C 340 24.00 -0.40 -48.51
CA LYS C 340 24.70 0.00 -49.73
C LYS C 340 26.19 -0.24 -49.62
N LEU C 341 26.78 0.17 -48.48
CA LEU C 341 28.20 -0.01 -48.20
C LEU C 341 28.61 -1.48 -48.33
N SER C 342 27.85 -2.41 -47.72
CA SER C 342 28.14 -3.85 -47.78
C SER C 342 28.22 -4.41 -49.21
N LYS C 343 27.57 -3.76 -50.18
CA LYS C 343 27.62 -4.21 -51.58
C LYS C 343 29.03 -4.00 -52.22
N SER C 344 29.87 -3.13 -51.65
CA SER C 344 31.21 -2.89 -52.16
C SER C 344 32.25 -3.90 -51.60
N TYR C 345 31.78 -4.87 -50.78
CA TYR C 345 32.58 -5.91 -50.13
C TYR C 345 31.86 -7.25 -50.23
N HIS C 346 32.39 -8.31 -49.64
CA HIS C 346 31.72 -9.63 -49.66
C HIS C 346 30.72 -9.79 -48.51
N THR C 347 30.80 -8.87 -47.52
CA THR C 347 30.03 -8.89 -46.29
C THR C 347 28.57 -9.15 -46.52
N LYS C 348 28.00 -10.00 -45.69
CA LYS C 348 26.56 -10.25 -45.68
C LYS C 348 25.98 -9.38 -44.53
N PHE C 349 25.12 -8.43 -44.89
CA PHE C 349 24.47 -7.51 -43.97
C PHE C 349 23.09 -8.08 -43.65
N ILE C 350 23.01 -8.78 -42.52
CA ILE C 350 21.82 -9.50 -42.10
C ILE C 350 20.95 -8.76 -41.07
N THR C 351 19.72 -8.40 -41.48
CA THR C 351 18.72 -7.83 -40.60
C THR C 351 17.92 -9.02 -40.06
N THR C 352 17.50 -8.96 -38.81
CA THR C 352 16.84 -10.08 -38.16
C THR C 352 15.56 -9.69 -37.46
N SER C 353 15.27 -8.36 -37.29
CA SER C 353 14.10 -7.86 -36.58
C SER C 353 12.99 -7.34 -37.51
N PRO C 354 11.73 -7.79 -37.36
CA PRO C 354 10.63 -7.17 -38.13
C PRO C 354 10.39 -5.71 -37.71
N LYS C 355 11.03 -5.24 -36.61
CA LYS C 355 10.87 -3.85 -36.19
C LYS C 355 11.81 -2.94 -37.02
N ALA C 356 12.83 -3.55 -37.65
CA ALA C 356 13.83 -2.81 -38.38
C ALA C 356 14.24 -3.53 -39.65
N HIS C 357 13.35 -3.48 -40.66
CA HIS C 357 13.67 -3.98 -42.00
C HIS C 357 14.60 -2.90 -42.61
N ILE C 358 15.48 -3.29 -43.53
CA ILE C 358 16.33 -2.32 -44.22
C ILE C 358 16.39 -2.82 -45.63
N THR C 359 15.99 -1.99 -46.59
CA THR C 359 15.96 -2.42 -48.00
C THR C 359 17.33 -2.86 -48.47
N ASP C 360 17.36 -3.91 -49.31
CA ASP C 360 18.58 -4.47 -49.90
C ASP C 360 19.56 -5.05 -48.89
N SER C 361 19.08 -5.44 -47.70
CA SER C 361 19.83 -6.18 -46.71
C SER C 361 19.28 -7.62 -46.76
N ILE C 362 20.02 -8.59 -46.21
CA ILE C 362 19.52 -9.99 -46.20
C ILE C 362 18.66 -10.17 -44.94
N TYR C 363 17.36 -10.38 -45.12
CA TYR C 363 16.47 -10.52 -43.98
C TYR C 363 16.36 -11.99 -43.58
N MET C 364 16.85 -12.29 -42.37
CA MET C 364 16.81 -13.61 -41.76
C MET C 364 16.16 -13.39 -40.41
N GLU C 365 14.83 -13.52 -40.37
CA GLU C 365 14.09 -13.25 -39.14
C GLU C 365 14.54 -14.13 -37.98
N PHE C 366 14.84 -13.50 -36.84
CA PHE C 366 15.19 -14.24 -35.66
C PHE C 366 13.92 -14.80 -35.07
N ASP C 367 13.84 -16.13 -34.88
CA ASP C 367 12.67 -16.77 -34.30
C ASP C 367 12.85 -16.83 -32.81
N GLU C 368 12.24 -15.87 -32.09
CA GLU C 368 12.33 -15.76 -30.64
C GLU C 368 11.74 -16.97 -29.89
N GLU C 369 10.98 -17.84 -30.61
CA GLU C 369 10.41 -19.04 -29.99
C GLU C 369 11.17 -20.35 -30.38
N ASN C 370 12.30 -20.19 -31.09
CA ASN C 370 13.29 -21.20 -31.45
C ASN C 370 14.62 -20.44 -31.56
N PRO C 371 15.06 -19.82 -30.44
CA PRO C 371 16.17 -18.87 -30.52
C PRO C 371 17.51 -19.43 -30.96
N LEU C 372 17.97 -20.52 -30.30
CA LEU C 372 19.27 -21.13 -30.57
C LEU C 372 19.31 -21.69 -31.98
N ASP C 373 18.27 -22.40 -32.43
CA ASP C 373 18.20 -22.92 -33.80
C ASP C 373 18.30 -21.76 -34.80
N SER C 374 17.50 -20.72 -34.56
CA SER C 374 17.50 -19.50 -35.39
C SER C 374 18.90 -18.82 -35.42
N ALA C 375 19.54 -18.65 -34.25
CA ALA C 375 20.86 -18.07 -34.20
C ALA C 375 21.85 -18.95 -34.96
N LYS C 376 21.73 -20.28 -34.83
CA LYS C 376 22.66 -21.20 -35.53
C LYS C 376 22.53 -21.05 -37.05
N LYS C 377 21.30 -20.92 -37.56
CA LYS C 377 21.10 -20.76 -39.01
C LYS C 377 21.72 -19.44 -39.52
N ILE C 378 21.59 -18.36 -38.72
CA ILE C 378 22.10 -17.04 -39.06
C ILE C 378 23.62 -17.06 -39.05
N LEU C 379 24.20 -17.61 -37.98
CA LEU C 379 25.64 -17.71 -37.81
C LEU C 379 26.27 -18.59 -38.90
N LYS C 380 25.56 -19.65 -39.34
CA LYS C 380 26.09 -20.51 -40.39
C LYS C 380 26.27 -19.69 -41.67
N GLU C 381 25.30 -18.82 -42.00
CA GLU C 381 25.39 -18.03 -43.22
C GLU C 381 26.68 -17.18 -43.23
N ALA C 382 26.98 -16.60 -42.07
CA ALA C 382 28.13 -15.76 -41.90
C ALA C 382 29.41 -16.57 -42.04
N ILE C 383 29.44 -17.76 -41.42
CA ILE C 383 30.60 -18.69 -41.46
C ILE C 383 30.92 -19.09 -42.91
N LEU C 384 29.88 -19.47 -43.67
CA LEU C 384 29.95 -19.87 -45.09
C LEU C 384 30.40 -18.72 -46.00
N ASN C 385 30.11 -17.48 -45.62
CA ASN C 385 30.51 -16.32 -46.43
C ASN C 385 32.00 -16.04 -46.41
N PHE C 386 32.72 -16.62 -45.45
CA PHE C 386 34.17 -16.48 -45.31
C PHE C 386 34.90 -16.95 -46.59
N LYS C 387 34.29 -17.90 -47.34
CA LYS C 387 34.82 -18.41 -48.60
C LYS C 387 34.87 -17.30 -49.66
N ASN C 388 33.92 -16.35 -49.59
CA ASN C 388 33.86 -15.21 -50.50
C ASN C 388 34.83 -14.08 -50.09
N ARG C 389 35.51 -14.20 -48.96
CA ARG C 389 36.43 -13.15 -48.55
C ARG C 389 37.57 -13.01 -49.53
N ASP C 390 37.97 -11.79 -49.84
CA ASP C 390 39.11 -11.54 -50.71
C ASP C 390 40.22 -10.99 -49.82
N GLN C 391 41.18 -11.85 -49.41
CA GLN C 391 42.24 -11.44 -48.49
C GLN C 391 43.11 -10.33 -49.04
N SER C 392 43.31 -10.31 -50.35
CA SER C 392 44.12 -9.32 -51.04
C SER C 392 43.74 -7.87 -50.69
N LYS C 393 42.44 -7.61 -50.36
CA LYS C 393 41.96 -6.28 -50.04
C LYS C 393 41.63 -6.06 -48.53
N VAL C 394 41.80 -7.10 -47.69
CA VAL C 394 41.58 -6.96 -46.26
C VAL C 394 42.66 -6.06 -45.63
N MET C 395 42.24 -5.19 -44.71
CA MET C 395 43.14 -4.29 -44.00
C MET C 395 42.57 -4.00 -42.61
N ILE C 396 43.06 -4.73 -41.59
CA ILE C 396 42.66 -4.58 -40.20
C ILE C 396 43.80 -3.83 -39.45
N PRO C 397 43.57 -2.59 -38.97
CA PRO C 397 44.64 -1.89 -38.25
C PRO C 397 45.09 -2.61 -37.00
N GLU C 398 46.42 -2.75 -36.77
CA GLU C 398 46.95 -3.44 -35.60
C GLU C 398 46.88 -2.51 -34.43
N LEU C 399 45.64 -2.20 -34.05
CA LEU C 399 45.31 -1.29 -32.98
C LEU C 399 44.08 -1.79 -32.21
N LYS C 400 44.32 -2.20 -30.98
CA LYS C 400 43.28 -2.66 -30.06
C LYS C 400 43.77 -2.41 -28.65
N CYS C 401 42.86 -2.31 -27.69
CA CYS C 401 43.20 -1.98 -26.32
C CYS C 401 42.58 -2.98 -25.34
N LYS C 402 43.32 -3.32 -24.27
CA LYS C 402 42.74 -4.17 -23.24
C LYS C 402 41.75 -3.31 -22.45
N ALA C 403 40.65 -3.91 -22.02
CA ALA C 403 39.67 -3.20 -21.22
C ALA C 403 39.09 -4.15 -20.17
N ILE C 404 38.70 -3.59 -19.04
CA ILE C 404 38.01 -4.30 -17.96
C ILE C 404 36.62 -3.68 -17.89
N LEU C 405 35.61 -4.50 -17.68
CA LEU C 405 34.24 -4.00 -17.58
C LEU C 405 33.44 -4.99 -16.70
N GLY C 406 32.11 -4.95 -16.78
CA GLY C 406 31.25 -5.83 -15.99
C GLY C 406 30.91 -5.23 -14.64
N TYR C 407 30.92 -3.89 -14.54
CA TYR C 407 30.61 -3.25 -13.27
C TYR C 407 29.15 -3.00 -13.05
N SER C 408 28.42 -4.05 -12.66
CA SER C 408 27.02 -3.95 -12.26
C SER C 408 26.98 -3.33 -10.84
N VAL C 409 25.81 -2.89 -10.32
CA VAL C 409 25.77 -2.40 -8.93
C VAL C 409 26.26 -3.52 -7.96
N GLU C 410 25.88 -4.76 -8.26
CA GLU C 410 26.26 -5.91 -7.47
C GLU C 410 27.77 -6.10 -7.40
N GLU C 411 28.45 -5.99 -8.55
CA GLU C 411 29.89 -6.15 -8.63
C GLU C 411 30.64 -4.98 -7.97
N ILE C 412 30.12 -3.74 -8.12
CA ILE C 412 30.75 -2.57 -7.46
C ILE C 412 30.71 -2.82 -5.96
N ILE C 413 29.54 -3.25 -5.43
CA ILE C 413 29.39 -3.55 -4.00
C ILE C 413 30.32 -4.67 -3.55
N ASN C 414 30.45 -5.74 -4.34
CA ASN C 414 31.39 -6.83 -4.03
C ASN C 414 32.84 -6.30 -3.89
N LYS C 415 33.27 -5.39 -4.79
CA LYS C 415 34.63 -4.84 -4.71
C LYS C 415 34.76 -3.92 -3.48
N LEU C 416 33.71 -3.17 -3.12
CA LEU C 416 33.76 -2.31 -1.95
C LEU C 416 33.89 -3.13 -0.66
N ASP C 417 33.42 -4.37 -0.68
CA ASP C 417 33.47 -5.21 0.51
C ASP C 417 34.90 -5.43 1.02
N LYS C 418 35.87 -5.51 0.12
CA LYS C 418 37.25 -5.81 0.48
C LYS C 418 38.00 -4.69 1.18
N VAL C 419 37.29 -3.64 1.57
CA VAL C 419 37.82 -2.56 2.40
C VAL C 419 36.89 -2.30 3.58
N VAL C 420 35.93 -3.18 3.81
CA VAL C 420 34.99 -3.12 4.92
C VAL C 420 35.64 -3.93 6.02
N ASN C 421 35.84 -3.33 7.21
CA ASN C 421 36.42 -4.09 8.31
C ASN C 421 35.30 -4.90 8.95
N THR C 422 35.19 -6.19 8.55
CA THR C 422 34.16 -7.15 8.99
C THR C 422 33.53 -6.85 10.36
N GLY C 425 30.82 -3.28 11.32
CA GLY C 425 30.19 -2.71 10.14
C GLY C 425 29.57 -3.77 9.25
N PRO C 426 28.56 -3.43 8.38
CA PRO C 426 27.93 -4.47 7.55
C PRO C 426 28.50 -4.63 6.15
N MET C 427 28.30 -5.82 5.60
CA MET C 427 28.76 -6.18 4.28
C MET C 427 27.68 -5.90 3.22
N GLN C 428 28.08 -5.92 1.97
CA GLN C 428 27.15 -5.84 0.87
C GLN C 428 26.27 -4.58 0.90
N THR C 429 26.92 -3.40 1.08
CA THR C 429 26.27 -2.09 1.05
C THR C 429 27.17 -1.10 0.28
N VAL C 430 26.63 0.06 -0.07
CA VAL C 430 27.39 1.10 -0.77
C VAL C 430 28.14 2.03 0.23
N LYS C 431 28.03 1.78 1.55
CA LYS C 431 28.68 2.61 2.57
C LYS C 431 30.14 3.02 2.27
N PRO C 432 31.05 2.09 1.86
CA PRO C 432 32.42 2.53 1.57
C PRO C 432 32.51 3.60 0.48
N LEU C 433 31.61 3.57 -0.54
CA LEU C 433 31.56 4.60 -1.59
C LEU C 433 31.04 5.92 -0.99
N ALA C 434 29.92 5.85 -0.26
CA ALA C 434 29.35 7.00 0.43
C ALA C 434 30.40 7.63 1.39
N ASP C 435 31.23 6.79 2.07
CA ASP C 435 32.26 7.30 3.00
C ASP C 435 33.34 8.15 2.32
N VAL C 436 33.84 7.69 1.15
CA VAL C 436 34.88 8.46 0.42
C VAL C 436 34.26 9.73 -0.19
N LEU C 437 32.98 9.68 -0.61
CA LEU C 437 32.32 10.88 -1.12
C LEU C 437 32.13 11.89 -0.03
N VAL C 438 31.65 11.46 1.13
CA VAL C 438 31.46 12.37 2.28
C VAL C 438 32.82 12.96 2.73
N SER C 439 33.85 12.11 2.94
CA SER C 439 35.14 12.59 3.40
C SER C 439 35.80 13.54 2.41
N GLY C 440 35.52 13.37 1.12
CA GLY C 440 36.11 14.23 0.10
C GLY C 440 37.29 13.62 -0.59
N VAL C 441 37.63 12.38 -0.24
CA VAL C 441 38.69 11.65 -0.96
C VAL C 441 38.23 11.54 -2.43
N LEU C 442 36.91 11.38 -2.66
CA LEU C 442 36.29 11.47 -3.99
C LEU C 442 35.47 12.71 -3.95
N ARG C 443 35.72 13.67 -4.88
CA ARG C 443 34.93 14.91 -4.87
C ARG C 443 33.45 14.56 -5.26
N GLY C 444 33.28 13.65 -6.21
CA GLY C 444 31.95 13.25 -6.65
C GLY C 444 31.98 12.06 -7.58
N ALA C 445 30.80 11.78 -8.21
CA ALA C 445 30.69 10.67 -9.17
C ALA C 445 29.92 11.17 -10.38
N ALA C 446 30.41 10.92 -11.61
CA ALA C 446 29.78 11.42 -12.82
C ALA C 446 29.55 10.29 -13.83
N ALA C 447 28.40 10.37 -14.54
CA ALA C 447 28.05 9.42 -15.58
C ALA C 447 28.32 10.10 -16.90
N VAL C 448 29.12 9.45 -17.76
CA VAL C 448 29.42 9.94 -19.09
C VAL C 448 28.82 8.92 -20.04
N VAL C 449 27.82 9.35 -20.78
CA VAL C 449 27.03 8.46 -21.57
C VAL C 449 26.87 9.01 -23.02
N GLY C 450 26.20 8.24 -23.84
CA GLY C 450 25.77 8.71 -25.15
C GLY C 450 26.57 8.30 -26.37
N CYS C 451 25.99 8.73 -27.49
CA CYS C 451 26.44 8.41 -28.82
C CYS C 451 27.68 9.22 -29.27
N ASN C 452 27.85 9.20 -30.59
CA ASN C 452 28.78 10.00 -31.36
C ASN C 452 27.92 10.84 -32.30
N ASN C 453 28.41 12.03 -32.67
CA ASN C 453 27.70 12.94 -33.55
C ASN C 453 28.74 13.64 -34.43
N PRO C 454 28.61 13.61 -35.76
CA PRO C 454 29.63 14.26 -36.61
C PRO C 454 29.81 15.75 -36.37
N LYS C 455 28.98 16.39 -35.52
CA LYS C 455 29.22 17.79 -35.16
C LYS C 455 30.46 17.93 -34.24
N VAL C 456 30.91 16.83 -33.63
CA VAL C 456 32.04 16.82 -32.70
C VAL C 456 33.05 15.81 -33.26
N VAL C 457 34.38 16.12 -33.16
CA VAL C 457 35.45 15.20 -33.60
C VAL C 457 35.25 13.91 -32.84
N GLN C 458 35.08 12.79 -33.57
CA GLN C 458 34.67 11.55 -32.94
C GLN C 458 35.52 11.09 -31.73
N ASP C 459 34.83 10.86 -30.59
CA ASP C 459 35.42 10.43 -29.31
C ASP C 459 36.24 11.51 -28.58
N SER C 460 36.55 12.65 -29.21
CA SER C 460 37.34 13.70 -28.54
C SER C 460 36.67 14.24 -27.28
N ALA C 461 35.35 14.56 -27.35
CA ALA C 461 34.65 15.13 -26.21
C ALA C 461 34.43 14.12 -25.10
N HIS C 462 34.26 12.81 -25.45
CA HIS C 462 34.13 11.73 -24.48
C HIS C 462 35.38 11.63 -23.60
N ILE C 463 36.55 11.46 -24.26
CA ILE C 463 37.83 11.32 -23.60
C ILE C 463 38.25 12.57 -22.86
N GLU C 464 38.09 13.76 -23.46
CA GLU C 464 38.50 15.00 -22.76
C GLU C 464 37.61 15.29 -21.54
N THR C 465 36.34 14.88 -21.57
CA THR C 465 35.47 15.05 -20.40
C THR C 465 35.88 14.06 -19.28
N ILE C 466 36.04 12.76 -19.65
CA ILE C 466 36.38 11.71 -18.70
C ILE C 466 37.76 11.97 -18.05
N LYS C 467 38.79 12.26 -18.87
CA LYS C 467 40.13 12.55 -18.33
C LYS C 467 40.08 13.77 -17.45
N GLY C 468 39.36 14.79 -17.89
CA GLY C 468 39.21 16.00 -17.10
C GLY C 468 38.55 15.75 -15.75
N LEU C 469 37.56 14.84 -15.73
CA LEU C 469 36.82 14.57 -14.52
C LEU C 469 37.64 13.80 -13.48
N ILE C 470 38.18 12.63 -13.89
CA ILE C 470 38.98 11.75 -13.02
C ILE C 470 40.20 12.47 -12.50
N LYS C 471 40.72 13.42 -13.31
CA LYS C 471 41.82 14.30 -12.92
C LYS C 471 41.51 14.98 -11.59
N ASN C 472 40.28 15.51 -11.49
CA ASN C 472 39.83 16.21 -10.29
C ASN C 472 39.15 15.29 -9.29
N ASP C 473 39.59 14.01 -9.21
CA ASP C 473 39.09 13.03 -8.23
C ASP C 473 37.58 12.78 -8.24
N VAL C 474 37.00 12.79 -9.45
CA VAL C 474 35.57 12.55 -9.68
C VAL C 474 35.53 11.18 -10.32
N ILE C 475 35.07 10.15 -9.59
CA ILE C 475 35.03 8.81 -10.17
C ILE C 475 33.97 8.83 -11.33
N VAL C 476 34.28 8.17 -12.45
CA VAL C 476 33.43 8.21 -13.63
C VAL C 476 32.91 6.83 -13.95
N VAL C 477 31.61 6.75 -14.26
CA VAL C 477 30.92 5.51 -14.68
C VAL C 477 30.49 5.78 -16.09
N VAL C 478 30.64 4.78 -16.98
CA VAL C 478 30.35 4.93 -18.39
C VAL C 478 29.43 3.84 -18.90
N THR C 479 28.63 4.18 -19.89
CA THR C 479 27.77 3.25 -20.63
C THR C 479 27.80 3.65 -22.10
N GLY C 480 27.24 2.78 -22.93
CA GLY C 480 27.04 3.05 -24.35
C GLY C 480 28.29 3.31 -25.16
N CYS C 481 28.14 4.17 -26.18
CA CYS C 481 29.26 4.51 -27.04
C CYS C 481 30.33 5.34 -26.28
N ALA C 482 29.96 6.07 -25.20
CA ALA C 482 30.93 6.80 -24.41
C ALA C 482 31.86 5.79 -23.72
N ALA C 483 31.31 4.64 -23.23
CA ALA C 483 32.02 3.54 -22.57
C ALA C 483 33.00 2.87 -23.51
N GLN C 484 32.60 2.69 -24.76
CA GLN C 484 33.44 2.08 -25.78
C GLN C 484 34.54 3.06 -26.22
N ALA C 485 34.30 4.38 -26.16
CA ALA C 485 35.32 5.37 -26.45
C ALA C 485 36.40 5.27 -25.36
N ALA C 486 35.96 5.06 -24.10
CA ALA C 486 36.91 4.92 -23.00
C ALA C 486 37.70 3.62 -23.14
N ALA C 487 37.02 2.51 -23.56
CA ALA C 487 37.60 1.18 -23.74
C ALA C 487 38.74 1.27 -24.78
N LYS C 488 38.40 1.77 -26.00
CA LYS C 488 39.35 1.89 -27.10
C LYS C 488 40.60 2.71 -26.66
N TYR C 489 40.37 3.77 -25.90
CA TYR C 489 41.41 4.70 -25.52
C TYR C 489 42.33 4.16 -24.39
N GLY C 490 41.84 3.19 -23.61
CA GLY C 490 42.61 2.62 -22.53
C GLY C 490 42.31 3.15 -21.14
N LEU C 491 41.17 3.86 -20.95
CA LEU C 491 40.82 4.35 -19.62
C LEU C 491 40.22 3.21 -18.77
N LEU C 492 39.74 2.12 -19.43
CA LEU C 492 39.21 0.98 -18.68
C LEU C 492 40.34 0.03 -18.24
N GLN C 493 41.34 0.56 -17.50
CA GLN C 493 42.43 -0.28 -17.01
C GLN C 493 42.81 0.16 -15.61
N LYS C 494 43.24 -0.80 -14.76
CA LYS C 494 43.70 -0.51 -13.42
C LYS C 494 44.86 0.48 -13.45
N GLU C 495 45.66 0.39 -14.54
CA GLU C 495 46.81 1.27 -14.81
C GLU C 495 46.38 2.70 -15.13
N ALA C 496 45.16 2.90 -15.62
CA ALA C 496 44.69 4.22 -15.99
C ALA C 496 44.63 5.14 -14.79
N ALA C 497 44.43 4.58 -13.56
CA ALA C 497 44.34 5.40 -12.34
C ALA C 497 45.67 6.11 -12.12
N GLU C 498 46.78 5.35 -12.08
CA GLU C 498 48.13 5.91 -11.88
C GLU C 498 48.41 6.94 -12.98
N LYS C 499 48.02 6.65 -14.23
CA LYS C 499 48.26 7.58 -15.32
C LYS C 499 47.46 8.92 -15.28
N TYR C 500 46.12 8.86 -15.04
CA TYR C 500 45.26 10.04 -15.22
C TYR C 500 44.50 10.53 -14.01
N ALA C 501 44.14 9.66 -13.06
CA ALA C 501 43.32 10.09 -11.91
C ALA C 501 44.09 10.94 -10.90
N GLY C 502 43.36 11.79 -10.19
CA GLY C 502 43.90 12.61 -9.12
C GLY C 502 44.34 11.72 -7.98
N PRO C 503 44.95 12.27 -6.90
CA PRO C 503 45.46 11.41 -5.83
C PRO C 503 44.39 10.60 -5.10
N GLY C 504 43.25 11.23 -4.77
CA GLY C 504 42.13 10.60 -4.05
C GLY C 504 41.53 9.44 -4.78
N LEU C 505 41.27 9.63 -6.05
CA LEU C 505 40.71 8.57 -6.86
C LEU C 505 41.77 7.51 -7.16
N ALA C 506 43.03 7.89 -7.45
CA ALA C 506 44.07 6.87 -7.72
C ALA C 506 44.31 5.96 -6.50
N THR C 507 44.24 6.53 -5.28
CA THR C 507 44.38 5.73 -4.07
C THR C 507 43.15 4.83 -3.88
N VAL C 508 41.91 5.38 -3.98
CA VAL C 508 40.68 4.58 -3.90
C VAL C 508 40.74 3.40 -4.91
N CYS C 509 41.27 3.66 -6.11
CA CYS C 509 41.35 2.68 -7.18
C CYS C 509 42.25 1.51 -6.82
N LYS C 510 43.43 1.80 -6.19
CA LYS C 510 44.35 0.72 -5.77
C LYS C 510 43.75 -0.02 -4.56
N LEU C 511 43.12 0.74 -3.66
CA LEU C 511 42.50 0.21 -2.45
C LEU C 511 41.38 -0.74 -2.78
N VAL C 512 40.48 -0.33 -3.70
CA VAL C 512 39.33 -1.15 -4.14
C VAL C 512 39.70 -2.10 -5.32
N ASP C 513 40.83 -1.86 -6.00
CA ASP C 513 41.31 -2.66 -7.12
C ASP C 513 40.33 -2.62 -8.32
N ILE C 514 40.20 -1.42 -8.89
CA ILE C 514 39.35 -1.13 -10.04
C ILE C 514 40.06 -0.10 -10.90
N PRO C 515 39.58 0.10 -12.15
CA PRO C 515 40.04 1.23 -12.95
C PRO C 515 39.39 2.52 -12.41
N PRO C 516 39.88 3.69 -12.87
CA PRO C 516 39.29 4.96 -12.41
C PRO C 516 37.96 5.32 -13.16
N VAL C 517 37.62 4.59 -14.24
CA VAL C 517 36.40 4.72 -15.04
C VAL C 517 35.73 3.33 -15.04
N LEU C 518 34.45 3.22 -14.61
CA LEU C 518 33.78 1.92 -14.52
C LEU C 518 32.80 1.74 -15.60
N HIS C 519 32.98 0.69 -16.41
CA HIS C 519 32.03 0.37 -17.46
C HIS C 519 30.81 -0.37 -16.87
N MET C 520 29.65 0.33 -16.79
CA MET C 520 28.42 -0.24 -16.22
C MET C 520 27.38 -0.77 -17.29
N GLY C 521 27.77 -0.79 -18.55
CA GLY C 521 26.99 -1.47 -19.57
C GLY C 521 26.45 -0.66 -20.72
N SER C 522 25.32 -1.12 -21.24
CA SER C 522 24.62 -0.51 -22.36
C SER C 522 23.82 0.70 -21.89
N CYS C 523 23.11 1.38 -22.83
CA CYS C 523 22.26 2.55 -22.57
C CYS C 523 21.07 2.20 -21.64
N VAL C 524 20.42 1.01 -21.80
CA VAL C 524 19.37 0.64 -20.82
C VAL C 524 20.02 0.50 -19.44
N ASP C 525 21.28 0.05 -19.39
CA ASP C 525 22.05 -0.08 -18.15
C ASP C 525 22.41 1.29 -17.52
N ILE C 526 21.88 2.41 -18.07
CA ILE C 526 22.03 3.68 -17.35
C ILE C 526 21.16 3.55 -16.05
N SER C 527 20.14 2.60 -16.08
CA SER C 527 19.27 2.26 -14.96
C SER C 527 20.12 1.76 -13.73
N ARG C 528 21.31 1.15 -14.02
CA ARG C 528 22.23 0.74 -12.95
C ARG C 528 22.79 1.99 -12.25
N ILE C 529 23.01 3.06 -13.02
CA ILE C 529 23.52 4.29 -12.46
C ILE C 529 22.45 4.91 -11.51
N LEU C 530 21.22 4.99 -11.98
CA LEU C 530 20.10 5.51 -11.17
C LEU C 530 20.01 4.72 -9.85
N ASP C 531 20.17 3.40 -9.98
CA ASP C 531 20.13 2.46 -8.88
C ASP C 531 21.29 2.75 -7.87
N LEU C 532 22.51 2.93 -8.38
CA LEU C 532 23.67 3.19 -7.54
C LEU C 532 23.56 4.53 -6.81
N VAL C 533 23.14 5.58 -7.54
CA VAL C 533 23.00 6.93 -6.97
C VAL C 533 21.84 6.92 -5.96
N GLY C 534 20.80 6.20 -6.27
CA GLY C 534 19.67 6.10 -5.37
C GLY C 534 20.05 5.40 -4.06
N ARG C 535 20.81 4.32 -4.15
CA ARG C 535 21.23 3.60 -2.94
C ARG C 535 22.09 4.49 -2.02
N VAL C 536 22.97 5.29 -2.59
CA VAL C 536 23.81 6.17 -1.81
C VAL C 536 22.94 7.26 -1.17
N ALA C 537 21.96 7.80 -1.93
CA ALA C 537 21.06 8.85 -1.45
C ALA C 537 20.30 8.36 -0.22
N ASN C 538 19.77 7.14 -0.29
CA ASN C 538 19.00 6.54 0.78
C ASN C 538 19.87 6.25 2.01
N LEU C 539 21.10 5.81 1.80
CA LEU C 539 22.02 5.54 2.88
C LEU C 539 22.32 6.83 3.64
N LEU C 540 22.56 7.94 2.94
CA LEU C 540 22.84 9.21 3.59
C LEU C 540 21.56 9.98 4.04
N GLY C 541 20.40 9.37 3.79
CA GLY C 541 19.09 9.94 4.12
C GLY C 541 18.77 11.23 3.39
N VAL C 542 19.22 11.35 2.13
CA VAL C 542 19.00 12.56 1.35
C VAL C 542 18.29 12.20 0.03
N ASP C 543 18.01 13.20 -0.80
CA ASP C 543 17.42 12.95 -2.11
C ASP C 543 18.60 12.95 -3.06
N MET C 544 18.39 12.43 -4.28
CA MET C 544 19.43 12.36 -5.30
C MET C 544 19.95 13.74 -5.75
N SER C 545 19.10 14.76 -5.69
CA SER C 545 19.52 16.11 -6.00
C SER C 545 20.48 16.69 -4.91
N ASP C 546 20.59 16.05 -3.74
CA ASP C 546 21.47 16.58 -2.68
C ASP C 546 22.93 16.09 -2.81
N LEU C 547 23.18 15.09 -3.66
CA LEU C 547 24.51 14.52 -3.79
C LEU C 547 25.40 15.23 -4.81
N PRO C 548 26.75 15.14 -4.64
CA PRO C 548 27.66 15.66 -5.68
C PRO C 548 27.78 14.67 -6.85
N VAL C 549 26.76 14.61 -7.69
CA VAL C 549 26.73 13.74 -8.86
C VAL C 549 26.27 14.54 -10.08
N ALA C 550 26.59 14.03 -11.25
CA ALA C 550 26.25 14.70 -12.50
C ALA C 550 26.27 13.66 -13.65
N GLY C 551 25.52 13.98 -14.70
CA GLY C 551 25.47 13.24 -15.94
C GLY C 551 26.06 14.12 -17.02
N VAL C 552 26.60 13.49 -18.10
CA VAL C 552 27.22 14.19 -19.24
C VAL C 552 27.01 13.36 -20.45
N ALA C 553 26.50 13.97 -21.54
CA ALA C 553 26.27 13.35 -22.83
C ALA C 553 27.09 14.17 -23.85
N PRO C 554 28.42 13.94 -23.91
CA PRO C 554 29.30 14.79 -24.72
C PRO C 554 29.10 14.80 -26.25
N GLU C 555 28.54 13.75 -26.85
CA GLU C 555 28.44 13.69 -28.33
C GLU C 555 27.13 13.05 -28.76
N TRP C 556 26.04 13.32 -28.01
CA TRP C 556 24.79 12.65 -28.24
C TRP C 556 24.16 12.94 -29.61
N MET C 557 23.38 12.01 -30.12
CA MET C 557 22.69 12.20 -31.39
C MET C 557 21.24 11.73 -31.29
N SER C 558 20.97 10.64 -30.56
CA SER C 558 19.66 9.98 -30.65
C SER C 558 18.54 10.60 -29.81
N GLU C 559 17.27 10.27 -30.20
CA GLU C 559 16.09 10.69 -29.43
C GLU C 559 16.15 9.94 -28.08
N LYS C 560 16.73 8.70 -28.05
CA LYS C 560 16.95 7.95 -26.81
C LYS C 560 17.78 8.78 -25.85
N ALA C 561 18.82 9.48 -26.34
CA ALA C 561 19.67 10.36 -25.51
C ALA C 561 18.88 11.56 -24.97
N VAL C 562 17.93 12.10 -25.70
CA VAL C 562 17.10 13.19 -25.18
C VAL C 562 16.27 12.65 -24.00
N ALA C 563 15.64 11.44 -24.18
CA ALA C 563 14.86 10.80 -23.12
C ALA C 563 15.74 10.54 -21.87
N ILE C 564 16.98 10.05 -22.07
CA ILE C 564 17.89 9.76 -20.97
C ILE C 564 18.21 11.04 -20.20
N GLY C 565 18.64 12.10 -20.89
CA GLY C 565 18.97 13.37 -20.25
C GLY C 565 17.79 13.84 -19.44
N THR C 566 16.57 13.77 -20.04
CA THR C 566 15.36 14.23 -19.38
C THR C 566 15.06 13.43 -18.11
N TYR C 567 15.17 12.10 -18.15
CA TYR C 567 14.88 11.34 -16.93
C TYR C 567 16.01 11.44 -15.90
N VAL C 568 17.24 11.74 -16.33
CA VAL C 568 18.35 11.93 -15.36
C VAL C 568 18.12 13.26 -14.59
N VAL C 569 17.74 14.32 -15.31
CA VAL C 569 17.50 15.61 -14.69
C VAL C 569 16.24 15.58 -13.81
N THR C 570 15.21 14.86 -14.28
CA THR C 570 13.96 14.75 -13.52
C THR C 570 14.17 13.90 -12.27
N SER C 571 15.17 13.02 -12.30
CA SER C 571 15.54 12.20 -11.15
C SER C 571 16.35 13.00 -10.09
N GLY C 572 16.82 14.21 -10.44
CA GLY C 572 17.59 15.06 -9.55
C GLY C 572 19.09 15.09 -9.85
N ILE C 573 19.53 14.64 -11.04
CA ILE C 573 20.96 14.65 -11.37
C ILE C 573 21.20 15.67 -12.49
N ASP C 574 22.04 16.71 -12.21
CA ASP C 574 22.40 17.74 -13.19
C ASP C 574 23.01 17.09 -14.43
N THR C 575 22.59 17.52 -15.63
CA THR C 575 23.06 16.93 -16.87
C THR C 575 23.60 17.97 -17.83
N TRP C 576 24.85 17.72 -18.27
CA TRP C 576 25.56 18.52 -19.25
C TRP C 576 25.39 17.88 -20.60
N LEU C 577 25.03 18.68 -21.61
CA LEU C 577 24.87 18.21 -22.98
C LEU C 577 25.99 18.80 -23.82
N GLY C 578 26.73 17.93 -24.54
CA GLY C 578 27.86 18.35 -25.36
C GLY C 578 27.49 18.75 -26.77
N VAL C 579 26.23 18.42 -27.16
CA VAL C 579 25.59 18.78 -28.42
C VAL C 579 24.34 19.54 -27.98
N ALA C 580 24.14 20.74 -28.55
CA ALA C 580 22.98 21.54 -28.20
C ALA C 580 21.72 20.86 -28.73
N PRO C 581 20.65 20.71 -27.93
CA PRO C 581 19.38 20.22 -28.51
C PRO C 581 18.70 21.38 -29.29
N PRO C 582 17.69 21.06 -30.12
CA PRO C 582 17.02 22.11 -30.92
C PRO C 582 15.99 22.94 -30.15
N VAL C 583 16.48 23.87 -29.29
CA VAL C 583 15.61 24.65 -28.43
C VAL C 583 15.91 26.13 -28.41
N THR C 584 17.00 26.62 -29.04
CA THR C 584 17.38 28.05 -28.96
C THR C 584 16.29 29.03 -29.39
N GLY C 585 15.45 28.62 -30.32
CA GLY C 585 14.40 29.50 -30.81
C GLY C 585 13.24 29.72 -29.86
N GLY C 586 13.21 28.97 -28.76
CA GLY C 586 12.15 29.06 -27.76
C GLY C 586 12.73 29.58 -26.46
N PRO C 587 12.77 30.90 -26.26
CA PRO C 587 13.38 31.45 -25.03
C PRO C 587 12.79 30.84 -23.74
N GLU C 588 11.44 30.64 -23.68
CA GLU C 588 10.82 30.11 -22.48
C GLU C 588 11.26 28.68 -22.27
N VAL C 589 11.44 27.88 -23.35
CA VAL C 589 11.94 26.49 -23.23
C VAL C 589 13.39 26.46 -22.67
N VAL C 590 14.27 27.29 -23.23
CA VAL C 590 15.66 27.40 -22.75
C VAL C 590 15.65 27.78 -21.25
N ASP C 591 14.81 28.74 -20.85
CA ASP C 591 14.77 29.13 -19.45
C ASP C 591 14.23 27.99 -18.57
N ILE C 592 13.22 27.24 -19.05
CA ILE C 592 12.68 26.10 -18.31
C ILE C 592 13.78 25.07 -18.11
N LEU C 593 14.44 24.61 -19.19
CA LEU C 593 15.45 23.55 -19.14
C LEU C 593 16.71 23.87 -18.37
N THR C 594 17.22 25.08 -18.57
CA THR C 594 18.50 25.45 -18.00
C THR C 594 18.38 26.33 -16.78
N ASN C 595 17.18 26.50 -16.19
CA ASN C 595 17.10 27.36 -15.02
C ASN C 595 15.93 27.00 -14.10
N LYS C 596 14.71 27.23 -14.56
CA LYS C 596 13.51 26.95 -13.77
C LYS C 596 13.47 25.49 -13.29
N MET C 597 14.01 24.56 -14.10
CA MET C 597 14.05 23.13 -13.83
C MET C 597 14.56 22.85 -12.42
N GLU C 598 15.60 23.57 -12.01
CA GLU C 598 16.25 23.42 -10.70
C GLU C 598 15.24 23.66 -9.55
N ASP C 599 14.25 24.54 -9.78
CA ASP C 599 13.23 24.78 -8.77
C ASP C 599 12.23 23.59 -8.78
N TRP C 600 12.06 22.94 -9.91
CA TRP C 600 11.13 21.83 -10.01
C TRP C 600 11.68 20.54 -9.43
N VAL C 601 12.89 20.19 -9.83
CA VAL C 601 13.46 18.88 -9.50
C VAL C 601 14.86 18.90 -8.84
N GLY C 602 15.37 20.08 -8.52
CA GLY C 602 16.67 20.19 -7.86
C GLY C 602 17.88 19.95 -8.75
N ALA C 603 17.62 19.88 -10.05
CA ALA C 603 18.68 19.67 -11.05
C ALA C 603 18.25 20.41 -12.32
N LYS C 604 19.18 20.65 -13.24
CA LYS C 604 18.85 21.28 -14.50
C LYS C 604 19.81 20.82 -15.61
N PHE C 605 19.51 21.23 -16.85
CA PHE C 605 20.39 20.98 -17.97
C PHE C 605 21.41 22.12 -18.07
N PHE C 606 22.61 21.75 -18.57
CA PHE C 606 23.70 22.68 -18.86
C PHE C 606 24.15 22.32 -20.24
N ILE C 607 24.20 23.28 -21.15
CA ILE C 607 24.59 23.00 -22.54
C ILE C 607 25.97 23.62 -22.76
N GLU C 608 26.99 22.75 -22.95
CA GLU C 608 28.37 23.21 -23.05
C GLU C 608 29.12 22.37 -24.03
N THR C 609 29.42 22.94 -25.20
CA THR C 609 30.13 22.22 -26.26
C THR C 609 31.67 22.20 -26.07
N ASP C 610 32.23 22.82 -25.03
CA ASP C 610 33.68 22.81 -24.78
C ASP C 610 33.94 21.87 -23.62
N PRO C 611 34.46 20.66 -23.85
CA PRO C 611 34.60 19.72 -22.75
C PRO C 611 35.43 20.21 -21.56
N HIS C 612 36.42 21.08 -21.80
CA HIS C 612 37.24 21.64 -20.71
C HIS C 612 36.44 22.59 -19.84
N LYS C 613 35.45 23.31 -20.43
CA LYS C 613 34.57 24.19 -19.66
C LYS C 613 33.47 23.36 -18.93
N ALA C 614 32.97 22.26 -19.55
CA ALA C 614 32.00 21.35 -18.94
C ALA C 614 32.59 20.75 -17.66
N VAL C 615 33.85 20.29 -17.68
CA VAL C 615 34.51 19.74 -16.47
C VAL C 615 34.62 20.83 -15.32
N GLU C 616 35.02 22.07 -15.67
CA GLU C 616 35.10 23.14 -14.67
C GLU C 616 33.69 23.42 -14.05
N GLN C 617 32.66 23.40 -14.90
CA GLN C 617 31.31 23.65 -14.44
C GLN C 617 30.82 22.52 -13.54
N ILE C 618 31.05 21.26 -13.94
CA ILE C 618 30.62 20.12 -13.12
C ILE C 618 31.32 20.15 -11.76
N VAL C 619 32.66 20.34 -11.75
CA VAL C 619 33.42 20.40 -10.50
C VAL C 619 32.89 21.54 -9.60
N ASN C 620 32.66 22.74 -10.15
CA ASN C 620 32.15 23.85 -9.33
C ASN C 620 30.79 23.51 -8.78
N ARG C 621 29.91 22.92 -9.64
CA ARG C 621 28.55 22.56 -9.26
C ARG C 621 28.58 21.51 -8.14
N MET C 622 29.45 20.50 -8.27
CA MET C 622 29.61 19.48 -7.22
C MET C 622 30.09 20.13 -5.92
N ASN C 623 31.04 21.09 -6.00
CA ASN C 623 31.49 21.79 -4.78
C ASN C 623 30.36 22.59 -4.13
N GLU C 624 29.45 23.20 -4.93
CA GLU C 624 28.31 23.96 -4.40
C GLU C 624 27.41 23.00 -3.66
N LYS C 625 27.06 21.87 -4.28
CA LYS C 625 26.21 20.86 -3.64
C LYS C 625 26.89 20.27 -2.36
N ARG C 626 28.20 20.07 -2.39
CA ARG C 626 28.95 19.56 -1.21
C ARG C 626 28.80 20.55 -0.04
N LYS C 627 28.96 21.84 -0.33
CA LYS C 627 28.86 22.90 0.67
C LYS C 627 27.43 22.93 1.24
N LYS C 628 26.43 22.90 0.40
CA LYS C 628 25.03 22.89 0.81
C LYS C 628 24.67 21.64 1.65
N LEU C 629 25.30 20.47 1.34
CA LEU C 629 25.12 19.23 2.09
C LEU C 629 26.05 19.11 3.35
N GLY C 630 27.02 20.01 3.44
CA GLY C 630 27.95 20.09 4.57
C GLY C 630 29.06 19.06 4.58
N ILE C 631 29.53 18.64 3.39
CA ILE C 631 30.59 17.62 3.27
C ILE C 631 31.76 18.14 2.45
N LYS D 4 -8.01 34.64 -54.38
CA LYS D 4 -8.90 33.50 -54.16
C LYS D 4 -9.84 33.80 -53.00
N ALA D 5 -11.06 33.23 -53.04
CA ALA D 5 -12.02 33.47 -51.95
C ALA D 5 -11.55 32.73 -50.73
N LYS D 6 -11.83 33.27 -49.55
CA LYS D 6 -11.45 32.62 -48.32
C LYS D 6 -12.46 31.51 -47.98
N SER D 7 -13.73 31.68 -48.42
CA SER D 7 -14.80 30.76 -48.05
C SER D 7 -15.97 30.89 -49.00
N ILE D 8 -16.82 29.87 -49.02
CA ILE D 8 -18.07 29.89 -49.81
C ILE D 8 -19.25 30.33 -48.92
N ASP D 9 -19.05 30.35 -47.60
CA ASP D 9 -20.11 30.67 -46.66
C ASP D 9 -20.23 32.17 -46.44
N GLN D 10 -21.47 32.70 -46.62
CA GLN D 10 -21.68 34.15 -46.45
C GLN D 10 -21.45 34.66 -45.04
N ALA D 11 -22.05 34.02 -44.03
CA ALA D 11 -21.85 34.42 -42.63
C ALA D 11 -20.36 34.45 -42.29
N THR D 12 -19.56 33.49 -42.83
CA THR D 12 -18.12 33.45 -42.63
C THR D 12 -17.46 34.70 -43.26
N LEU D 13 -17.86 35.04 -44.53
CA LEU D 13 -17.30 36.20 -45.24
C LEU D 13 -17.68 37.53 -44.58
N GLN D 14 -18.90 37.61 -43.98
CA GLN D 14 -19.32 38.81 -43.27
C GLN D 14 -18.43 39.04 -42.03
N LEU D 15 -18.17 37.97 -41.26
CA LEU D 15 -17.36 38.11 -40.07
C LEU D 15 -15.88 38.25 -40.36
N LEU D 16 -15.44 37.80 -41.55
CA LEU D 16 -14.05 38.00 -41.94
C LEU D 16 -13.83 39.51 -42.18
N ASP D 17 -14.85 40.22 -42.70
CA ASP D 17 -14.75 41.66 -42.92
C ASP D 17 -14.76 42.35 -41.55
N LYS D 18 -15.62 41.93 -40.61
CA LYS D 18 -15.67 42.54 -39.28
C LYS D 18 -14.35 42.33 -38.57
N ALA D 19 -13.69 41.17 -38.77
CA ALA D 19 -12.40 40.86 -38.14
C ALA D 19 -11.34 41.84 -38.65
N LYS D 20 -11.32 42.09 -39.98
CA LYS D 20 -10.36 43.04 -40.55
C LYS D 20 -10.61 44.44 -39.92
N GLN D 21 -11.88 44.86 -39.96
CA GLN D 21 -12.32 46.14 -39.42
C GLN D 21 -11.92 46.27 -37.92
N ASP D 22 -12.04 45.17 -37.11
CA ASP D 22 -11.70 45.15 -35.69
C ASP D 22 -10.15 45.12 -35.44
N GLY D 23 -9.37 44.81 -36.47
CA GLY D 23 -7.92 44.74 -36.37
C GLY D 23 -7.42 43.46 -35.76
N VAL D 24 -8.26 42.42 -35.75
CA VAL D 24 -7.87 41.12 -35.18
C VAL D 24 -7.41 40.19 -36.29
N GLU D 25 -6.59 39.23 -35.92
CA GLU D 25 -5.98 38.31 -36.88
C GLU D 25 -6.76 36.98 -36.96
N THR D 26 -6.75 36.32 -38.13
CA THR D 26 -7.39 35.03 -38.33
C THR D 26 -6.40 34.01 -38.90
N VAL D 27 -6.81 32.73 -38.92
CA VAL D 27 -6.05 31.63 -39.49
C VAL D 27 -5.68 31.95 -40.96
N TRP D 28 -6.57 32.66 -41.72
CA TRP D 28 -6.31 33.05 -43.11
C TRP D 28 -5.17 34.08 -43.21
N ASP D 29 -5.07 35.00 -42.25
CA ASP D 29 -4.02 35.99 -42.22
C ASP D 29 -2.67 35.34 -41.91
N ARG D 30 -2.65 34.40 -40.96
CA ARG D 30 -1.43 33.66 -40.62
C ARG D 30 -1.04 32.73 -41.76
N LYS D 31 -2.01 32.24 -42.54
CA LYS D 31 -1.67 31.42 -43.68
C LYS D 31 -0.88 32.26 -44.70
N ALA D 32 -1.38 33.48 -44.96
CA ALA D 32 -0.75 34.37 -45.90
C ALA D 32 0.63 34.79 -45.38
N ASP D 33 0.76 35.02 -44.06
CA ASP D 33 2.03 35.41 -43.45
C ASP D 33 3.07 34.29 -43.60
N MET D 34 2.64 33.02 -43.72
CA MET D 34 3.56 31.88 -43.90
C MET D 34 4.12 31.82 -45.34
N LYS D 35 3.57 32.64 -46.27
CA LYS D 35 4.06 32.76 -47.63
C LYS D 35 4.29 31.37 -48.30
N VAL D 36 5.45 31.15 -48.96
CA VAL D 36 5.70 29.86 -49.61
C VAL D 36 6.24 28.90 -48.57
N GLN D 37 5.48 27.83 -48.30
CA GLN D 37 5.83 26.82 -47.30
C GLN D 37 6.96 25.94 -47.82
N CYS D 38 7.87 25.56 -46.91
CA CYS D 38 9.10 24.80 -47.28
C CYS D 38 8.83 23.64 -48.24
N GLY D 39 9.59 23.58 -49.33
CA GLY D 39 9.42 22.54 -50.32
C GLY D 39 9.82 21.19 -49.80
N PHE D 40 10.83 21.15 -48.91
CA PHE D 40 11.29 19.88 -48.33
C PHE D 40 10.20 19.28 -47.42
N GLY D 41 9.72 20.10 -46.49
CA GLY D 41 8.68 19.72 -45.56
C GLY D 41 7.40 19.36 -46.29
N SER D 42 7.07 20.08 -47.36
CA SER D 42 5.87 19.78 -48.14
C SER D 42 5.96 18.45 -48.91
N ALA D 43 7.18 18.09 -49.37
CA ALA D 43 7.40 16.84 -50.11
C ALA D 43 7.72 15.68 -49.14
N GLY D 44 7.83 15.98 -47.84
CA GLY D 44 8.12 14.98 -46.82
C GLY D 44 9.56 14.52 -46.79
N VAL D 45 10.45 15.30 -47.39
CA VAL D 45 11.88 14.98 -47.51
C VAL D 45 12.79 15.67 -46.49
N CYS D 46 12.24 16.32 -45.46
CA CYS D 46 13.08 16.85 -44.37
C CYS D 46 13.00 15.83 -43.21
N CYS D 47 14.16 15.61 -42.50
CA CYS D 47 14.20 14.72 -41.37
C CYS D 47 14.79 15.37 -40.16
N ARG D 48 14.12 15.26 -39.02
CA ARG D 48 14.62 15.83 -37.77
C ARG D 48 14.55 14.78 -36.64
N ASN D 49 14.69 13.49 -36.97
CA ASN D 49 14.58 12.41 -35.99
C ASN D 49 15.75 12.25 -35.08
N CYS D 50 16.81 13.02 -35.24
CA CYS D 50 17.99 12.95 -34.36
C CYS D 50 18.79 14.23 -34.48
N SER D 51 19.75 14.43 -33.57
CA SER D 51 20.53 15.65 -33.59
C SER D 51 21.76 15.58 -34.49
N MET D 52 21.92 14.54 -35.33
CA MET D 52 22.94 14.57 -36.39
C MET D 52 22.33 15.53 -37.48
N GLY D 53 20.98 15.56 -37.60
CA GLY D 53 20.26 16.47 -38.48
C GLY D 53 20.17 17.89 -37.91
N PRO D 54 19.31 18.76 -38.49
CA PRO D 54 18.33 18.46 -39.53
C PRO D 54 18.92 17.97 -40.83
N CYS D 55 18.25 17.04 -41.52
CA CYS D 55 18.67 16.52 -42.81
C CYS D 55 17.59 16.85 -43.85
N ARG D 56 17.96 17.12 -45.10
CA ARG D 56 16.99 17.32 -46.19
C ARG D 56 17.56 16.71 -47.48
N VAL D 57 16.79 15.85 -48.10
CA VAL D 57 17.23 15.18 -49.31
C VAL D 57 16.35 15.69 -50.46
N SER D 58 16.84 15.47 -51.67
CA SER D 58 16.20 15.95 -52.86
C SER D 58 14.87 15.28 -53.03
N PRO D 59 13.78 16.02 -53.31
CA PRO D 59 12.51 15.37 -53.67
C PRO D 59 12.49 14.89 -55.12
N VAL D 60 13.56 15.18 -55.88
CA VAL D 60 13.69 14.76 -57.28
C VAL D 60 14.75 13.69 -57.39
N PRO D 61 14.38 12.44 -57.64
CA PRO D 61 15.39 11.37 -57.69
C PRO D 61 16.46 11.56 -58.77
N GLY D 62 17.69 11.20 -58.44
CA GLY D 62 18.84 11.34 -59.34
C GLY D 62 19.60 12.65 -59.18
N LYS D 63 18.97 13.65 -58.56
CA LYS D 63 19.56 14.98 -58.37
C LYS D 63 19.78 15.30 -56.90
N GLY D 64 20.60 16.32 -56.67
CA GLY D 64 20.90 16.87 -55.36
C GLY D 64 21.37 15.87 -54.33
N VAL D 65 21.23 16.22 -53.05
CA VAL D 65 21.61 15.34 -51.95
C VAL D 65 20.60 14.23 -51.87
N GLU D 66 21.06 12.99 -51.89
CA GLU D 66 20.16 11.83 -51.96
C GLU D 66 19.87 11.18 -50.60
N ARG D 67 20.85 11.16 -49.70
CA ARG D 67 20.70 10.46 -48.42
C ARG D 67 20.95 11.37 -47.22
N GLY D 68 20.28 11.04 -46.13
CA GLY D 68 20.46 11.73 -44.86
C GLY D 68 21.79 11.30 -44.28
N ILE D 69 22.25 12.01 -43.26
CA ILE D 69 23.56 11.73 -42.66
C ILE D 69 23.68 10.29 -42.19
N CYS D 70 22.60 9.68 -41.70
CA CYS D 70 22.64 8.29 -41.24
C CYS D 70 22.58 7.29 -42.44
N GLY D 71 22.23 7.81 -43.63
CA GLY D 71 22.09 7.04 -44.84
C GLY D 71 20.65 6.91 -45.27
N ALA D 72 19.70 7.50 -44.57
CA ALA D 72 18.29 7.37 -44.92
C ALA D 72 17.94 7.98 -46.33
N THR D 73 17.33 7.16 -47.20
CA THR D 73 16.88 7.63 -48.51
C THR D 73 15.63 8.51 -48.33
N ALA D 74 15.14 9.13 -49.42
CA ALA D 74 13.94 9.96 -49.41
C ALA D 74 12.74 9.12 -49.02
N ASP D 75 12.60 7.90 -49.58
CA ASP D 75 11.50 6.97 -49.27
C ASP D 75 11.50 6.61 -47.76
N VAL D 76 12.67 6.38 -47.18
CA VAL D 76 12.78 6.08 -45.76
C VAL D 76 12.32 7.30 -44.97
N ILE D 77 12.86 8.49 -45.30
CA ILE D 77 12.48 9.71 -44.56
C ILE D 77 10.95 10.00 -44.74
N VAL D 78 10.43 9.91 -45.96
CA VAL D 78 9.03 10.18 -46.23
C VAL D 78 8.18 9.16 -45.45
N SER D 79 8.48 7.83 -45.61
CA SER D 79 7.70 6.79 -44.93
C SER D 79 7.65 6.93 -43.40
N ARG D 80 8.78 7.26 -42.76
CA ARG D 80 8.80 7.45 -41.30
C ARG D 80 7.98 8.69 -40.91
N ASN D 81 8.07 9.78 -41.68
CA ASN D 81 7.31 11.00 -41.38
C ASN D 81 5.79 10.71 -41.51
N PHE D 82 5.39 9.95 -42.52
CA PHE D 82 3.99 9.58 -42.69
C PHE D 82 3.54 8.74 -41.48
N ALA D 83 4.36 7.79 -41.09
CA ALA D 83 4.05 6.92 -39.99
C ALA D 83 3.85 7.71 -38.65
N ARG D 84 4.64 8.76 -38.37
CA ARG D 84 4.45 9.50 -37.10
C ARG D 84 3.15 10.31 -37.11
N MET D 85 2.66 10.66 -38.29
CA MET D 85 1.36 11.33 -38.42
C MET D 85 0.23 10.37 -38.03
N VAL D 86 0.33 9.11 -38.49
CA VAL D 86 -0.63 8.06 -38.14
C VAL D 86 -0.53 7.77 -36.61
N ALA D 87 0.70 7.61 -36.08
CA ALA D 87 0.87 7.34 -34.67
C ALA D 87 0.28 8.48 -33.83
N ALA D 88 0.49 9.73 -34.25
CA ALA D 88 0.00 10.88 -33.49
C ALA D 88 -1.54 10.96 -33.62
N GLY D 89 -2.08 10.62 -34.80
CA GLY D 89 -3.52 10.61 -35.02
C GLY D 89 -4.18 9.55 -34.18
N THR D 90 -3.54 8.38 -34.11
CA THR D 90 -4.01 7.25 -33.33
C THR D 90 -3.95 7.63 -31.83
N ALA D 91 -2.88 8.34 -31.40
CA ALA D 91 -2.77 8.72 -30.00
C ALA D 91 -3.91 9.67 -29.59
N ALA D 92 -4.28 10.62 -30.46
CA ALA D 92 -5.36 11.58 -30.18
C ALA D 92 -6.68 10.80 -29.94
N HIS D 93 -7.06 9.87 -30.86
CA HIS D 93 -8.25 9.05 -30.66
C HIS D 93 -8.14 8.07 -29.47
N SER D 94 -6.94 7.57 -29.23
CA SER D 94 -6.64 6.63 -28.16
C SER D 94 -6.97 7.23 -26.80
N ASP D 95 -6.46 8.44 -26.50
CA ASP D 95 -6.74 9.12 -25.22
C ASP D 95 -8.20 9.50 -25.12
N HIS D 96 -8.88 9.82 -26.26
CA HIS D 96 -10.29 10.15 -26.29
C HIS D 96 -11.04 8.89 -25.83
N GLY D 97 -10.80 7.76 -26.50
CA GLY D 97 -11.46 6.52 -26.13
C GLY D 97 -11.13 6.07 -24.73
N ARG D 98 -9.87 6.22 -24.31
CA ARG D 98 -9.43 5.77 -23.01
C ARG D 98 -10.16 6.52 -21.92
N SER D 99 -10.31 7.84 -22.08
CA SER D 99 -11.01 8.66 -21.14
C SER D 99 -12.48 8.24 -21.01
N ILE D 100 -13.15 7.88 -22.16
CA ILE D 100 -14.54 7.42 -22.17
C ILE D 100 -14.67 6.11 -21.39
N ALA D 101 -13.77 5.13 -21.59
CA ALA D 101 -13.86 3.85 -20.88
C ALA D 101 -13.62 4.08 -19.39
N LEU D 102 -12.71 5.01 -19.01
CA LEU D 102 -12.54 5.34 -17.60
C LEU D 102 -13.84 5.93 -17.03
N SER D 103 -14.61 6.71 -17.80
CA SER D 103 -15.90 7.22 -17.35
C SER D 103 -16.94 6.07 -17.21
N LEU D 104 -16.89 5.05 -18.11
CA LEU D 104 -17.81 3.90 -18.05
C LEU D 104 -17.53 3.09 -16.76
N TYR D 105 -16.24 3.01 -16.39
CA TYR D 105 -15.80 2.35 -15.17
C TYR D 105 -16.30 3.05 -13.90
N HIS D 106 -16.59 4.35 -13.97
CA HIS D 106 -17.01 5.10 -12.79
CA HIS D 106 -17.00 5.18 -12.84
C HIS D 106 -18.51 5.41 -12.82
N THR D 107 -19.30 4.64 -13.62
CA THR D 107 -20.76 4.83 -13.66
C THR D 107 -21.46 4.29 -12.44
N SER D 108 -22.63 4.83 -12.13
CA SER D 108 -23.40 4.38 -10.97
C SER D 108 -24.86 4.74 -11.12
N LYS D 109 -25.74 4.00 -10.44
CA LYS D 109 -27.19 4.24 -10.48
C LYS D 109 -27.57 5.67 -10.08
N ASP D 110 -26.99 6.20 -9.00
CA ASP D 110 -27.31 7.51 -8.49
C ASP D 110 -26.23 8.59 -8.79
N GLY D 111 -25.14 8.21 -9.46
CA GLY D 111 -24.08 9.16 -9.80
C GLY D 111 -24.43 10.05 -10.99
N ASP D 112 -23.51 10.99 -11.33
CA ASP D 112 -23.65 11.89 -12.49
C ASP D 112 -23.62 11.13 -13.83
N ILE D 113 -22.79 10.06 -13.94
CA ILE D 113 -22.64 9.26 -15.16
C ILE D 113 -23.41 7.95 -15.00
N LYS D 114 -24.42 7.74 -15.83
CA LYS D 114 -25.25 6.53 -15.75
C LYS D 114 -25.13 5.72 -17.04
N VAL D 115 -25.82 4.58 -17.09
CA VAL D 115 -25.92 3.73 -18.28
C VAL D 115 -27.27 4.13 -18.83
N LYS D 116 -27.33 4.81 -19.99
CA LYS D 116 -28.59 5.20 -20.61
C LYS D 116 -29.08 4.18 -21.63
N ASP D 117 -28.19 3.32 -22.19
CA ASP D 117 -28.61 2.29 -23.16
C ASP D 117 -28.17 0.92 -22.66
N GLU D 118 -29.04 0.26 -21.88
CA GLU D 118 -28.75 -1.04 -21.27
C GLU D 118 -28.66 -2.11 -22.31
N ASN D 119 -29.51 -2.03 -23.35
CA ASN D 119 -29.50 -3.03 -24.38
C ASN D 119 -28.17 -3.00 -25.14
N LYS D 120 -27.73 -1.80 -25.55
CA LYS D 120 -26.46 -1.69 -26.24
C LYS D 120 -25.33 -2.20 -25.32
N LEU D 121 -25.38 -1.87 -24.03
CA LEU D 121 -24.36 -2.33 -23.10
C LEU D 121 -24.35 -3.86 -23.03
N LYS D 122 -25.55 -4.49 -23.04
CA LYS D 122 -25.64 -5.98 -22.93
C LYS D 122 -25.19 -6.70 -24.21
N GLU D 123 -25.32 -6.04 -25.37
CA GLU D 123 -24.83 -6.58 -26.64
C GLU D 123 -23.30 -6.38 -26.76
N VAL D 124 -22.80 -5.19 -26.39
CA VAL D 124 -21.37 -4.90 -26.40
C VAL D 124 -20.66 -5.83 -25.37
N ALA D 125 -21.35 -6.14 -24.27
CA ALA D 125 -20.80 -7.04 -23.28
C ALA D 125 -20.52 -8.40 -23.91
N LYS D 126 -21.39 -8.90 -24.80
CA LYS D 126 -21.18 -10.21 -25.45
C LYS D 126 -19.88 -10.21 -26.24
N SER D 127 -19.57 -9.09 -26.92
CA SER D 127 -18.36 -8.96 -27.72
C SER D 127 -17.11 -9.10 -26.84
N PHE D 128 -17.20 -8.65 -25.57
CA PHE D 128 -16.09 -8.73 -24.64
C PHE D 128 -16.13 -9.97 -23.74
N ASN D 129 -17.08 -10.92 -23.98
CA ASN D 129 -17.26 -12.13 -23.19
C ASN D 129 -17.45 -11.73 -21.71
N VAL D 130 -18.35 -10.79 -21.48
CA VAL D 130 -18.70 -10.34 -20.14
C VAL D 130 -20.14 -10.87 -19.88
N GLU D 131 -20.35 -11.59 -18.77
CA GLU D 131 -21.67 -12.16 -18.49
C GLU D 131 -22.68 -11.08 -18.15
N THR D 132 -23.94 -11.27 -18.57
CA THR D 132 -24.97 -10.27 -18.29
C THR D 132 -26.23 -10.84 -17.60
N GLU D 133 -26.51 -12.14 -17.79
CA GLU D 133 -27.72 -12.74 -17.21
C GLU D 133 -27.71 -12.65 -15.68
N GLY D 134 -28.79 -12.13 -15.12
CA GLY D 134 -28.98 -11.97 -13.69
C GLY D 134 -27.98 -11.10 -12.98
N ARG D 135 -27.42 -10.09 -13.68
CA ARG D 135 -26.42 -9.17 -13.08
C ARG D 135 -26.91 -7.73 -13.05
N ASP D 136 -26.34 -6.95 -12.11
CA ASP D 136 -26.63 -5.52 -11.99
C ASP D 136 -26.02 -4.83 -13.19
N ILE D 137 -26.75 -3.87 -13.78
CA ILE D 137 -26.31 -3.20 -14.99
C ILE D 137 -24.95 -2.48 -14.81
N TYR D 138 -24.66 -1.99 -13.61
CA TYR D 138 -23.39 -1.31 -13.36
C TYR D 138 -22.24 -2.27 -13.13
N ASP D 139 -22.54 -3.50 -12.67
CA ASP D 139 -21.52 -4.53 -12.54
C ASP D 139 -21.06 -4.90 -13.97
N ILE D 140 -22.01 -5.03 -14.91
CA ILE D 140 -21.71 -5.32 -16.32
C ILE D 140 -20.93 -4.13 -16.93
N ALA D 141 -21.36 -2.89 -16.63
CA ALA D 141 -20.71 -1.66 -17.13
C ALA D 141 -19.22 -1.62 -16.72
N HIS D 142 -18.90 -1.86 -15.45
CA HIS D 142 -17.52 -1.81 -14.97
C HIS D 142 -16.66 -2.95 -15.48
N ASP D 143 -17.25 -4.13 -15.68
CA ASP D 143 -16.56 -5.26 -16.25
C ASP D 143 -16.19 -4.92 -17.71
N VAL D 144 -17.16 -4.39 -18.48
CA VAL D 144 -16.97 -3.99 -19.89
C VAL D 144 -15.94 -2.87 -19.97
N ALA D 145 -16.01 -1.87 -19.08
CA ALA D 145 -15.04 -0.78 -19.09
C ALA D 145 -13.60 -1.34 -18.89
N LYS D 146 -13.43 -2.32 -17.93
CA LYS D 146 -12.13 -2.95 -17.70
C LYS D 146 -11.64 -3.79 -18.89
N GLU D 147 -12.56 -4.43 -19.59
CA GLU D 147 -12.20 -5.22 -20.77
C GLU D 147 -11.82 -4.28 -21.94
N GLY D 148 -12.49 -3.14 -22.06
CA GLY D 148 -12.18 -2.16 -23.09
C GLY D 148 -10.84 -1.51 -22.80
N LEU D 149 -10.59 -1.20 -21.54
CA LEU D 149 -9.31 -0.62 -21.13
C LEU D 149 -8.13 -1.55 -21.41
N SER D 150 -8.34 -2.87 -21.37
CA SER D 150 -7.27 -3.81 -21.68
C SER D 150 -6.91 -3.79 -23.17
N ASN D 151 -7.82 -3.32 -24.07
CA ASN D 151 -7.50 -3.17 -25.51
C ASN D 151 -6.46 -2.01 -25.72
N TYR D 152 -6.33 -1.09 -24.74
CA TYR D 152 -5.32 -0.06 -24.83
C TYR D 152 -3.93 -0.55 -24.45
N GLY D 153 -3.82 -1.43 -23.46
CA GLY D 153 -2.50 -1.82 -22.96
C GLY D 153 -2.18 -3.28 -22.68
N LYS D 154 -3.01 -4.25 -23.13
CA LYS D 154 -2.70 -5.65 -22.88
C LYS D 154 -1.38 -6.08 -23.55
N GLN D 155 -0.58 -6.88 -22.85
CA GLN D 155 0.71 -7.33 -23.38
C GLN D 155 0.72 -8.79 -23.82
N LEU D 156 -0.22 -9.58 -23.26
CA LEU D 156 -0.42 -10.99 -23.61
C LEU D 156 -1.88 -11.17 -24.07
N GLY D 157 -2.10 -12.12 -24.94
CA GLY D 157 -3.45 -12.39 -25.42
C GLY D 157 -3.77 -11.66 -26.70
N GLU D 158 -5.04 -11.62 -27.06
CA GLU D 158 -5.45 -10.95 -28.30
C GLU D 158 -6.44 -9.85 -28.01
N VAL D 159 -6.53 -8.85 -28.90
CA VAL D 159 -7.45 -7.72 -28.71
C VAL D 159 -8.86 -8.15 -29.09
N THR D 160 -9.84 -7.38 -28.63
CA THR D 160 -11.24 -7.62 -28.94
C THR D 160 -11.67 -6.69 -30.05
N LEU D 161 -12.22 -7.23 -31.12
CA LEU D 161 -12.67 -6.40 -32.24
C LEU D 161 -14.15 -6.55 -32.40
N PRO D 162 -14.83 -5.57 -33.00
CA PRO D 162 -16.28 -5.69 -33.14
C PRO D 162 -16.77 -6.79 -34.10
N PRO D 163 -18.03 -7.27 -33.88
CA PRO D 163 -18.61 -8.34 -34.74
C PRO D 163 -18.88 -7.99 -36.20
N SER D 164 -19.02 -6.70 -36.56
CA SER D 164 -19.28 -6.32 -37.96
C SER D 164 -18.02 -6.46 -38.83
N LEU D 165 -16.82 -6.54 -38.22
CA LEU D 165 -15.57 -6.71 -38.97
C LEU D 165 -15.53 -8.11 -39.65
N PRO D 166 -15.60 -8.20 -40.99
CA PRO D 166 -15.61 -9.53 -41.64
C PRO D 166 -14.38 -10.41 -41.33
N GLU D 167 -14.62 -11.71 -41.28
CA GLU D 167 -13.52 -12.68 -41.07
C GLU D 167 -12.51 -12.64 -42.24
N LYS D 168 -12.99 -12.38 -43.43
CA LYS D 168 -12.11 -12.24 -44.59
C LYS D 168 -11.10 -11.08 -44.37
N ARG D 169 -11.54 -10.00 -43.69
CA ARG D 169 -10.67 -8.87 -43.49
C ARG D 169 -9.63 -9.22 -42.44
N LYS D 170 -10.08 -9.82 -41.32
CA LYS D 170 -9.20 -10.24 -40.24
C LYS D 170 -8.13 -11.20 -40.75
N GLU D 171 -8.54 -12.21 -41.58
CA GLU D 171 -7.58 -13.20 -42.06
C GLU D 171 -6.56 -12.55 -42.97
N LEU D 172 -7.02 -11.69 -43.87
CA LEU D 172 -6.15 -10.89 -44.76
C LEU D 172 -5.13 -10.10 -43.93
N TRP D 173 -5.54 -9.41 -42.83
CA TRP D 173 -4.62 -8.64 -42.00
C TRP D 173 -3.55 -9.56 -41.38
N ARG D 174 -3.97 -10.76 -40.90
CA ARG D 174 -3.06 -11.71 -40.26
C ARG D 174 -1.95 -12.11 -41.20
N LYS D 175 -2.32 -12.57 -42.42
CA LYS D 175 -1.35 -13.00 -43.42
C LYS D 175 -0.45 -11.81 -43.82
N LEU D 176 -0.96 -10.57 -43.79
CA LEU D 176 -0.16 -9.42 -44.20
C LEU D 176 0.84 -8.96 -43.06
N GLY D 177 0.52 -9.35 -41.83
CA GLY D 177 1.27 -8.98 -40.65
C GLY D 177 0.83 -7.65 -40.10
N VAL D 178 -0.41 -7.20 -40.37
CA VAL D 178 -0.91 -5.91 -39.84
C VAL D 178 -2.11 -6.09 -38.87
N TYR D 179 -2.31 -7.31 -38.31
CA TYR D 179 -3.45 -7.55 -37.42
C TYR D 179 -3.20 -6.76 -36.14
N PRO D 180 -4.14 -5.95 -35.64
CA PRO D 180 -3.81 -5.04 -34.54
C PRO D 180 -3.50 -5.64 -33.18
N ARG D 181 -2.60 -5.02 -32.46
CA ARG D 181 -2.26 -5.40 -31.10
C ARG D 181 -2.84 -4.29 -30.22
N ALA D 182 -2.41 -4.18 -28.94
CA ALA D 182 -2.98 -3.14 -28.06
C ALA D 182 -2.72 -1.74 -28.62
N VAL D 183 -3.68 -0.81 -28.42
CA VAL D 183 -3.62 0.56 -28.95
C VAL D 183 -2.31 1.27 -28.67
N ASP D 184 -1.95 1.42 -27.39
CA ASP D 184 -0.77 2.16 -27.02
C ASP D 184 0.49 1.41 -27.42
N ARG D 185 0.41 0.05 -27.45
CA ARG D 185 1.54 -0.80 -27.83
C ARG D 185 1.90 -0.50 -29.27
N GLU D 186 0.90 -0.34 -30.16
CA GLU D 186 1.17 -0.05 -31.57
C GLU D 186 1.71 1.36 -31.75
N ILE D 187 1.19 2.36 -31.03
CA ILE D 187 1.70 3.73 -31.13
C ILE D 187 3.22 3.72 -30.76
N ALA D 188 3.57 2.91 -29.74
CA ALA D 188 4.96 2.82 -29.29
C ALA D 188 5.80 2.13 -30.35
N ALA D 189 5.25 1.10 -30.99
CA ALA D 189 6.00 0.34 -31.99
C ALA D 189 6.44 1.27 -33.18
N VAL D 190 5.55 2.22 -33.56
CA VAL D 190 5.83 3.12 -34.67
C VAL D 190 6.87 4.13 -34.26
N MET D 191 6.72 4.71 -33.05
CA MET D 191 7.66 5.69 -32.52
C MET D 191 9.05 5.08 -32.40
N HIS D 192 9.11 3.80 -32.01
CA HIS D 192 10.36 3.03 -31.95
C HIS D 192 10.97 2.87 -33.38
N SER D 193 10.21 2.28 -34.32
CA SER D 193 10.74 1.94 -35.63
C SER D 193 11.15 3.17 -36.48
N THR D 194 10.65 4.35 -36.12
CA THR D 194 10.97 5.57 -36.85
C THR D 194 12.22 6.21 -36.24
N HIS D 195 12.68 5.72 -35.09
CA HIS D 195 13.83 6.25 -34.38
C HIS D 195 15.04 6.01 -35.31
N ILE D 196 16.07 6.87 -35.20
CA ILE D 196 17.27 6.72 -36.02
C ILE D 196 17.88 5.28 -35.95
N GLY D 197 18.19 4.75 -37.10
CA GLY D 197 18.83 3.45 -37.18
C GLY D 197 17.92 2.30 -36.83
N CYS D 198 16.64 2.40 -37.18
CA CYS D 198 15.73 1.27 -36.99
C CYS D 198 15.15 0.88 -38.40
N ASN D 199 13.85 1.11 -38.67
CA ASN D 199 13.32 0.71 -39.95
C ASN D 199 13.77 1.66 -41.06
N ALA D 200 14.30 1.08 -42.13
CA ALA D 200 14.73 1.81 -43.30
C ALA D 200 14.20 1.03 -44.52
N ASP D 201 12.86 0.87 -44.59
CA ASP D 201 12.17 0.10 -45.63
C ASP D 201 10.70 0.62 -45.76
N ALA D 202 10.41 1.37 -46.86
CA ALA D 202 9.10 2.00 -47.07
C ALA D 202 7.94 1.04 -46.94
N GLU D 203 8.01 -0.17 -47.51
CA GLU D 203 6.87 -1.11 -47.41
C GLU D 203 6.64 -1.59 -45.98
N ALA D 204 7.70 -1.97 -45.24
CA ALA D 204 7.55 -2.41 -43.88
C ALA D 204 7.06 -1.26 -43.03
N MET D 205 7.49 -0.02 -43.33
CA MET D 205 7.11 1.13 -42.49
C MET D 205 5.63 1.46 -42.69
N ILE D 206 5.13 1.45 -43.96
CA ILE D 206 3.74 1.76 -44.20
C ILE D 206 2.87 0.68 -43.59
N LYS D 207 3.28 -0.58 -43.69
CA LYS D 207 2.53 -1.69 -43.08
C LYS D 207 2.49 -1.49 -41.55
N MET D 208 3.58 -1.02 -40.93
CA MET D 208 3.55 -0.77 -39.51
C MET D 208 2.53 0.35 -39.19
N SER D 209 2.46 1.40 -40.04
CA SER D 209 1.51 2.50 -39.89
CA SER D 209 1.52 2.49 -39.81
C SER D 209 0.09 1.99 -40.11
N MET D 210 -0.07 1.01 -41.05
CA MET D 210 -1.39 0.48 -41.34
C MET D 210 -1.94 -0.26 -40.08
N ARG D 211 -1.06 -1.07 -39.44
CA ARG D 211 -1.40 -1.88 -38.28
C ARG D 211 -1.74 -0.99 -37.09
N CYS D 212 -1.04 0.17 -36.94
CA CYS D 212 -1.29 1.16 -35.89
C CYS D 212 -2.69 1.82 -36.07
N SER D 213 -2.99 2.25 -37.33
CA SER D 213 -4.23 2.92 -37.65
C SER D 213 -5.43 2.04 -37.33
N LEU D 214 -5.30 0.69 -37.47
CA LEU D 214 -6.41 -0.18 -37.14
C LEU D 214 -6.79 -0.15 -35.67
N THR D 215 -5.83 0.09 -34.80
CA THR D 215 -6.14 0.18 -33.38
C THR D 215 -6.96 1.47 -33.10
N ASP D 216 -7.01 2.42 -34.04
CA ASP D 216 -7.82 3.61 -33.89
C ASP D 216 -9.28 3.25 -34.36
N GLY D 217 -9.47 3.10 -35.67
CA GLY D 217 -10.76 2.84 -36.27
C GLY D 217 -11.56 1.72 -35.66
N TRP D 218 -10.92 0.58 -35.39
CA TRP D 218 -11.65 -0.61 -34.92
C TRP D 218 -11.57 -0.78 -33.40
N MET D 219 -10.82 0.07 -32.70
CA MET D 219 -10.72 -0.07 -31.26
C MET D 219 -10.92 1.25 -30.51
N GLY D 220 -9.97 2.16 -30.59
CA GLY D 220 -10.01 3.43 -29.87
C GLY D 220 -11.22 4.25 -30.26
N SER D 221 -11.46 4.43 -31.56
CA SER D 221 -12.63 5.17 -32.05
C SER D 221 -13.92 4.36 -31.80
N PHE D 222 -13.91 3.09 -32.14
CA PHE D 222 -15.07 2.21 -32.03
C PHE D 222 -15.53 2.11 -30.59
N MET D 223 -14.61 1.84 -29.66
CA MET D 223 -14.98 1.78 -28.26
C MET D 223 -15.45 3.15 -27.77
N GLY D 224 -14.83 4.25 -28.22
CA GLY D 224 -15.28 5.58 -27.84
C GLY D 224 -16.73 5.83 -28.25
N THR D 225 -17.07 5.44 -29.48
CA THR D 225 -18.42 5.63 -29.99
C THR D 225 -19.44 4.78 -29.22
N GLU D 226 -19.24 3.45 -29.13
CA GLU D 226 -20.17 2.54 -28.44
C GLU D 226 -20.34 2.83 -26.93
N PHE D 227 -19.25 3.17 -26.22
CA PHE D 227 -19.33 3.51 -24.81
C PHE D 227 -20.03 4.87 -24.63
N SER D 228 -19.83 5.81 -25.58
CA SER D 228 -20.54 7.09 -25.48
C SER D 228 -22.03 6.85 -25.65
N ASP D 229 -22.41 5.96 -26.56
CA ASP D 229 -23.81 5.64 -26.80
C ASP D 229 -24.40 4.96 -25.55
N ILE D 230 -23.64 4.08 -24.89
CA ILE D 230 -24.09 3.39 -23.66
C ILE D 230 -24.41 4.41 -22.54
N MET D 231 -23.52 5.38 -22.29
CA MET D 231 -23.73 6.35 -21.20
C MET D 231 -24.64 7.54 -21.58
N PHE D 232 -24.52 8.02 -22.82
CA PHE D 232 -25.22 9.23 -23.23
C PHE D 232 -26.44 9.04 -24.09
N GLY D 233 -26.61 7.82 -24.61
CA GLY D 233 -27.74 7.47 -25.45
C GLY D 233 -27.30 7.31 -26.89
N THR D 234 -27.90 6.34 -27.62
CA THR D 234 -27.63 6.16 -29.03
C THR D 234 -28.40 7.26 -29.82
N PRO D 235 -27.74 7.94 -30.78
CA PRO D 235 -28.46 8.92 -31.61
C PRO D 235 -29.63 8.37 -32.46
N HIS D 236 -30.63 9.20 -32.67
CA HIS D 236 -31.79 8.89 -33.52
C HIS D 236 -32.10 10.16 -34.33
N SER D 237 -32.90 10.10 -35.40
CA SER D 237 -33.13 11.32 -36.19
C SER D 237 -33.57 12.53 -35.31
N ILE D 238 -32.95 13.67 -35.51
CA ILE D 238 -33.23 14.84 -34.66
C ILE D 238 -32.97 16.09 -35.49
N ASP D 239 -33.70 17.17 -35.22
CA ASP D 239 -33.55 18.43 -35.93
C ASP D 239 -32.63 19.37 -35.15
N THR D 240 -31.94 20.27 -35.86
CA THR D 240 -31.10 21.28 -35.22
C THR D 240 -30.91 22.42 -36.20
N GLU D 241 -30.11 23.43 -35.85
CA GLU D 241 -29.80 24.55 -36.72
C GLU D 241 -28.30 24.74 -36.75
N ALA D 242 -27.80 25.18 -37.89
CA ALA D 242 -26.35 25.29 -38.07
C ALA D 242 -25.96 26.67 -38.66
N ASN D 243 -24.73 27.06 -38.31
CA ASN D 243 -24.04 28.24 -38.71
C ASN D 243 -24.13 29.36 -37.65
N LEU D 244 -23.26 30.33 -37.76
CA LEU D 244 -23.10 31.37 -36.77
C LEU D 244 -24.34 32.19 -36.44
N GLY D 245 -25.36 32.13 -37.27
CA GLY D 245 -26.63 32.79 -36.95
C GLY D 245 -27.41 32.15 -35.80
N VAL D 246 -26.93 31.01 -35.31
CA VAL D 246 -27.55 30.33 -34.16
C VAL D 246 -27.18 31.08 -32.85
N LEU D 247 -26.25 32.02 -32.87
CA LEU D 247 -25.93 32.81 -31.68
C LEU D 247 -27.07 33.80 -31.47
N GLU D 248 -27.39 34.11 -30.23
CA GLU D 248 -28.49 35.03 -29.91
C GLU D 248 -27.98 36.28 -29.18
N LYS D 249 -28.29 37.47 -29.69
CA LYS D 249 -27.81 38.71 -29.08
C LYS D 249 -28.34 38.94 -27.67
N ASN D 250 -29.63 38.57 -27.40
CA ASN D 250 -30.20 38.87 -26.08
C ASN D 250 -30.12 37.73 -25.09
N SER D 251 -29.36 36.66 -25.43
CA SER D 251 -29.16 35.51 -24.56
C SER D 251 -27.69 35.45 -24.16
N VAL D 252 -27.37 34.54 -23.23
CA VAL D 252 -26.01 34.25 -22.83
C VAL D 252 -25.54 33.19 -23.81
N ASN D 253 -24.48 33.45 -24.58
CA ASN D 253 -24.04 32.47 -25.57
C ASN D 253 -22.80 31.74 -25.07
N VAL D 254 -22.94 30.42 -24.91
CA VAL D 254 -21.88 29.58 -24.41
C VAL D 254 -21.55 28.60 -25.52
N VAL D 255 -20.32 28.68 -26.02
CA VAL D 255 -19.86 27.83 -27.12
C VAL D 255 -18.90 26.75 -26.67
N LEU D 256 -19.29 25.49 -26.87
CA LEU D 256 -18.49 24.33 -26.51
C LEU D 256 -17.67 23.94 -27.71
N HIS D 257 -16.36 23.87 -27.57
CA HIS D 257 -15.49 23.53 -28.68
C HIS D 257 -14.48 22.46 -28.18
N GLY D 258 -14.07 21.56 -29.04
CA GLY D 258 -13.16 20.48 -28.69
C GLY D 258 -13.73 19.12 -29.12
N HIS D 259 -13.54 18.08 -28.30
CA HIS D 259 -13.96 16.71 -28.75
C HIS D 259 -14.56 15.79 -27.68
N GLU D 260 -14.19 15.94 -26.40
CA GLU D 260 -14.62 14.97 -25.41
C GLU D 260 -16.07 15.18 -25.01
N PRO D 261 -16.86 14.10 -25.04
CA PRO D 261 -18.29 14.25 -24.78
C PRO D 261 -18.69 14.42 -23.35
N LEU D 262 -17.85 14.02 -22.34
CA LEU D 262 -18.36 14.09 -20.98
C LEU D 262 -18.60 15.53 -20.57
N LEU D 263 -17.63 16.41 -20.84
CA LEU D 263 -17.79 17.83 -20.48
C LEU D 263 -19.02 18.42 -21.18
N SER D 264 -19.18 18.21 -22.52
CA SER D 264 -20.29 18.84 -23.20
C SER D 264 -21.63 18.26 -22.71
N GLU D 265 -21.65 16.98 -22.35
CA GLU D 265 -22.88 16.36 -21.81
C GLU D 265 -23.26 17.03 -20.49
N MET D 266 -22.24 17.24 -19.64
CA MET D 266 -22.40 17.87 -18.33
C MET D 266 -22.81 19.35 -18.47
N VAL D 267 -22.24 20.10 -19.39
CA VAL D 267 -22.67 21.48 -19.60
C VAL D 267 -24.09 21.53 -20.14
N VAL D 268 -24.53 20.54 -20.93
CA VAL D 268 -25.91 20.50 -21.41
C VAL D 268 -26.80 20.27 -20.21
N GLU D 269 -26.42 19.34 -19.30
CA GLU D 269 -27.24 19.10 -18.13
C GLU D 269 -27.29 20.35 -17.22
N ALA D 270 -26.12 20.98 -16.98
CA ALA D 270 -25.99 22.20 -16.19
C ALA D 270 -26.81 23.33 -16.76
N ALA D 271 -26.99 23.40 -18.09
CA ALA D 271 -27.75 24.48 -18.69
C ALA D 271 -29.22 24.44 -18.34
N SER D 272 -29.73 23.33 -17.79
CA SER D 272 -31.14 23.26 -17.41
C SER D 272 -31.30 23.32 -15.89
N ASP D 273 -30.22 23.61 -15.14
CA ASP D 273 -30.31 23.77 -13.70
C ASP D 273 -31.12 25.03 -13.36
N PRO D 274 -32.17 24.91 -12.53
CA PRO D 274 -32.98 26.08 -12.19
C PRO D 274 -32.20 27.29 -11.67
N GLU D 275 -31.19 27.11 -10.84
CA GLU D 275 -30.42 28.24 -10.32
C GLU D 275 -29.68 28.94 -11.45
N LEU D 276 -29.06 28.16 -12.37
CA LEU D 276 -28.33 28.80 -13.47
C LEU D 276 -29.28 29.43 -14.46
N VAL D 277 -30.47 28.84 -14.65
CA VAL D 277 -31.48 29.43 -15.54
C VAL D 277 -31.89 30.81 -14.99
N GLU D 278 -32.17 30.90 -13.68
CA GLU D 278 -32.54 32.16 -13.04
C GLU D 278 -31.37 33.19 -13.03
N LEU D 279 -30.11 32.74 -12.82
CA LEU D 279 -28.97 33.65 -12.86
C LEU D 279 -28.80 34.26 -14.24
N ALA D 280 -29.06 33.52 -15.32
CA ALA D 280 -28.97 34.06 -16.66
C ALA D 280 -29.98 35.21 -16.80
N LYS D 281 -31.17 35.09 -16.18
CA LYS D 281 -32.19 36.14 -16.24
C LYS D 281 -31.80 37.31 -15.31
N SER D 282 -31.14 37.03 -14.19
CA SER D 282 -30.71 38.06 -13.29
C SER D 282 -29.64 38.93 -13.92
N VAL D 283 -28.79 38.36 -14.79
CA VAL D 283 -27.72 39.16 -15.43
C VAL D 283 -28.31 39.94 -16.65
N GLY D 284 -29.61 39.81 -16.90
CA GLY D 284 -30.31 40.57 -17.93
C GLY D 284 -30.53 39.90 -19.27
N ALA D 285 -30.27 38.56 -19.36
CA ALA D 285 -30.41 37.78 -20.60
C ALA D 285 -31.79 37.04 -20.69
N ASP D 286 -32.17 36.63 -21.91
CA ASP D 286 -33.42 35.89 -22.12
C ASP D 286 -33.32 34.46 -21.62
N GLY D 287 -32.09 33.95 -21.51
CA GLY D 287 -31.81 32.58 -21.13
C GLY D 287 -30.42 32.19 -21.58
N ILE D 288 -30.09 30.88 -21.47
CA ILE D 288 -28.76 30.36 -21.84
C ILE D 288 -28.91 29.68 -23.18
N ASN D 289 -28.11 30.13 -24.19
CA ASN D 289 -28.07 29.62 -25.57
C ASN D 289 -26.80 28.80 -25.76
N LEU D 290 -26.87 27.50 -25.53
CA LEU D 290 -25.73 26.60 -25.71
C LEU D 290 -25.53 26.26 -27.20
N CYS D 291 -24.28 26.41 -27.71
CA CYS D 291 -23.91 26.10 -29.09
C CYS D 291 -22.62 25.28 -29.12
N GLY D 292 -22.48 24.45 -30.14
CA GLY D 292 -21.26 23.67 -30.25
C GLY D 292 -20.51 23.95 -31.53
N MET D 293 -19.24 23.65 -31.54
CA MET D 293 -18.42 23.75 -32.73
C MET D 293 -17.62 22.47 -32.81
N CYS D 294 -17.29 22.03 -34.05
CA CYS D 294 -16.45 20.87 -34.28
C CYS D 294 -16.97 19.59 -33.59
N CYS D 295 -16.12 18.65 -33.13
CA CYS D 295 -16.63 17.36 -32.72
C CYS D 295 -17.47 17.34 -31.47
N THR D 296 -17.11 18.15 -30.46
CA THR D 296 -17.94 18.18 -29.28
C THR D 296 -19.30 18.78 -29.66
N GLY D 297 -19.32 19.70 -30.61
CA GLY D 297 -20.56 20.20 -31.17
C GLY D 297 -21.38 19.11 -31.85
N ASN D 298 -20.74 18.31 -32.68
CA ASN D 298 -21.45 17.20 -33.36
C ASN D 298 -22.06 16.24 -32.34
N GLU D 299 -21.24 15.89 -31.39
CA GLU D 299 -21.56 14.94 -30.32
C GLU D 299 -22.88 15.32 -29.60
N VAL D 300 -22.97 16.56 -29.05
CA VAL D 300 -24.20 16.98 -28.36
C VAL D 300 -25.32 17.31 -29.29
N SER D 301 -25.05 17.68 -30.54
CA SER D 301 -26.11 17.96 -31.46
C SER D 301 -26.77 16.63 -31.86
N MET D 302 -25.97 15.56 -32.12
CA MET D 302 -26.51 14.25 -32.51
C MET D 302 -27.41 13.69 -31.41
N ARG D 303 -27.09 13.94 -30.11
CA ARG D 303 -27.87 13.35 -29.03
C ARG D 303 -28.95 14.28 -28.51
N HIS D 304 -28.78 15.62 -28.61
CA HIS D 304 -29.75 16.55 -28.02
C HIS D 304 -30.24 17.64 -28.95
N GLY D 305 -29.73 17.70 -30.15
CA GLY D 305 -30.17 18.72 -31.09
C GLY D 305 -29.52 20.06 -30.79
N ILE D 306 -28.47 20.09 -29.97
CA ILE D 306 -27.79 21.36 -29.64
C ILE D 306 -27.30 22.03 -30.93
N LYS D 307 -27.63 23.31 -31.09
CA LYS D 307 -27.27 24.07 -32.29
C LYS D 307 -25.77 24.07 -32.60
N ILE D 308 -25.45 24.03 -33.88
CA ILE D 308 -24.06 23.99 -34.32
C ILE D 308 -23.63 25.37 -34.81
N ALA D 309 -22.77 26.06 -34.05
CA ALA D 309 -22.32 27.41 -34.43
C ALA D 309 -21.42 27.36 -35.66
N GLY D 310 -20.53 26.38 -35.74
CA GLY D 310 -19.64 26.29 -36.89
C GLY D 310 -18.64 25.17 -36.84
N ASN D 311 -17.82 25.09 -37.89
CA ASN D 311 -16.78 24.05 -37.95
C ASN D 311 -15.36 24.65 -37.80
N PHE D 312 -14.32 23.79 -37.95
CA PHE D 312 -12.93 24.12 -37.69
C PHE D 312 -12.49 25.58 -37.99
N MET D 313 -12.61 26.06 -39.26
CA MET D 313 -12.11 27.41 -39.56
C MET D 313 -13.07 28.57 -39.24
N GLN D 314 -14.19 28.29 -38.59
CA GLN D 314 -15.07 29.35 -38.14
C GLN D 314 -14.83 29.67 -36.66
N GLN D 315 -14.00 28.89 -35.97
CA GLN D 315 -13.87 29.00 -34.54
C GLN D 315 -13.47 30.43 -34.08
N GLU D 316 -12.54 31.09 -34.80
CA GLU D 316 -12.15 32.48 -34.42
C GLU D 316 -13.32 33.46 -34.71
N LEU D 317 -13.97 33.29 -35.89
CA LEU D 317 -15.07 34.13 -36.34
C LEU D 317 -16.23 34.15 -35.35
N ALA D 318 -16.49 33.05 -34.64
CA ALA D 318 -17.55 33.02 -33.62
C ALA D 318 -17.22 34.06 -32.52
N VAL D 319 -15.92 34.16 -32.13
CA VAL D 319 -15.49 35.15 -31.14
C VAL D 319 -15.62 36.56 -31.75
N VAL D 320 -15.33 36.71 -33.05
CA VAL D 320 -15.47 38.01 -33.71
C VAL D 320 -16.93 38.54 -33.69
N THR D 321 -17.95 37.67 -33.55
CA THR D 321 -19.32 38.21 -33.45
C THR D 321 -19.45 39.13 -32.24
N GLY D 322 -18.54 38.98 -31.27
CA GLY D 322 -18.59 39.75 -30.03
C GLY D 322 -19.72 39.31 -29.11
N ALA D 323 -20.39 38.19 -29.44
CA ALA D 323 -21.53 37.69 -28.70
C ALA D 323 -21.22 36.46 -27.83
N VAL D 324 -19.95 35.97 -27.81
CA VAL D 324 -19.63 34.75 -27.05
C VAL D 324 -19.19 35.12 -25.65
N ASP D 325 -20.02 34.79 -24.66
CA ASP D 325 -19.72 35.12 -23.27
C ASP D 325 -18.67 34.16 -22.68
N GLY D 326 -18.81 32.89 -22.98
CA GLY D 326 -17.87 31.86 -22.56
C GLY D 326 -17.61 30.88 -23.70
N LEU D 327 -16.32 30.60 -23.98
CA LEU D 327 -15.88 29.64 -25.00
C LEU D 327 -15.16 28.54 -24.22
N ILE D 328 -15.83 27.41 -24.02
CA ILE D 328 -15.33 26.31 -23.18
C ILE D 328 -14.72 25.21 -24.00
N VAL D 329 -13.43 24.96 -23.83
CA VAL D 329 -12.73 23.97 -24.66
C VAL D 329 -12.08 22.89 -23.82
N ASP D 330 -11.76 21.75 -24.49
CA ASP D 330 -11.06 20.65 -23.83
C ASP D 330 -9.76 20.32 -24.60
N VAL D 331 -9.79 19.41 -25.57
CA VAL D 331 -8.62 18.96 -26.34
C VAL D 331 -8.91 18.84 -27.83
N GLN D 332 -7.86 19.04 -28.62
CA GLN D 332 -7.83 18.79 -30.08
C GLN D 332 -8.53 19.81 -30.96
N CYS D 333 -7.80 20.33 -31.96
CA CYS D 333 -8.29 21.25 -33.00
C CYS D 333 -8.75 22.65 -32.45
N ILE D 334 -8.29 23.00 -31.25
CA ILE D 334 -8.55 24.30 -30.64
C ILE D 334 -7.34 25.19 -31.00
N MET D 335 -7.50 26.08 -31.95
CA MET D 335 -6.42 27.00 -32.37
C MET D 335 -5.88 27.83 -31.15
N PRO D 336 -4.59 27.78 -30.84
CA PRO D 336 -4.10 28.56 -29.68
C PRO D 336 -4.32 30.06 -29.82
N ALA D 337 -4.55 30.53 -31.05
CA ALA D 337 -4.81 31.94 -31.29
C ALA D 337 -6.02 32.43 -30.47
N LEU D 338 -6.97 31.52 -30.14
CA LEU D 338 -8.16 31.94 -29.42
C LEU D 338 -7.83 32.66 -28.07
N ALA D 339 -6.66 32.36 -27.46
CA ALA D 339 -6.31 33.01 -26.22
C ALA D 339 -6.05 34.50 -26.50
N LYS D 340 -5.31 34.82 -27.58
CA LYS D 340 -5.01 36.24 -27.87
C LYS D 340 -6.25 36.94 -28.41
N LEU D 341 -6.94 36.32 -29.38
CA LEU D 341 -8.15 36.88 -29.99
C LEU D 341 -9.20 37.27 -28.90
N SER D 342 -9.42 36.38 -27.91
CA SER D 342 -10.44 36.62 -26.90
C SER D 342 -10.20 37.92 -26.13
N LYS D 343 -8.92 38.35 -26.03
CA LYS D 343 -8.58 39.58 -25.31
C LYS D 343 -9.08 40.84 -26.02
N SER D 344 -9.45 40.76 -27.33
CA SER D 344 -9.96 41.92 -28.06
C SER D 344 -11.47 42.06 -27.89
N TYR D 345 -12.11 41.16 -27.10
CA TYR D 345 -13.54 41.14 -26.83
C TYR D 345 -13.68 40.89 -25.35
N HIS D 346 -14.91 40.71 -24.84
CA HIS D 346 -15.16 40.43 -23.40
C HIS D 346 -15.09 38.90 -23.11
N THR D 347 -15.12 38.07 -24.17
CA THR D 347 -15.18 36.60 -24.07
C THR D 347 -14.19 35.97 -23.10
N LYS D 348 -14.70 35.04 -22.27
CA LYS D 348 -13.85 34.26 -21.42
C LYS D 348 -13.50 32.95 -22.16
N PHE D 349 -12.21 32.77 -22.47
CA PHE D 349 -11.71 31.61 -23.16
C PHE D 349 -11.24 30.64 -22.06
N ILE D 350 -12.03 29.56 -21.82
CA ILE D 350 -11.81 28.62 -20.74
C ILE D 350 -11.26 27.25 -21.16
N THR D 351 -10.01 26.97 -20.78
CA THR D 351 -9.42 25.65 -21.03
C THR D 351 -9.79 24.87 -19.79
N THR D 352 -10.02 23.58 -19.93
CA THR D 352 -10.51 22.73 -18.84
C THR D 352 -9.69 21.41 -18.76
N SER D 353 -8.78 21.14 -19.73
CA SER D 353 -8.07 19.87 -19.75
C SER D 353 -6.57 19.93 -19.44
N PRO D 354 -6.07 19.12 -18.50
CA PRO D 354 -4.61 19.11 -18.24
C PRO D 354 -3.84 18.52 -19.43
N LYS D 355 -4.56 17.96 -20.45
CA LYS D 355 -3.86 17.48 -21.64
C LYS D 355 -3.65 18.64 -22.63
N ALA D 356 -4.30 19.80 -22.41
CA ALA D 356 -4.28 20.91 -23.36
C ALA D 356 -4.35 22.25 -22.63
N HIS D 357 -3.25 22.63 -21.98
CA HIS D 357 -3.14 23.94 -21.37
C HIS D 357 -2.86 24.92 -22.47
N ILE D 358 -3.30 26.16 -22.33
CA ILE D 358 -3.03 27.16 -23.36
C ILE D 358 -2.64 28.41 -22.63
N THR D 359 -1.44 28.92 -22.87
CA THR D 359 -1.01 30.16 -22.18
C THR D 359 -2.01 31.33 -22.35
N ASP D 360 -2.23 32.08 -21.26
CA ASP D 360 -3.13 33.26 -21.24
C ASP D 360 -4.64 32.94 -21.48
N SER D 361 -5.06 31.72 -21.23
CA SER D 361 -6.45 31.32 -21.25
C SER D 361 -6.83 31.14 -19.79
N ILE D 362 -8.12 31.08 -19.48
CA ILE D 362 -8.56 30.87 -18.09
C ILE D 362 -8.59 29.37 -17.88
N TYR D 363 -7.82 28.82 -16.96
CA TYR D 363 -7.87 27.39 -16.75
C TYR D 363 -8.83 27.07 -15.60
N MET D 364 -9.87 26.27 -15.87
CA MET D 364 -10.86 25.82 -14.91
C MET D 364 -10.95 24.35 -15.13
N GLU D 365 -10.11 23.57 -14.45
CA GLU D 365 -9.98 22.13 -14.67
C GLU D 365 -11.27 21.40 -14.49
N PHE D 366 -11.66 20.60 -15.50
CA PHE D 366 -12.89 19.82 -15.39
C PHE D 366 -12.65 18.63 -14.48
N ASP D 367 -13.36 18.54 -13.36
CA ASP D 367 -13.23 17.43 -12.45
C ASP D 367 -14.11 16.30 -12.94
N GLU D 368 -13.50 15.29 -13.57
CA GLU D 368 -14.20 14.11 -14.11
C GLU D 368 -14.81 13.20 -12.99
N GLU D 369 -14.45 13.44 -11.72
CA GLU D 369 -14.99 12.71 -10.57
C GLU D 369 -16.24 13.39 -9.95
N ASN D 370 -16.48 14.70 -10.25
CA ASN D 370 -17.70 15.49 -9.84
C ASN D 370 -18.11 16.30 -11.07
N PRO D 371 -18.47 15.54 -12.17
CA PRO D 371 -18.67 16.15 -13.48
C PRO D 371 -19.71 17.27 -13.56
N LEU D 372 -20.91 17.05 -13.02
CA LEU D 372 -21.96 18.04 -13.12
C LEU D 372 -21.67 19.28 -12.24
N ASP D 373 -21.05 19.06 -11.05
CA ASP D 373 -20.72 20.19 -10.19
C ASP D 373 -19.68 21.03 -10.89
N SER D 374 -18.68 20.37 -11.47
CA SER D 374 -17.61 21.01 -12.20
C SER D 374 -18.15 21.79 -13.39
N ALA D 375 -19.02 21.16 -14.22
CA ALA D 375 -19.62 21.84 -15.37
C ALA D 375 -20.43 23.02 -14.91
N LYS D 376 -21.17 22.89 -13.80
CA LYS D 376 -21.99 23.99 -13.27
C LYS D 376 -21.10 25.19 -12.95
N LYS D 377 -19.96 24.96 -12.31
CA LYS D 377 -19.01 26.02 -11.94
C LYS D 377 -18.49 26.76 -13.16
N ILE D 378 -18.09 26.01 -14.19
CA ILE D 378 -17.58 26.58 -15.42
C ILE D 378 -18.70 27.40 -16.12
N LEU D 379 -19.92 26.81 -16.26
CA LEU D 379 -21.02 27.45 -16.96
C LEU D 379 -21.46 28.77 -16.23
N LYS D 380 -21.38 28.79 -14.89
CA LYS D 380 -21.74 29.98 -14.14
C LYS D 380 -20.80 31.14 -14.50
N GLU D 381 -19.48 30.86 -14.68
CA GLU D 381 -18.52 31.92 -15.04
C GLU D 381 -18.90 32.53 -16.40
N ALA D 382 -19.32 31.67 -17.35
CA ALA D 382 -19.71 32.15 -18.66
C ALA D 382 -20.93 33.08 -18.55
N ILE D 383 -21.96 32.68 -17.76
CA ILE D 383 -23.23 33.42 -17.55
C ILE D 383 -22.95 34.78 -16.93
N LEU D 384 -22.20 34.80 -15.83
CA LEU D 384 -21.83 36.04 -15.17
C LEU D 384 -21.09 36.98 -16.15
N ASN D 385 -20.33 36.41 -17.11
CA ASN D 385 -19.55 37.23 -18.04
C ASN D 385 -20.45 37.98 -19.01
N PHE D 386 -21.76 37.63 -19.09
CA PHE D 386 -22.72 38.37 -19.92
C PHE D 386 -22.79 39.85 -19.45
N LYS D 387 -22.49 40.08 -18.17
CA LYS D 387 -22.49 41.43 -17.61
C LYS D 387 -21.38 42.32 -18.22
N ASN D 388 -20.41 41.70 -18.90
CA ASN D 388 -19.35 42.45 -19.55
C ASN D 388 -19.63 42.65 -21.03
N ARG D 389 -20.77 42.17 -21.54
CA ARG D 389 -21.03 42.34 -22.97
C ARG D 389 -21.25 43.76 -23.42
N ASP D 390 -20.63 44.11 -24.55
CA ASP D 390 -20.83 45.43 -25.14
C ASP D 390 -21.64 45.19 -26.39
N GLN D 391 -22.95 45.38 -26.29
CA GLN D 391 -23.86 45.11 -27.40
C GLN D 391 -23.56 45.95 -28.65
N SER D 392 -22.87 47.10 -28.48
CA SER D 392 -22.54 48.00 -29.58
C SER D 392 -21.43 47.41 -30.49
N LYS D 393 -20.72 46.38 -30.00
CA LYS D 393 -19.68 45.68 -30.75
C LYS D 393 -20.18 44.33 -31.31
N VAL D 394 -21.43 43.94 -31.01
CA VAL D 394 -21.95 42.65 -31.43
C VAL D 394 -22.42 42.70 -32.88
N MET D 395 -22.15 41.63 -33.64
CA MET D 395 -22.64 41.50 -34.99
C MET D 395 -22.78 40.02 -35.30
N ILE D 396 -24.01 39.50 -35.24
CA ILE D 396 -24.27 38.10 -35.54
C ILE D 396 -24.93 38.07 -36.88
N PRO D 397 -24.28 37.46 -37.90
CA PRO D 397 -24.95 37.36 -39.22
C PRO D 397 -26.32 36.67 -39.14
N GLU D 398 -27.34 37.21 -39.82
CA GLU D 398 -28.69 36.61 -39.79
C GLU D 398 -28.73 35.43 -40.76
N LEU D 399 -27.86 34.47 -40.54
CA LEU D 399 -27.72 33.35 -41.45
C LEU D 399 -27.54 32.06 -40.71
N LYS D 400 -28.52 31.17 -40.81
CA LYS D 400 -28.48 29.86 -40.19
C LYS D 400 -29.31 28.88 -41.06
N CYS D 401 -29.13 27.56 -40.86
CA CYS D 401 -29.81 26.57 -41.70
C CYS D 401 -30.38 25.44 -40.84
N LYS D 402 -31.53 24.91 -41.27
CA LYS D 402 -32.12 23.78 -40.57
C LYS D 402 -31.37 22.53 -41.04
N ALA D 403 -31.10 21.60 -40.13
CA ALA D 403 -30.39 20.38 -40.44
C ALA D 403 -30.99 19.19 -39.69
N ILE D 404 -30.96 18.03 -40.31
CA ILE D 404 -31.36 16.78 -39.67
C ILE D 404 -30.06 15.96 -39.51
N LEU D 405 -29.90 15.31 -38.34
CA LEU D 405 -28.76 14.46 -38.06
C LEU D 405 -29.18 13.34 -37.08
N GLY D 406 -28.23 12.69 -36.42
CA GLY D 406 -28.53 11.60 -35.51
C GLY D 406 -28.61 10.25 -36.20
N TYR D 407 -27.88 10.06 -37.33
CA TYR D 407 -27.93 8.79 -38.04
C TYR D 407 -26.88 7.78 -37.56
N SER D 408 -27.16 7.16 -36.42
CA SER D 408 -26.37 6.03 -35.94
C SER D 408 -26.69 4.77 -36.85
N VAL D 409 -25.93 3.69 -36.79
CA VAL D 409 -26.28 2.49 -37.58
C VAL D 409 -27.69 2.00 -37.16
N GLU D 410 -27.99 2.12 -35.86
CA GLU D 410 -29.28 1.72 -35.34
C GLU D 410 -30.43 2.50 -36.00
N GLU D 411 -30.27 3.81 -36.14
CA GLU D 411 -31.32 4.66 -36.71
C GLU D 411 -31.46 4.46 -38.25
N ILE D 412 -30.34 4.22 -38.97
CA ILE D 412 -30.40 3.96 -40.40
C ILE D 412 -31.24 2.68 -40.60
N ILE D 413 -30.99 1.65 -39.78
CA ILE D 413 -31.75 0.39 -39.86
C ILE D 413 -33.25 0.65 -39.53
N ASN D 414 -33.53 1.45 -38.50
CA ASN D 414 -34.92 1.76 -38.16
C ASN D 414 -35.66 2.41 -39.33
N LYS D 415 -34.98 3.27 -40.08
CA LYS D 415 -35.58 3.92 -41.22
C LYS D 415 -35.70 2.93 -42.36
N LEU D 416 -34.75 2.00 -42.54
CA LEU D 416 -34.87 1.04 -43.65
C LEU D 416 -36.10 0.13 -43.47
N ASP D 417 -36.52 -0.13 -42.23
CA ASP D 417 -37.64 -1.01 -41.93
C ASP D 417 -38.91 -0.60 -42.68
N LYS D 418 -39.01 0.69 -43.03
CA LYS D 418 -40.14 1.25 -43.77
C LYS D 418 -40.35 0.56 -45.13
N VAL D 419 -39.25 0.21 -45.82
CA VAL D 419 -39.34 -0.45 -47.12
C VAL D 419 -39.19 -1.99 -47.01
N VAL D 420 -39.43 -2.56 -45.83
CA VAL D 420 -39.35 -4.01 -45.64
C VAL D 420 -40.74 -4.59 -45.69
N ASN D 421 -40.92 -5.70 -46.40
CA ASN D 421 -42.22 -6.37 -46.44
C ASN D 421 -42.26 -7.28 -45.26
N THR D 422 -43.16 -7.01 -44.31
CA THR D 422 -43.16 -7.74 -43.04
C THR D 422 -43.07 -9.25 -43.18
N GLN D 423 -43.84 -9.83 -44.11
CA GLN D 423 -43.76 -11.27 -44.31
C GLN D 423 -42.46 -11.66 -45.05
N ILE D 424 -42.37 -11.40 -46.37
CA ILE D 424 -41.19 -11.77 -47.18
C ILE D 424 -39.84 -11.80 -46.41
N GLY D 425 -39.47 -10.71 -45.74
CA GLY D 425 -38.18 -10.63 -45.08
C GLY D 425 -38.19 -10.22 -43.61
N PRO D 426 -37.02 -10.27 -42.96
CA PRO D 426 -36.93 -9.88 -41.55
C PRO D 426 -36.73 -8.38 -41.37
N MET D 427 -37.15 -7.84 -40.23
CA MET D 427 -36.93 -6.42 -39.92
C MET D 427 -35.60 -6.25 -39.18
N GLN D 428 -35.19 -4.98 -38.95
CA GLN D 428 -33.97 -4.66 -38.18
C GLN D 428 -32.68 -5.29 -38.73
N THR D 429 -32.43 -5.08 -40.02
CA THR D 429 -31.28 -5.59 -40.74
C THR D 429 -30.89 -4.50 -41.73
N VAL D 430 -29.64 -4.53 -42.23
CA VAL D 430 -29.20 -3.57 -43.28
C VAL D 430 -29.62 -4.04 -44.70
N LYS D 431 -30.34 -5.17 -44.82
CA LYS D 431 -30.66 -5.78 -46.12
C LYS D 431 -31.25 -4.81 -47.13
N PRO D 432 -32.20 -3.92 -46.78
CA PRO D 432 -32.77 -3.02 -47.81
C PRO D 432 -31.74 -2.11 -48.45
N LEU D 433 -30.65 -1.78 -47.72
CA LEU D 433 -29.54 -1.00 -48.24
C LEU D 433 -28.73 -1.84 -49.20
N ALA D 434 -28.37 -3.06 -48.78
CA ALA D 434 -27.63 -4.00 -49.62
C ALA D 434 -28.47 -4.28 -50.91
N ASP D 435 -29.80 -4.39 -50.80
CA ASP D 435 -30.66 -4.60 -51.99
C ASP D 435 -30.54 -3.46 -53.00
N VAL D 436 -30.65 -2.20 -52.56
CA VAL D 436 -30.55 -1.09 -53.55
C VAL D 436 -29.13 -0.95 -54.16
N LEU D 437 -28.09 -1.38 -53.41
CA LEU D 437 -26.74 -1.35 -53.93
C LEU D 437 -26.54 -2.45 -54.99
N VAL D 438 -27.06 -3.62 -54.71
CA VAL D 438 -26.99 -4.70 -55.64
C VAL D 438 -27.78 -4.37 -56.89
N SER D 439 -29.02 -3.89 -56.73
CA SER D 439 -29.84 -3.62 -57.89
C SER D 439 -29.28 -2.49 -58.75
N GLY D 440 -28.52 -1.60 -58.15
CA GLY D 440 -27.98 -0.47 -58.88
C GLY D 440 -28.86 0.76 -58.79
N VAL D 441 -29.95 0.71 -58.01
CA VAL D 441 -30.75 1.94 -57.74
C VAL D 441 -29.83 2.96 -57.04
N LEU D 442 -28.91 2.46 -56.17
CA LEU D 442 -27.81 3.23 -55.62
C LEU D 442 -26.55 2.67 -56.31
N ARG D 443 -25.72 3.55 -56.88
CA ARG D 443 -24.47 3.09 -57.51
C ARG D 443 -23.52 2.61 -56.36
N GLY D 444 -23.48 3.35 -55.27
CA GLY D 444 -22.57 3.05 -54.18
C GLY D 444 -22.87 3.91 -52.96
N ALA D 445 -21.91 3.90 -51.98
CA ALA D 445 -22.00 4.68 -50.76
C ALA D 445 -20.64 5.30 -50.45
N ALA D 446 -20.59 6.58 -50.12
CA ALA D 446 -19.34 7.24 -49.82
C ALA D 446 -19.44 8.00 -48.52
N ALA D 447 -18.30 8.09 -47.84
CA ALA D 447 -18.13 8.84 -46.60
C ALA D 447 -17.33 10.15 -46.93
N VAL D 448 -17.87 11.34 -46.58
CA VAL D 448 -17.14 12.59 -46.80
C VAL D 448 -16.85 13.09 -45.40
N VAL D 449 -15.57 13.08 -45.02
CA VAL D 449 -15.12 13.38 -43.65
C VAL D 449 -14.05 14.47 -43.60
N GLY D 450 -13.59 14.79 -42.39
CA GLY D 450 -12.42 15.62 -42.26
C GLY D 450 -12.64 17.09 -42.06
N CYS D 451 -11.48 17.74 -41.85
CA CYS D 451 -11.30 19.13 -41.44
C CYS D 451 -11.47 20.13 -42.58
N ASN D 452 -11.05 21.35 -42.25
CA ASN D 452 -10.91 22.51 -43.14
C ASN D 452 -9.41 22.80 -43.15
N ASN D 453 -8.93 23.39 -44.23
CA ASN D 453 -7.52 23.67 -44.40
C ASN D 453 -7.43 24.89 -45.24
N PRO D 454 -6.70 25.92 -44.80
CA PRO D 454 -6.60 27.13 -45.60
C PRO D 454 -6.01 26.94 -47.02
N LYS D 455 -5.48 25.77 -47.38
CA LYS D 455 -5.05 25.53 -48.76
C LYS D 455 -6.25 25.38 -49.70
N VAL D 456 -7.47 25.26 -49.16
CA VAL D 456 -8.71 25.07 -49.94
C VAL D 456 -9.73 26.15 -49.50
N VAL D 457 -10.50 26.72 -50.45
CA VAL D 457 -11.54 27.73 -50.18
C VAL D 457 -12.49 27.05 -49.24
N GLN D 458 -12.56 27.54 -48.01
CA GLN D 458 -13.28 26.90 -46.93
C GLN D 458 -14.68 26.41 -47.29
N ASP D 459 -14.91 25.09 -47.06
CA ASP D 459 -16.14 24.33 -47.29
C ASP D 459 -16.46 24.07 -48.77
N SER D 460 -15.74 24.72 -49.71
CA SER D 460 -15.97 24.55 -51.14
C SER D 460 -15.83 23.10 -51.59
N ALA D 461 -14.71 22.43 -51.24
CA ALA D 461 -14.46 21.07 -51.69
C ALA D 461 -15.42 20.05 -51.05
N HIS D 462 -15.83 20.31 -49.80
CA HIS D 462 -16.82 19.47 -49.14
C HIS D 462 -18.16 19.51 -49.92
N ILE D 463 -18.67 20.72 -50.20
CA ILE D 463 -19.98 20.85 -50.89
C ILE D 463 -19.92 20.33 -52.35
N GLU D 464 -18.87 20.66 -53.08
CA GLU D 464 -18.78 20.22 -54.47
C GLU D 464 -18.65 18.67 -54.54
N THR D 465 -17.97 18.05 -53.57
CA THR D 465 -17.83 16.61 -53.55
C THR D 465 -19.15 15.95 -53.18
N ILE D 466 -19.80 16.39 -52.08
CA ILE D 466 -21.07 15.74 -51.68
C ILE D 466 -22.13 15.85 -52.82
N LYS D 467 -22.27 17.04 -53.41
CA LYS D 467 -23.27 17.25 -54.45
C LYS D 467 -23.01 16.38 -55.67
N GLY D 468 -21.76 16.32 -56.07
CA GLY D 468 -21.37 15.52 -57.21
C GLY D 468 -21.63 14.05 -56.97
N LEU D 469 -21.39 13.61 -55.72
CA LEU D 469 -21.63 12.21 -55.38
C LEU D 469 -23.12 11.81 -55.35
N ILE D 470 -23.99 12.60 -54.68
CA ILE D 470 -25.43 12.33 -54.66
C ILE D 470 -26.04 12.51 -56.03
N LYS D 471 -25.47 13.39 -56.87
CA LYS D 471 -25.98 13.55 -58.23
C LYS D 471 -25.85 12.27 -59.06
N ASN D 472 -24.79 11.53 -58.81
CA ASN D 472 -24.52 10.28 -59.50
C ASN D 472 -24.98 9.07 -58.70
N ASP D 473 -26.01 9.23 -57.86
CA ASP D 473 -26.69 8.13 -57.12
C ASP D 473 -25.78 7.38 -56.12
N VAL D 474 -24.83 8.09 -55.52
CA VAL D 474 -24.00 7.57 -54.47
C VAL D 474 -24.55 8.21 -53.17
N ILE D 475 -25.14 7.40 -52.27
CA ILE D 475 -25.60 7.92 -51.02
C ILE D 475 -24.36 8.33 -50.16
N VAL D 476 -24.47 9.44 -49.46
CA VAL D 476 -23.33 9.98 -48.72
C VAL D 476 -23.63 10.07 -47.20
N VAL D 477 -22.65 9.66 -46.43
CA VAL D 477 -22.65 9.70 -44.99
C VAL D 477 -21.49 10.64 -44.64
N VAL D 478 -21.73 11.57 -43.72
CA VAL D 478 -20.71 12.54 -43.34
C VAL D 478 -20.47 12.49 -41.83
N THR D 479 -19.29 12.91 -41.42
CA THR D 479 -18.96 13.14 -40.01
C THR D 479 -18.09 14.41 -39.96
N GLY D 480 -17.80 14.87 -38.75
CA GLY D 480 -16.84 15.93 -38.50
C GLY D 480 -17.16 17.26 -39.13
N CYS D 481 -16.12 17.98 -39.48
CA CYS D 481 -16.28 19.30 -40.06
C CYS D 481 -16.87 19.28 -41.46
N ALA D 482 -16.78 18.15 -42.17
CA ALA D 482 -17.44 17.97 -43.46
C ALA D 482 -18.95 17.95 -43.22
N ALA D 483 -19.40 17.19 -42.18
CA ALA D 483 -20.82 17.09 -41.82
C ALA D 483 -21.42 18.47 -41.46
N GLN D 484 -20.66 19.31 -40.72
CA GLN D 484 -21.13 20.64 -40.39
C GLN D 484 -21.11 21.54 -41.64
N ALA D 485 -20.18 21.34 -42.62
CA ALA D 485 -20.20 22.14 -43.84
C ALA D 485 -21.53 21.83 -44.61
N ALA D 486 -21.92 20.55 -44.63
CA ALA D 486 -23.18 20.11 -45.26
C ALA D 486 -24.36 20.69 -44.48
N ALA D 487 -24.30 20.70 -43.12
CA ALA D 487 -25.37 21.24 -42.28
C ALA D 487 -25.62 22.72 -42.61
N LYS D 488 -24.53 23.53 -42.58
CA LYS D 488 -24.60 24.97 -42.82
C LYS D 488 -25.20 25.28 -44.20
N TYR D 489 -24.85 24.48 -45.19
CA TYR D 489 -25.22 24.69 -46.57
C TYR D 489 -26.64 24.27 -46.87
N GLY D 490 -27.17 23.28 -46.17
CA GLY D 490 -28.55 22.85 -46.38
C GLY D 490 -28.69 21.48 -47.00
N LEU D 491 -27.62 20.69 -47.05
CA LEU D 491 -27.70 19.36 -47.66
C LEU D 491 -28.32 18.33 -46.73
N LEU D 492 -28.35 18.59 -45.41
CA LEU D 492 -28.92 17.70 -44.39
C LEU D 492 -30.40 18.01 -44.20
N GLN D 493 -31.16 17.91 -45.31
CA GLN D 493 -32.59 18.20 -45.30
C GLN D 493 -33.25 17.18 -46.22
N LYS D 494 -34.50 16.81 -45.93
CA LYS D 494 -35.20 15.87 -46.80
C LYS D 494 -35.40 16.49 -48.17
N GLU D 495 -35.57 17.81 -48.22
CA GLU D 495 -35.79 18.57 -49.45
C GLU D 495 -34.58 18.52 -50.40
N ALA D 496 -33.38 18.20 -49.90
CA ALA D 496 -32.20 18.17 -50.75
C ALA D 496 -32.21 16.98 -51.71
N ALA D 497 -33.04 15.96 -51.45
CA ALA D 497 -33.10 14.80 -52.31
C ALA D 497 -33.57 15.21 -53.73
N GLU D 498 -34.74 15.86 -53.83
CA GLU D 498 -35.26 16.23 -55.14
C GLU D 498 -34.41 17.34 -55.77
N LYS D 499 -33.76 18.18 -54.92
CA LYS D 499 -32.93 19.27 -55.42
C LYS D 499 -31.66 18.77 -56.05
N TYR D 500 -30.92 17.87 -55.36
CA TYR D 500 -29.57 17.50 -55.81
C TYR D 500 -29.29 16.03 -56.17
N ALA D 501 -30.08 15.07 -55.68
CA ALA D 501 -29.74 13.68 -55.85
C ALA D 501 -30.14 13.11 -57.23
N GLY D 502 -29.45 12.04 -57.63
CA GLY D 502 -29.74 11.33 -58.87
C GLY D 502 -31.07 10.60 -58.85
N PRO D 503 -31.49 9.92 -59.95
CA PRO D 503 -32.84 9.31 -59.96
C PRO D 503 -33.05 8.27 -58.86
N GLY D 504 -32.13 7.34 -58.74
CA GLY D 504 -32.20 6.27 -57.76
C GLY D 504 -32.15 6.73 -56.32
N LEU D 505 -31.22 7.63 -55.99
CA LEU D 505 -31.07 8.13 -54.64
C LEU D 505 -32.28 9.04 -54.27
N ALA D 506 -32.80 9.82 -55.24
CA ALA D 506 -34.00 10.63 -54.93
C ALA D 506 -35.20 9.68 -54.59
N THR D 507 -35.34 8.60 -55.34
CA THR D 507 -36.42 7.65 -55.09
C THR D 507 -36.24 6.97 -53.73
N VAL D 508 -35.03 6.45 -53.46
CA VAL D 508 -34.72 5.80 -52.18
C VAL D 508 -34.99 6.77 -51.04
N CYS D 509 -34.68 8.08 -51.22
CA CYS D 509 -34.93 9.08 -50.17
C CYS D 509 -36.41 9.27 -49.94
N LYS D 510 -37.21 9.25 -51.00
CA LYS D 510 -38.64 9.46 -50.84
C LYS D 510 -39.23 8.26 -50.07
N LEU D 511 -38.85 7.06 -50.48
CA LEU D 511 -39.35 5.84 -49.85
C LEU D 511 -38.91 5.63 -48.39
N VAL D 512 -37.67 5.85 -48.11
CA VAL D 512 -37.11 5.66 -46.75
C VAL D 512 -37.29 6.93 -45.88
N ASP D 513 -37.65 8.09 -46.48
CA ASP D 513 -37.85 9.33 -45.75
C ASP D 513 -36.57 9.77 -44.95
N ILE D 514 -35.52 10.09 -45.71
CA ILE D 514 -34.25 10.56 -45.16
C ILE D 514 -33.69 11.62 -46.10
N PRO D 515 -32.68 12.40 -45.65
CA PRO D 515 -31.97 13.26 -46.61
C PRO D 515 -31.02 12.41 -47.49
N PRO D 516 -30.48 12.97 -48.59
CA PRO D 516 -29.53 12.18 -49.42
C PRO D 516 -28.14 12.11 -48.72
N VAL D 517 -27.96 13.00 -47.71
CA VAL D 517 -26.74 13.09 -46.92
C VAL D 517 -27.10 12.81 -45.48
N LEU D 518 -26.46 11.78 -44.89
CA LEU D 518 -26.72 11.36 -43.53
C LEU D 518 -25.61 11.69 -42.53
N HIS D 519 -25.85 12.62 -41.60
CA HIS D 519 -24.86 12.96 -40.58
C HIS D 519 -24.75 11.81 -39.56
N MET D 520 -23.59 11.13 -39.54
CA MET D 520 -23.38 10.00 -38.65
C MET D 520 -22.52 10.34 -37.41
N GLY D 521 -22.24 11.63 -37.21
CA GLY D 521 -21.58 12.08 -35.98
C GLY D 521 -20.21 12.73 -36.09
N SER D 522 -19.44 12.57 -35.01
CA SER D 522 -18.09 13.10 -34.89
C SER D 522 -17.06 12.25 -35.63
N CYS D 523 -15.79 12.64 -35.55
CA CYS D 523 -14.71 11.89 -36.17
C CYS D 523 -14.51 10.47 -35.61
N VAL D 524 -14.62 10.26 -34.26
CA VAL D 524 -14.58 8.88 -33.73
C VAL D 524 -15.81 8.10 -34.30
N ASP D 525 -16.92 8.80 -34.60
CA ASP D 525 -18.10 8.14 -35.15
C ASP D 525 -17.87 7.66 -36.59
N ILE D 526 -16.63 7.85 -37.16
CA ILE D 526 -16.35 7.24 -38.45
C ILE D 526 -16.38 5.68 -38.25
N SER D 527 -16.20 5.26 -36.97
CA SER D 527 -16.33 3.89 -36.55
C SER D 527 -17.74 3.35 -36.90
N ARG D 528 -18.78 4.19 -36.90
CA ARG D 528 -20.16 3.79 -37.29
C ARG D 528 -20.20 3.46 -38.80
N ILE D 529 -19.43 4.19 -39.61
CA ILE D 529 -19.34 3.93 -41.03
C ILE D 529 -18.66 2.56 -41.26
N LEU D 530 -17.54 2.26 -40.57
CA LEU D 530 -16.85 0.95 -40.70
C LEU D 530 -17.85 -0.17 -40.30
N ASP D 531 -18.58 0.06 -39.22
CA ASP D 531 -19.56 -0.88 -38.71
C ASP D 531 -20.69 -1.09 -39.81
N LEU D 532 -21.24 0.00 -40.41
CA LEU D 532 -22.31 -0.13 -41.42
C LEU D 532 -21.79 -0.91 -42.65
N VAL D 533 -20.61 -0.50 -43.17
CA VAL D 533 -20.00 -1.11 -44.35
C VAL D 533 -19.67 -2.57 -44.08
N GLY D 534 -19.23 -2.88 -42.87
CA GLY D 534 -18.94 -4.26 -42.51
C GLY D 534 -20.19 -5.10 -42.46
N ARG D 535 -21.28 -4.57 -41.89
CA ARG D 535 -22.55 -5.33 -41.84
C ARG D 535 -23.05 -5.66 -43.24
N VAL D 536 -22.92 -4.71 -44.19
CA VAL D 536 -23.39 -4.95 -45.57
C VAL D 536 -22.48 -6.01 -46.25
N ALA D 537 -21.14 -5.89 -46.03
CA ALA D 537 -20.18 -6.86 -46.56
C ALA D 537 -20.57 -8.28 -46.08
N ASN D 538 -20.79 -8.45 -44.77
CA ASN D 538 -21.16 -9.75 -44.20
C ASN D 538 -22.48 -10.26 -44.79
N LEU D 539 -23.50 -9.40 -44.92
CA LEU D 539 -24.78 -9.85 -45.44
C LEU D 539 -24.62 -10.36 -46.90
N LEU D 540 -23.69 -9.75 -47.67
CA LEU D 540 -23.48 -10.18 -49.05
C LEU D 540 -22.43 -11.29 -49.20
N GLY D 541 -21.85 -11.67 -48.06
CA GLY D 541 -20.82 -12.68 -48.02
C GLY D 541 -19.58 -12.24 -48.76
N VAL D 542 -19.19 -10.97 -48.61
CA VAL D 542 -17.98 -10.47 -49.30
C VAL D 542 -17.09 -9.71 -48.31
N ASP D 543 -15.96 -9.21 -48.78
CA ASP D 543 -15.08 -8.42 -47.95
C ASP D 543 -15.43 -6.98 -48.26
N MET D 544 -15.04 -6.08 -47.38
CA MET D 544 -15.36 -4.67 -47.55
C MET D 544 -14.75 -4.09 -48.84
N SER D 545 -13.58 -4.63 -49.28
CA SER D 545 -12.94 -4.18 -50.51
C SER D 545 -13.70 -4.61 -51.79
N ASP D 546 -14.66 -5.52 -51.65
CA ASP D 546 -15.46 -5.97 -52.80
C ASP D 546 -16.63 -5.04 -53.09
N LEU D 547 -17.06 -4.21 -52.11
CA LEU D 547 -18.20 -3.32 -52.26
C LEU D 547 -17.92 -2.00 -52.99
N PRO D 548 -18.96 -1.40 -53.61
CA PRO D 548 -18.80 -0.07 -54.22
C PRO D 548 -18.93 1.02 -53.16
N VAL D 549 -17.86 1.20 -52.38
CA VAL D 549 -17.83 2.19 -51.32
C VAL D 549 -16.55 3.02 -51.44
N ALA D 550 -16.55 4.19 -50.83
CA ALA D 550 -15.36 5.05 -50.85
C ALA D 550 -15.38 6.02 -49.68
N GLY D 551 -14.21 6.55 -49.38
CA GLY D 551 -14.00 7.58 -48.37
C GLY D 551 -13.39 8.80 -49.05
N VAL D 552 -13.77 10.02 -48.59
CA VAL D 552 -13.18 11.25 -49.14
C VAL D 552 -12.87 12.22 -48.00
N ALA D 553 -11.68 12.79 -47.95
CA ALA D 553 -11.32 13.80 -46.99
C ALA D 553 -10.94 15.03 -47.85
N PRO D 554 -11.96 15.85 -48.24
CA PRO D 554 -11.71 16.95 -49.20
C PRO D 554 -10.88 18.15 -48.71
N GLU D 555 -10.84 18.44 -47.42
CA GLU D 555 -10.08 19.60 -46.93
C GLU D 555 -9.36 19.27 -45.65
N TRP D 556 -8.85 18.04 -45.51
CA TRP D 556 -8.23 17.61 -44.27
C TRP D 556 -7.00 18.44 -43.83
N MET D 557 -6.71 18.44 -42.53
CA MET D 557 -5.56 19.14 -41.95
C MET D 557 -4.83 18.25 -40.90
N SER D 558 -5.55 17.63 -39.95
CA SER D 558 -4.94 17.01 -38.75
C SER D 558 -4.21 15.66 -38.95
N GLU D 559 -3.32 15.29 -38.01
CA GLU D 559 -2.70 13.97 -38.02
C GLU D 559 -3.78 12.88 -37.77
N LYS D 560 -4.91 13.24 -37.09
CA LYS D 560 -6.09 12.33 -36.93
C LYS D 560 -6.63 11.94 -38.30
N ALA D 561 -6.72 12.90 -39.24
CA ALA D 561 -7.23 12.61 -40.58
C ALA D 561 -6.30 11.64 -41.33
N VAL D 562 -4.96 11.68 -41.06
CA VAL D 562 -4.05 10.75 -41.74
C VAL D 562 -4.31 9.33 -41.16
N ALA D 563 -4.47 9.24 -39.83
CA ALA D 563 -4.81 7.97 -39.19
C ALA D 563 -6.16 7.43 -39.70
N ILE D 564 -7.14 8.32 -39.90
CA ILE D 564 -8.44 7.90 -40.41
C ILE D 564 -8.28 7.34 -41.83
N GLY D 565 -7.67 8.09 -42.73
CA GLY D 565 -7.49 7.62 -44.09
C GLY D 565 -6.77 6.28 -44.15
N THR D 566 -5.71 6.13 -43.33
CA THR D 566 -4.94 4.91 -43.31
C THR D 566 -5.83 3.73 -42.88
N TYR D 567 -6.59 3.84 -41.76
CA TYR D 567 -7.41 2.69 -41.34
C TYR D 567 -8.62 2.44 -42.33
N VAL D 568 -9.11 3.48 -42.99
CA VAL D 568 -10.22 3.28 -43.97
C VAL D 568 -9.71 2.48 -45.17
N VAL D 569 -8.51 2.80 -45.66
CA VAL D 569 -7.87 2.08 -46.77
C VAL D 569 -7.46 0.66 -46.32
N THR D 570 -6.83 0.52 -45.17
CA THR D 570 -6.43 -0.81 -44.66
C THR D 570 -7.66 -1.70 -44.43
N SER D 571 -8.84 -1.11 -44.19
CA SER D 571 -10.06 -1.82 -43.93
C SER D 571 -10.76 -2.24 -45.27
N GLY D 572 -10.19 -1.83 -46.42
CA GLY D 572 -10.68 -2.17 -47.75
C GLY D 572 -11.50 -1.09 -48.44
N ILE D 573 -11.46 0.15 -47.96
CA ILE D 573 -12.28 1.22 -48.57
C ILE D 573 -11.36 2.23 -49.26
N ASP D 574 -11.50 2.43 -50.59
CA ASP D 574 -10.68 3.38 -51.34
C ASP D 574 -10.87 4.74 -50.73
N THR D 575 -9.80 5.53 -50.62
CA THR D 575 -9.90 6.83 -49.99
C THR D 575 -9.27 7.92 -50.83
N TRP D 576 -10.05 9.01 -51.06
CA TRP D 576 -9.60 10.19 -51.79
C TRP D 576 -9.12 11.25 -50.81
N LEU D 577 -8.00 11.89 -51.11
CA LEU D 577 -7.49 12.99 -50.29
C LEU D 577 -7.50 14.26 -51.13
N GLY D 578 -8.21 15.28 -50.64
CA GLY D 578 -8.38 16.56 -51.29
C GLY D 578 -7.23 17.51 -51.03
N VAL D 579 -6.41 17.21 -49.99
CA VAL D 579 -5.18 17.90 -49.62
C VAL D 579 -4.10 16.83 -49.73
N ALA D 580 -3.02 17.15 -50.43
CA ALA D 580 -1.98 16.18 -50.65
C ALA D 580 -1.22 15.96 -49.35
N PRO D 581 -1.01 14.71 -48.90
CA PRO D 581 -0.17 14.51 -47.73
C PRO D 581 1.27 14.80 -48.13
N PRO D 582 2.19 14.98 -47.17
CA PRO D 582 3.60 15.21 -47.54
C PRO D 582 4.34 13.92 -47.97
N VAL D 583 4.10 13.47 -49.21
CA VAL D 583 4.72 12.24 -49.72
C VAL D 583 5.32 12.32 -51.13
N THR D 584 5.14 13.42 -51.87
CA THR D 584 5.63 13.48 -53.25
C THR D 584 7.15 13.24 -53.42
N GLY D 585 7.97 13.52 -52.40
CA GLY D 585 9.41 13.33 -52.50
C GLY D 585 9.92 11.89 -52.38
N GLY D 586 9.01 10.98 -52.06
CA GLY D 586 9.32 9.56 -51.88
C GLY D 586 8.54 8.75 -52.90
N PRO D 587 9.17 8.50 -54.08
CA PRO D 587 8.47 7.79 -55.16
C PRO D 587 7.98 6.41 -54.78
N GLU D 588 8.72 5.69 -53.94
CA GLU D 588 8.31 4.35 -53.51
C GLU D 588 7.08 4.41 -52.60
N VAL D 589 7.06 5.42 -51.70
CA VAL D 589 5.88 5.69 -50.84
C VAL D 589 4.64 6.06 -51.70
N VAL D 590 4.77 7.03 -52.63
CA VAL D 590 3.64 7.35 -53.52
C VAL D 590 3.12 6.05 -54.25
N ASP D 591 4.05 5.21 -54.70
CA ASP D 591 3.62 4.00 -55.40
C ASP D 591 2.93 3.05 -54.42
N ILE D 592 3.45 2.97 -53.18
CA ILE D 592 2.83 2.10 -52.18
C ILE D 592 1.38 2.56 -51.89
N LEU D 593 1.21 3.83 -51.55
CA LEU D 593 -0.08 4.41 -51.18
C LEU D 593 -1.12 4.47 -52.30
N THR D 594 -0.70 4.89 -53.49
CA THR D 594 -1.63 5.06 -54.58
C THR D 594 -1.65 3.90 -55.58
N ASN D 595 -0.96 2.78 -55.28
CA ASN D 595 -0.94 1.69 -56.24
C ASN D 595 -0.77 0.29 -55.60
N LYS D 596 0.43 -0.03 -55.07
CA LYS D 596 0.72 -1.36 -54.48
C LYS D 596 -0.24 -1.72 -53.32
N MET D 597 -0.73 -0.73 -52.62
CA MET D 597 -1.69 -0.90 -51.53
C MET D 597 -2.87 -1.82 -51.91
N GLU D 598 -3.41 -1.62 -53.11
CA GLU D 598 -4.54 -2.38 -53.65
C GLU D 598 -4.22 -3.90 -53.64
N ASP D 599 -2.95 -4.26 -53.91
CA ASP D 599 -2.53 -5.65 -53.86
C ASP D 599 -2.46 -6.17 -52.42
N TRP D 600 -2.25 -5.28 -51.45
CA TRP D 600 -2.21 -5.66 -50.05
C TRP D 600 -3.60 -5.79 -49.41
N VAL D 601 -4.48 -4.79 -49.60
CA VAL D 601 -5.73 -4.68 -48.88
C VAL D 601 -6.98 -4.41 -49.72
N GLY D 602 -6.83 -4.49 -51.05
CA GLY D 602 -7.95 -4.34 -51.97
C GLY D 602 -8.46 -2.94 -52.17
N ALA D 603 -7.76 -1.95 -51.63
CA ALA D 603 -8.13 -0.53 -51.71
C ALA D 603 -6.84 0.29 -51.74
N LYS D 604 -6.91 1.56 -52.08
CA LYS D 604 -5.72 2.39 -52.09
C LYS D 604 -6.10 3.85 -51.91
N PHE D 605 -5.08 4.75 -51.83
CA PHE D 605 -5.30 6.19 -51.75
C PHE D 605 -5.37 6.79 -53.15
N PHE D 606 -6.10 7.89 -53.25
CA PHE D 606 -6.22 8.69 -54.45
C PHE D 606 -6.03 10.11 -53.96
N ILE D 607 -5.14 10.87 -54.59
CA ILE D 607 -4.90 12.25 -54.19
C ILE D 607 -5.42 13.12 -55.30
N GLU D 608 -6.46 13.91 -55.02
CA GLU D 608 -7.10 14.71 -56.07
C GLU D 608 -7.63 15.98 -55.47
N THR D 609 -7.01 17.12 -55.82
CA THR D 609 -7.42 18.42 -55.27
C THR D 609 -8.53 19.10 -56.08
N ASP D 610 -9.00 18.50 -57.16
CA ASP D 610 -10.11 19.07 -57.89
C ASP D 610 -11.35 18.24 -57.50
N PRO D 611 -12.33 18.79 -56.76
CA PRO D 611 -13.46 17.96 -56.34
C PRO D 611 -14.26 17.37 -57.49
N HIS D 612 -14.37 18.09 -58.63
CA HIS D 612 -15.12 17.56 -59.78
C HIS D 612 -14.39 16.32 -60.35
N LYS D 613 -13.07 16.31 -60.32
CA LYS D 613 -12.33 15.16 -60.82
C LYS D 613 -12.41 13.99 -59.84
N ALA D 614 -12.41 14.28 -58.54
CA ALA D 614 -12.56 13.25 -57.50
C ALA D 614 -13.90 12.52 -57.66
N VAL D 615 -14.98 13.25 -57.95
CA VAL D 615 -16.29 12.61 -58.12
C VAL D 615 -16.27 11.73 -59.35
N GLU D 616 -15.69 12.20 -60.46
CA GLU D 616 -15.58 11.34 -61.65
C GLU D 616 -14.83 10.05 -61.31
N GLN D 617 -13.68 10.17 -60.57
CA GLN D 617 -12.84 9.05 -60.22
C GLN D 617 -13.57 8.06 -59.31
N ILE D 618 -14.28 8.54 -58.27
CA ILE D 618 -15.02 7.63 -57.39
C ILE D 618 -16.15 6.89 -58.17
N VAL D 619 -16.88 7.59 -59.02
CA VAL D 619 -17.93 6.96 -59.81
C VAL D 619 -17.32 5.88 -60.72
N ASN D 620 -16.23 6.16 -61.43
CA ASN D 620 -15.60 5.15 -62.30
C ASN D 620 -15.11 3.98 -61.46
N ARG D 621 -14.44 4.30 -60.32
CA ARG D 621 -13.90 3.26 -59.44
C ARG D 621 -15.00 2.35 -58.90
N MET D 622 -16.14 2.92 -58.44
CA MET D 622 -17.29 2.14 -57.98
C MET D 622 -17.86 1.28 -59.15
N ASN D 623 -17.88 1.83 -60.37
CA ASN D 623 -18.38 1.07 -61.51
C ASN D 623 -17.46 -0.12 -61.78
N GLU D 624 -16.13 0.03 -61.58
CA GLU D 624 -15.20 -1.09 -61.83
C GLU D 624 -15.45 -2.17 -60.79
N LYS D 625 -15.52 -1.79 -59.51
CA LYS D 625 -15.78 -2.73 -58.44
C LYS D 625 -17.12 -3.45 -58.62
N ARG D 626 -18.17 -2.73 -59.09
CA ARG D 626 -19.50 -3.30 -59.30
C ARG D 626 -19.38 -4.41 -60.37
N LYS D 627 -18.67 -4.09 -61.44
CA LYS D 627 -18.49 -5.02 -62.54
C LYS D 627 -17.72 -6.26 -62.06
N LYS D 628 -16.71 -6.05 -61.21
CA LYS D 628 -15.92 -7.16 -60.71
C LYS D 628 -16.78 -8.04 -59.80
N LEU D 629 -17.64 -7.44 -58.97
CA LEU D 629 -18.53 -8.18 -58.08
C LEU D 629 -19.76 -8.76 -58.84
N GLY D 630 -19.99 -8.32 -60.07
CA GLY D 630 -21.09 -8.81 -60.91
C GLY D 630 -22.44 -8.19 -60.64
N ILE D 631 -22.48 -6.90 -60.18
CA ILE D 631 -23.76 -6.22 -59.87
C ILE D 631 -23.97 -4.95 -60.69
#